data_7M5C
#
_entry.id   7M5C
#
_cell.length_a   89.385
_cell.length_b   132.215
_cell.length_c   89.379
_cell.angle_alpha   90.000
_cell.angle_beta   119.200
_cell.angle_gamma   90.000
#
_symmetry.space_group_name_H-M   'P 1 21 1'
#
loop_
_entity.id
_entity.type
_entity.pdbx_description
1 polymer 'Bcl-2 homologous antagonist/killer'
2 polymer 'Bcl-2 homologous antagonist/killer'
3 non-polymer 'COPPER (II) ION'
4 non-polymer 'SULFATE ION'
#
loop_
_entity_poly.entity_id
_entity_poly.type
_entity_poly.pdbx_seq_one_letter_code
_entity_poly.pdbx_strand_id
1 'polypeptide(L)'
;SASEEQVAQDTEEVFRSYVFYRHQQEQEAEGVAAPADPEMVTLPLQPSSTMGQVGRQLAIIGDDINRRYDSEFQTMLQHL
QPTAENAYEYFTKIATSLFESGINWGRVVALLGFGYRLALHVYQHGLTGFLGQVTRFVVDFMLHHSIARWIAQRGGWVAA
LNLCNG
;
A,C,E,G,I,K,M,O,Q,S
2 'polypeptide(L)' SSTMGQVGRQLAIIGDDINRRYGGC B,D,F,H,J,L,N,P,R,T
#
# COMPACT_ATOMS: atom_id res chain seq x y z
N SER A 3 -17.09 -11.74 9.97
CA SER A 3 -16.04 -11.30 9.06
C SER A 3 -16.35 -9.92 8.48
N GLU A 4 -16.76 -9.00 9.36
CA GLU A 4 -16.82 -7.59 8.99
C GLU A 4 -15.42 -7.03 8.77
N GLU A 5 -14.50 -7.34 9.68
CA GLU A 5 -13.13 -6.86 9.55
C GLU A 5 -12.46 -7.46 8.31
N GLN A 6 -12.83 -8.68 7.94
CA GLN A 6 -12.31 -9.29 6.72
C GLN A 6 -12.75 -8.50 5.50
N VAL A 7 -14.04 -8.16 5.44
CA VAL A 7 -14.54 -7.34 4.34
C VAL A 7 -13.84 -5.98 4.32
N ALA A 8 -13.60 -5.40 5.50
CA ALA A 8 -12.96 -4.09 5.57
C ALA A 8 -11.54 -4.15 5.03
N GLN A 9 -10.81 -5.22 5.34
CA GLN A 9 -9.46 -5.38 4.80
C GLN A 9 -9.50 -5.65 3.29
N ASP A 10 -10.44 -6.48 2.83
CA ASP A 10 -10.59 -6.75 1.41
C ASP A 10 -10.86 -5.48 0.62
N THR A 11 -11.55 -4.52 1.24
CA THR A 11 -11.93 -3.28 0.55
C THR A 11 -10.71 -2.57 -0.03
N GLU A 12 -9.57 -2.59 0.67
CA GLU A 12 -8.37 -1.94 0.14
C GLU A 12 -8.01 -2.49 -1.23
N GLU A 13 -7.90 -3.80 -1.36
CA GLU A 13 -7.52 -4.39 -2.64
C GLU A 13 -8.59 -4.17 -3.68
N VAL A 14 -9.87 -4.24 -3.27
CA VAL A 14 -10.96 -3.98 -4.21
C VAL A 14 -10.83 -2.58 -4.80
N PHE A 15 -10.63 -1.58 -3.94
CA PHE A 15 -10.55 -0.19 -4.41
C PHE A 15 -9.31 0.03 -5.25
N ARG A 16 -8.17 -0.57 -4.88
CA ARG A 16 -6.95 -0.39 -5.68
C ARG A 16 -7.14 -0.95 -7.08
N SER A 17 -7.70 -2.16 -7.19
CA SER A 17 -7.94 -2.75 -8.51
C SER A 17 -8.95 -1.93 -9.30
N TYR A 18 -10.02 -1.48 -8.65
CA TYR A 18 -10.99 -0.59 -9.29
C TYR A 18 -10.31 0.63 -9.89
N VAL A 19 -9.47 1.29 -9.09
CA VAL A 19 -8.78 2.49 -9.56
C VAL A 19 -7.92 2.18 -10.77
N PHE A 20 -7.15 1.08 -10.68
CA PHE A 20 -6.27 0.71 -11.79
C PHE A 20 -7.06 0.53 -13.08
N TYR A 21 -8.12 -0.29 -13.03
CA TYR A 21 -8.81 -0.64 -14.27
C TYR A 21 -9.63 0.54 -14.81
N ARG A 22 -10.24 1.34 -13.92
CA ARG A 22 -10.95 2.52 -14.39
C ARG A 22 -10.01 3.49 -15.09
N HIS A 23 -8.82 3.71 -14.51
CA HIS A 23 -7.87 4.60 -15.17
C HIS A 23 -7.38 4.01 -16.48
N GLN A 24 -7.14 2.71 -16.52
CA GLN A 24 -6.66 2.07 -17.74
C GLN A 24 -7.66 2.23 -18.87
N GLN A 25 -8.94 1.97 -18.60
CA GLN A 25 -9.91 2.12 -19.68
C GLN A 25 -10.19 3.58 -20.00
N GLU A 26 -9.95 4.49 -19.04
CA GLU A 26 -10.02 5.91 -19.39
C GLU A 26 -8.85 6.35 -20.25
N GLN A 27 -7.73 5.60 -20.26
CA GLN A 27 -6.69 5.91 -21.24
C GLN A 27 -7.05 5.40 -22.63
N GLU A 28 -7.92 4.39 -22.72
CA GLU A 28 -8.35 3.85 -24.02
C GLU A 28 -9.42 4.75 -24.63
N ALA A 29 -9.05 6.00 -24.87
CA ALA A 29 -9.97 6.99 -25.44
C ALA A 29 -9.21 8.16 -26.04
N ALA A 36 -3.66 12.07 -16.96
CA ALA A 36 -3.10 10.77 -16.60
C ALA A 36 -2.38 10.83 -15.26
N ASP A 37 -2.41 9.73 -14.52
CA ASP A 37 -1.89 9.68 -13.15
C ASP A 37 -1.02 8.45 -13.02
N PRO A 38 0.31 8.60 -13.05
CA PRO A 38 1.21 7.45 -12.89
C PRO A 38 0.92 6.60 -11.67
N GLU A 39 0.53 7.22 -10.55
CA GLU A 39 0.29 6.47 -9.32
C GLU A 39 -0.78 5.39 -9.50
N MET A 40 -1.65 5.53 -10.50
CA MET A 40 -2.71 4.58 -10.75
C MET A 40 -2.32 3.47 -11.73
N VAL A 41 -1.04 3.35 -12.07
CA VAL A 41 -0.59 2.33 -13.02
C VAL A 41 0.27 1.28 -12.31
N THR A 42 0.29 1.28 -10.98
CA THR A 42 1.18 0.42 -10.22
C THR A 42 0.45 -0.24 -9.05
N LEU A 43 1.13 -1.23 -8.45
CA LEU A 43 0.81 -1.90 -7.19
C LEU A 43 -0.50 -2.66 -7.21
N PRO A 44 -0.72 -3.57 -8.18
CA PRO A 44 -1.90 -4.42 -8.05
C PRO A 44 -1.54 -5.87 -7.67
N SER A 48 -4.81 -11.24 -10.16
CA SER A 48 -5.65 -12.38 -10.51
C SER A 48 -6.22 -13.02 -9.24
N SER A 49 -6.35 -12.22 -8.19
CA SER A 49 -7.03 -12.66 -6.99
C SER A 49 -8.53 -12.44 -7.12
N THR A 50 -9.27 -12.86 -6.10
CA THR A 50 -10.72 -12.67 -6.10
C THR A 50 -11.09 -11.18 -6.05
N MET A 51 -10.41 -10.44 -5.18
CA MET A 51 -10.74 -9.02 -4.98
C MET A 51 -10.31 -8.18 -6.17
N GLY A 52 -9.17 -8.52 -6.79
CA GLY A 52 -8.80 -7.86 -8.03
C GLY A 52 -9.85 -8.00 -9.11
N GLN A 53 -10.38 -9.22 -9.27
CA GLN A 53 -11.42 -9.46 -10.26
C GLN A 53 -12.68 -8.66 -9.93
N VAL A 54 -13.05 -8.62 -8.65
CA VAL A 54 -14.23 -7.85 -8.25
C VAL A 54 -14.03 -6.38 -8.58
N GLY A 55 -12.85 -5.85 -8.26
CA GLY A 55 -12.52 -4.47 -8.60
C GLY A 55 -12.61 -4.19 -10.09
N ARG A 56 -12.14 -5.13 -10.91
CA ARG A 56 -12.18 -4.91 -12.36
C ARG A 56 -13.62 -4.86 -12.87
N GLN A 57 -14.46 -5.80 -12.40
CA GLN A 57 -15.87 -5.80 -12.81
C GLN A 57 -16.54 -4.49 -12.42
N LEU A 58 -16.33 -4.07 -11.16
CA LEU A 58 -16.91 -2.83 -10.67
C LEU A 58 -16.37 -1.64 -11.44
N ALA A 59 -15.10 -1.70 -11.87
CA ALA A 59 -14.53 -0.62 -12.68
C ALA A 59 -15.21 -0.51 -14.03
N ILE A 60 -15.60 -1.66 -14.61
CA ILE A 60 -16.38 -1.63 -15.85
C ILE A 60 -17.68 -0.85 -15.64
N ILE A 61 -18.46 -1.27 -14.64
CA ILE A 61 -19.74 -0.58 -14.45
C ILE A 61 -19.53 0.89 -14.05
N GLY A 62 -18.45 1.17 -13.31
CA GLY A 62 -18.17 2.54 -12.91
C GLY A 62 -17.76 3.43 -14.06
N ASP A 63 -17.05 2.89 -15.05
CA ASP A 63 -16.73 3.68 -16.24
C ASP A 63 -17.99 4.02 -17.01
N ASP A 64 -18.90 3.05 -17.15
CA ASP A 64 -20.19 3.37 -17.76
C ASP A 64 -20.86 4.53 -17.03
N ILE A 65 -20.90 4.46 -15.70
CA ILE A 65 -21.57 5.50 -14.93
C ILE A 65 -20.86 6.84 -15.05
N ASN A 66 -19.51 6.82 -15.05
CA ASN A 66 -18.76 8.06 -15.18
C ASN A 66 -19.01 8.73 -16.52
N ARG A 67 -19.23 7.95 -17.58
CA ARG A 67 -19.60 8.59 -18.83
C ARG A 67 -21.02 9.12 -18.79
N ARG A 68 -21.94 8.39 -18.13
CA ARG A 68 -23.31 8.88 -18.12
C ARG A 68 -23.52 10.07 -17.18
N TYR A 69 -22.66 10.27 -16.18
CA TYR A 69 -22.83 11.35 -15.20
C TYR A 69 -21.57 12.18 -15.10
N ASP A 70 -20.99 12.54 -16.25
CA ASP A 70 -19.74 13.29 -16.27
C ASP A 70 -19.88 14.65 -15.60
N SER A 71 -20.95 15.36 -15.92
CA SER A 71 -21.11 16.73 -15.44
C SER A 71 -21.29 16.77 -13.93
N GLU A 72 -22.03 15.82 -13.36
CA GLU A 72 -22.20 15.78 -11.91
C GLU A 72 -20.87 15.56 -11.21
N PHE A 73 -20.09 14.58 -11.71
CA PHE A 73 -18.81 14.27 -11.09
C PHE A 73 -17.80 15.39 -11.24
N GLN A 74 -17.91 16.20 -12.31
CA GLN A 74 -17.03 17.35 -12.44
C GLN A 74 -17.47 18.50 -11.54
N THR A 75 -18.77 18.81 -11.55
CA THR A 75 -19.29 19.86 -10.67
C THR A 75 -18.92 19.58 -9.22
N MET A 76 -19.03 18.32 -8.80
CA MET A 76 -18.64 17.87 -7.48
C MET A 76 -17.37 18.52 -6.94
N LEU A 77 -16.30 18.51 -7.74
CA LEU A 77 -14.96 18.87 -7.30
C LEU A 77 -14.79 20.36 -7.02
N GLN A 78 -15.80 21.20 -7.21
CA GLN A 78 -15.68 22.61 -6.86
C GLN A 78 -15.45 22.80 -5.37
N HIS A 79 -15.88 21.85 -4.54
CA HIS A 79 -15.69 21.93 -3.09
C HIS A 79 -14.36 21.38 -2.64
N LEU A 80 -13.63 20.69 -3.51
CA LEU A 80 -12.31 20.16 -3.21
C LEU A 80 -11.27 21.25 -3.44
N GLN A 81 -10.73 21.82 -2.36
CA GLN A 81 -9.80 22.92 -2.47
C GLN A 81 -8.57 22.49 -3.28
N PRO A 82 -7.97 23.42 -4.04
CA PRO A 82 -6.88 23.04 -4.95
C PRO A 82 -5.62 22.60 -4.24
N THR A 83 -5.49 22.90 -2.95
CA THR A 83 -4.37 22.39 -2.18
C THR A 83 -4.63 21.02 -1.59
N ALA A 84 -5.90 20.62 -1.48
CA ALA A 84 -6.38 19.33 -0.97
C ALA A 84 -6.45 19.35 0.55
N GLU A 85 -6.40 20.54 1.14
CA GLU A 85 -6.35 20.69 2.59
C GLU A 85 -7.62 20.21 3.27
N ASN A 86 -8.71 20.04 2.52
CA ASN A 86 -9.98 19.59 3.06
C ASN A 86 -10.42 18.25 2.47
N ALA A 87 -9.48 17.49 1.90
CA ALA A 87 -9.79 16.20 1.28
C ALA A 87 -10.68 15.34 2.19
N TYR A 88 -10.25 15.17 3.45
CA TYR A 88 -11.02 14.34 4.37
C TYR A 88 -12.41 14.91 4.61
N GLU A 89 -12.50 16.22 4.84
CA GLU A 89 -13.80 16.85 5.08
C GLU A 89 -14.73 16.66 3.90
N TYR A 90 -14.23 16.95 2.70
CA TYR A 90 -15.02 16.81 1.48
C TYR A 90 -15.52 15.38 1.31
N PHE A 91 -14.60 14.42 1.34
CA PHE A 91 -14.96 13.00 1.23
C PHE A 91 -16.00 12.61 2.27
N THR A 92 -15.72 12.89 3.54
CA THR A 92 -16.57 12.43 4.63
C THR A 92 -17.98 12.99 4.49
N LYS A 93 -18.11 14.30 4.29
CA LYS A 93 -19.43 14.91 4.22
C LYS A 93 -20.22 14.37 3.04
N ILE A 94 -19.58 14.26 1.87
CA ILE A 94 -20.31 13.81 0.69
C ILE A 94 -20.74 12.35 0.83
N ALA A 95 -19.82 11.48 1.27
CA ALA A 95 -20.18 10.08 1.44
C ALA A 95 -21.25 9.88 2.51
N THR A 96 -21.18 10.65 3.60
CA THR A 96 -22.19 10.54 4.65
C THR A 96 -23.56 10.92 4.13
N SER A 97 -23.64 11.98 3.32
CA SER A 97 -24.91 12.30 2.67
C SER A 97 -25.33 11.18 1.73
N LEU A 98 -24.38 10.60 1.00
CA LEU A 98 -24.65 9.47 0.12
C LEU A 98 -25.35 8.32 0.84
N PHE A 99 -24.88 7.98 2.04
CA PHE A 99 -25.38 6.80 2.72
C PHE A 99 -26.33 7.09 3.86
N GLU A 100 -26.74 8.35 4.04
CA GLU A 100 -27.72 8.65 5.08
C GLU A 100 -29.07 8.00 4.81
N SER A 101 -29.38 7.74 3.54
CA SER A 101 -30.68 7.19 3.16
C SER A 101 -30.65 5.68 2.90
N GLY A 102 -29.53 5.01 3.20
CA GLY A 102 -29.46 3.57 3.16
C GLY A 102 -28.30 3.08 2.31
N ILE A 103 -28.19 1.76 2.23
CA ILE A 103 -27.07 1.10 1.56
C ILE A 103 -27.61 0.13 0.53
N ASN A 104 -27.03 0.15 -0.67
CA ASN A 104 -27.20 -0.91 -1.66
C ASN A 104 -25.93 -1.01 -2.49
N TRP A 105 -25.86 -2.06 -3.31
CA TRP A 105 -24.65 -2.30 -4.10
C TRP A 105 -24.34 -1.14 -5.02
N GLY A 106 -25.37 -0.57 -5.65
CA GLY A 106 -25.16 0.58 -6.52
C GLY A 106 -24.50 1.74 -5.79
N ARG A 107 -24.94 2.01 -4.57
CA ARG A 107 -24.37 3.12 -3.80
C ARG A 107 -22.93 2.82 -3.41
N VAL A 108 -22.61 1.56 -3.14
CA VAL A 108 -21.22 1.15 -2.91
C VAL A 108 -20.37 1.48 -4.14
N VAL A 109 -20.86 1.09 -5.32
CA VAL A 109 -20.13 1.36 -6.55
C VAL A 109 -19.95 2.88 -6.74
N ALA A 110 -20.99 3.65 -6.40
CA ALA A 110 -20.90 5.10 -6.49
C ALA A 110 -19.82 5.64 -5.56
N LEU A 111 -19.75 5.10 -4.34
CA LEU A 111 -18.69 5.51 -3.41
C LEU A 111 -17.32 5.20 -3.99
N LEU A 112 -17.17 4.03 -4.61
CA LEU A 112 -15.89 3.69 -5.24
C LEU A 112 -15.51 4.69 -6.32
N GLY A 113 -16.47 5.05 -7.18
CA GLY A 113 -16.18 6.02 -8.22
C GLY A 113 -15.87 7.39 -7.67
N PHE A 114 -16.54 7.77 -6.58
CA PHE A 114 -16.26 9.04 -5.90
C PHE A 114 -14.83 9.08 -5.39
N GLY A 115 -14.41 8.01 -4.70
CA GLY A 115 -13.04 7.92 -4.26
C GLY A 115 -12.04 7.98 -5.40
N TYR A 116 -12.34 7.29 -6.51
CA TYR A 116 -11.44 7.31 -7.66
C TYR A 116 -11.27 8.74 -8.19
N ARG A 117 -12.37 9.46 -8.36
CA ARG A 117 -12.26 10.81 -8.91
C ARG A 117 -11.57 11.76 -7.94
N LEU A 118 -11.80 11.59 -6.63
CA LEU A 118 -11.08 12.41 -5.66
C LEU A 118 -9.58 12.18 -5.73
N ALA A 119 -9.18 10.89 -5.72
CA ALA A 119 -7.76 10.56 -5.83
C ALA A 119 -7.14 11.11 -7.11
N LEU A 120 -7.85 10.99 -8.23
CA LEU A 120 -7.32 11.48 -9.49
C LEU A 120 -7.17 12.99 -9.47
N HIS A 121 -8.17 13.70 -8.96
CA HIS A 121 -8.14 15.16 -8.98
C HIS A 121 -7.06 15.72 -8.06
N VAL A 122 -6.87 15.14 -6.88
CA VAL A 122 -5.83 15.69 -6.00
C VAL A 122 -4.46 15.56 -6.67
N TYR A 123 -4.25 14.52 -7.47
CA TYR A 123 -3.01 14.43 -8.23
C TYR A 123 -2.97 15.48 -9.33
N GLN A 124 -4.07 15.67 -10.05
CA GLN A 124 -4.08 16.68 -11.11
C GLN A 124 -3.85 18.08 -10.56
N HIS A 125 -4.16 18.32 -9.29
CA HIS A 125 -3.82 19.57 -8.62
C HIS A 125 -2.40 19.58 -8.04
N GLY A 126 -1.58 18.60 -8.38
CA GLY A 126 -0.18 18.60 -8.00
C GLY A 126 0.16 18.01 -6.65
N LEU A 127 -0.80 17.41 -5.96
CA LEU A 127 -0.52 16.69 -4.72
C LEU A 127 -0.25 15.23 -5.06
N THR A 128 0.99 14.79 -4.87
CA THR A 128 1.39 13.43 -5.20
C THR A 128 1.36 12.54 -3.98
N GLY A 129 1.34 11.22 -4.23
CA GLY A 129 1.41 10.23 -3.17
C GLY A 129 0.20 10.20 -2.26
N PHE A 130 -0.98 10.56 -2.76
CA PHE A 130 -2.18 10.65 -1.95
C PHE A 130 -3.15 9.51 -2.19
N LEU A 131 -2.91 8.64 -3.17
CA LEU A 131 -3.86 7.57 -3.48
C LEU A 131 -4.02 6.62 -2.30
N GLY A 132 -2.94 6.38 -1.55
CA GLY A 132 -3.05 5.52 -0.39
C GLY A 132 -4.02 6.08 0.62
N GLN A 133 -4.01 7.39 0.77
CA GLN A 133 -4.88 8.02 1.74
C GLN A 133 -6.34 8.01 1.31
N VAL A 134 -6.60 8.18 0.02
CA VAL A 134 -7.98 8.04 -0.41
C VAL A 134 -8.45 6.61 -0.21
N THR A 135 -7.57 5.64 -0.45
CA THR A 135 -7.89 4.25 -0.13
C THR A 135 -8.23 4.08 1.36
N ARG A 136 -7.43 4.67 2.24
CA ARG A 136 -7.72 4.61 3.66
C ARG A 136 -9.04 5.29 4.00
N PHE A 137 -9.31 6.44 3.38
CA PHE A 137 -10.60 7.10 3.51
C PHE A 137 -11.74 6.12 3.23
N VAL A 138 -11.65 5.43 2.08
CA VAL A 138 -12.72 4.55 1.65
C VAL A 138 -12.87 3.39 2.63
N VAL A 139 -11.76 2.74 2.98
CA VAL A 139 -11.81 1.60 3.88
C VAL A 139 -12.42 1.99 5.22
N ASP A 140 -11.93 3.08 5.82
CA ASP A 140 -12.41 3.47 7.14
C ASP A 140 -13.86 3.91 7.11
N PHE A 141 -14.27 4.64 6.06
CA PHE A 141 -15.67 5.03 5.95
C PHE A 141 -16.56 3.80 5.87
N MET A 142 -16.22 2.85 4.99
CA MET A 142 -17.03 1.65 4.86
C MET A 142 -17.08 0.85 6.15
N LEU A 143 -16.00 0.88 6.94
CA LEU A 143 -16.01 0.18 8.22
C LEU A 143 -16.93 0.87 9.22
N HIS A 144 -16.78 2.20 9.38
CA HIS A 144 -17.48 2.91 10.44
C HIS A 144 -18.90 3.34 10.06
N HIS A 145 -19.32 3.11 8.82
CA HIS A 145 -20.67 3.46 8.38
C HIS A 145 -21.49 2.21 8.03
N SER A 146 -21.09 1.06 8.56
CA SER A 146 -21.81 -0.22 8.45
C SER A 146 -21.84 -0.77 7.04
N ILE A 147 -21.06 -0.20 6.12
CA ILE A 147 -21.02 -0.74 4.76
C ILE A 147 -20.33 -2.10 4.75
N ALA A 148 -19.26 -2.24 5.53
CA ALA A 148 -18.56 -3.51 5.60
C ALA A 148 -19.45 -4.59 6.21
N ARG A 149 -20.20 -4.24 7.26
CA ARG A 149 -21.13 -5.19 7.86
C ARG A 149 -22.21 -5.61 6.88
N TRP A 150 -22.72 -4.64 6.10
CA TRP A 150 -23.73 -4.94 5.10
C TRP A 150 -23.19 -5.90 4.04
N ILE A 151 -22.01 -5.59 3.49
CA ILE A 151 -21.41 -6.44 2.47
C ILE A 151 -21.13 -7.84 3.05
N ALA A 152 -20.67 -7.90 4.29
CA ALA A 152 -20.50 -9.19 4.95
C ALA A 152 -21.82 -9.93 5.04
N GLN A 153 -22.90 -9.21 5.33
CA GLN A 153 -24.21 -9.84 5.44
C GLN A 153 -24.73 -10.32 4.10
N ARG A 154 -24.18 -9.83 2.99
CA ARG A 154 -24.55 -10.34 1.69
C ARG A 154 -23.52 -11.30 1.11
N GLY A 155 -22.60 -11.78 1.94
CA GLY A 155 -21.66 -12.82 1.54
C GLY A 155 -20.26 -12.34 1.22
N GLY A 156 -19.91 -11.12 1.59
CA GLY A 156 -18.59 -10.58 1.31
C GLY A 156 -18.52 -9.89 -0.04
N TRP A 157 -17.32 -9.36 -0.32
CA TRP A 157 -17.11 -8.63 -1.57
C TRP A 157 -17.29 -9.55 -2.78
N VAL A 158 -17.07 -10.86 -2.60
CA VAL A 158 -17.15 -11.80 -3.71
C VAL A 158 -18.56 -11.85 -4.27
N ALA A 159 -19.56 -11.54 -3.44
CA ALA A 159 -20.95 -11.56 -3.91
C ALA A 159 -21.21 -10.50 -4.96
N ALA A 160 -20.30 -9.53 -5.11
CA ALA A 160 -20.46 -8.56 -6.19
C ALA A 160 -20.28 -9.18 -7.57
N LEU A 161 -19.72 -10.39 -7.66
CA LEU A 161 -19.53 -10.99 -8.97
C LEU A 161 -20.81 -11.53 -9.60
N ASN A 162 -21.96 -11.37 -8.95
CA ASN A 162 -23.22 -11.84 -9.50
C ASN A 162 -24.07 -10.67 -10.02
N SER B 1 -22.77 19.65 -7.14
CA SER B 1 -23.94 20.42 -6.73
C SER B 1 -23.57 21.64 -5.89
N SER B 2 -24.58 22.34 -5.37
CA SER B 2 -24.33 23.60 -4.67
C SER B 2 -23.62 23.37 -3.34
N THR B 3 -24.04 22.37 -2.58
CA THR B 3 -23.43 22.03 -1.30
C THR B 3 -22.99 20.58 -1.31
N MET B 4 -22.19 20.22 -0.30
CA MET B 4 -21.65 18.87 -0.23
C MET B 4 -22.73 17.85 0.14
N GLY B 5 -23.71 18.25 0.95
CA GLY B 5 -24.84 17.37 1.21
C GLY B 5 -25.69 17.14 -0.02
N GLN B 6 -25.93 18.21 -0.79
CA GLN B 6 -26.59 18.08 -2.09
C GLN B 6 -25.83 17.10 -2.98
N VAL B 7 -24.50 17.21 -2.98
CA VAL B 7 -23.67 16.30 -3.77
C VAL B 7 -23.86 14.86 -3.31
N GLY B 8 -23.85 14.64 -2.00
CA GLY B 8 -24.03 13.29 -1.49
C GLY B 8 -25.37 12.69 -1.86
N ARG B 9 -26.43 13.50 -1.80
CA ARG B 9 -27.74 12.99 -2.19
C ARG B 9 -27.83 12.73 -3.69
N GLN B 10 -27.17 13.56 -4.50
CA GLN B 10 -27.09 13.27 -5.93
C GLN B 10 -26.36 11.95 -6.18
N LEU B 11 -25.29 11.70 -5.43
CA LEU B 11 -24.60 10.42 -5.56
C LEU B 11 -25.47 9.25 -5.09
N ALA B 12 -26.31 9.47 -4.08
CA ALA B 12 -27.27 8.45 -3.70
C ALA B 12 -28.21 8.13 -4.85
N ILE B 13 -28.65 9.16 -5.58
CA ILE B 13 -29.56 8.95 -6.70
C ILE B 13 -28.85 8.16 -7.80
N ILE B 14 -27.61 8.53 -8.10
CA ILE B 14 -26.82 7.81 -9.11
C ILE B 14 -26.61 6.36 -8.69
N GLY B 15 -26.36 6.13 -7.39
CA GLY B 15 -26.18 4.78 -6.92
C GLY B 15 -27.43 3.93 -7.03
N ASP B 16 -28.60 4.55 -6.80
CA ASP B 16 -29.84 3.82 -7.00
C ASP B 16 -30.04 3.47 -8.48
N ASP B 17 -29.62 4.38 -9.36
CA ASP B 17 -29.66 4.07 -10.79
C ASP B 17 -28.79 2.85 -11.11
N ILE B 18 -27.56 2.85 -10.58
CA ILE B 18 -26.66 1.71 -10.78
C ILE B 18 -27.31 0.42 -10.25
N ASN B 19 -27.86 0.50 -9.04
CA ASN B 19 -28.47 -0.68 -8.42
C ASN B 19 -29.63 -1.21 -9.26
N ARG B 20 -30.33 -0.32 -9.97
CA ARG B 20 -31.45 -0.79 -10.80
C ARG B 20 -30.97 -1.29 -12.16
N ARG B 21 -29.79 -0.88 -12.64
CA ARG B 21 -29.36 -1.29 -13.97
C ARG B 21 -28.36 -2.44 -13.95
N TYR B 22 -27.67 -2.67 -12.83
CA TYR B 22 -26.66 -3.73 -12.76
C TYR B 22 -26.93 -4.65 -11.58
N SER C 3 10.98 -12.65 -7.01
CA SER C 3 10.17 -11.59 -6.40
C SER C 3 11.01 -10.33 -6.16
N GLU C 4 11.78 -9.93 -7.17
CA GLU C 4 12.44 -8.63 -7.12
C GLU C 4 11.42 -7.50 -7.30
N GLU C 5 10.54 -7.65 -8.27
CA GLU C 5 9.50 -6.65 -8.50
C GLU C 5 8.55 -6.57 -7.31
N GLN C 6 8.33 -7.69 -6.63
CA GLN C 6 7.52 -7.68 -5.41
C GLN C 6 8.16 -6.82 -4.33
N VAL C 7 9.47 -7.00 -4.10
CA VAL C 7 10.19 -6.16 -3.15
C VAL C 7 10.12 -4.70 -3.57
N ALA C 8 10.24 -4.44 -4.88
CA ALA C 8 10.20 -3.06 -5.36
C ALA C 8 8.86 -2.41 -5.07
N GLN C 9 7.76 -3.16 -5.26
CA GLN C 9 6.44 -2.61 -4.93
C GLN C 9 6.27 -2.43 -3.43
N ASP C 10 6.75 -3.40 -2.63
CA ASP C 10 6.67 -3.29 -1.17
C ASP C 10 7.41 -2.06 -0.67
N THR C 11 8.47 -1.66 -1.36
CA THR C 11 9.29 -0.52 -0.93
C THR C 11 8.45 0.75 -0.75
N GLU C 12 7.46 0.98 -1.61
CA GLU C 12 6.61 2.16 -1.46
C GLU C 12 5.98 2.22 -0.08
N GLU C 13 5.31 1.15 0.33
CA GLU C 13 4.61 1.13 1.61
C GLU C 13 5.61 1.17 2.75
N VAL C 14 6.75 0.49 2.59
CA VAL C 14 7.81 0.53 3.61
C VAL C 14 8.25 1.97 3.85
N PHE C 15 8.58 2.68 2.78
CA PHE C 15 9.08 4.05 2.91
C PHE C 15 8.02 4.99 3.44
N ARG C 16 6.76 4.82 3.02
CA ARG C 16 5.71 5.72 3.51
C ARG C 16 5.47 5.53 5.00
N SER C 17 5.43 4.27 5.46
CA SER C 17 5.28 4.02 6.89
C SER C 17 6.49 4.55 7.67
N TYR C 18 7.69 4.33 7.14
CA TYR C 18 8.90 4.90 7.75
C TYR C 18 8.78 6.40 7.92
N VAL C 19 8.37 7.09 6.86
CA VAL C 19 8.24 8.55 6.91
C VAL C 19 7.23 8.95 7.99
N PHE C 20 6.08 8.27 8.00
CA PHE C 20 5.04 8.61 8.97
C PHE C 20 5.56 8.48 10.40
N TYR C 21 6.17 7.34 10.72
CA TYR C 21 6.54 7.08 12.11
C TYR C 21 7.74 7.92 12.53
N ARG C 22 8.71 8.13 11.64
CA ARG C 22 9.83 9.01 11.97
C ARG C 22 9.34 10.42 12.23
N HIS C 23 8.41 10.91 11.41
CA HIS C 23 7.87 12.24 11.63
C HIS C 23 7.08 12.30 12.94
N GLN C 24 6.33 11.24 13.24
CA GLN C 24 5.54 11.22 14.47
C GLN C 24 6.44 11.29 15.70
N GLN C 25 7.50 10.49 15.74
CA GLN C 25 8.35 10.54 16.93
C GLN C 25 9.24 11.77 16.96
N GLU C 26 9.50 12.41 15.81
CA GLU C 26 10.19 13.70 15.87
C GLU C 26 9.30 14.82 16.39
N GLN C 27 7.98 14.68 16.32
CA GLN C 27 7.06 15.73 16.75
C GLN C 27 6.42 15.41 18.09
N ALA C 36 6.43 21.04 11.72
CA ALA C 36 5.54 19.98 11.27
C ALA C 36 5.38 20.00 9.75
N ASP C 37 5.07 18.84 9.18
CA ASP C 37 4.84 18.71 7.74
C ASP C 37 3.53 17.93 7.58
N PRO C 38 2.42 18.61 7.30
CA PRO C 38 1.12 17.91 7.23
C PRO C 38 1.10 16.74 6.28
N GLU C 39 1.91 16.75 5.22
CA GLU C 39 1.90 15.64 4.26
C GLU C 39 2.38 14.33 4.89
N MET C 40 3.10 14.39 6.02
CA MET C 40 3.65 13.21 6.68
C MET C 40 2.85 12.76 7.88
N VAL C 41 1.79 13.49 8.25
CA VAL C 41 1.04 13.24 9.48
C VAL C 41 -0.01 12.15 9.28
N THR C 42 -0.14 11.59 8.07
CA THR C 42 -1.23 10.71 7.70
C THR C 42 -0.68 9.47 7.00
N LEU C 43 -1.16 8.30 7.45
CA LEU C 43 -0.58 7.02 7.03
C LEU C 43 -1.39 6.45 5.88
N PRO C 44 -0.87 6.44 4.62
CA PRO C 44 -1.59 5.92 3.45
C PRO C 44 -1.58 4.40 3.31
N LEU C 45 -1.78 3.70 4.43
CA LEU C 45 -1.64 2.25 4.48
C LEU C 45 -2.14 1.78 5.83
N GLN C 46 -2.50 0.50 5.91
CA GLN C 46 -2.95 -0.09 7.17
C GLN C 46 -1.75 -0.26 8.10
N PRO C 47 -1.82 0.27 9.33
CA PRO C 47 -0.65 0.18 10.22
C PRO C 47 -0.26 -1.25 10.58
N SER C 48 -1.21 -2.17 10.55
CA SER C 48 -0.98 -3.52 11.02
C SER C 48 -0.44 -4.46 9.94
N SER C 49 -0.24 -3.96 8.73
CA SER C 49 0.30 -4.80 7.67
C SER C 49 1.78 -5.10 7.92
N THR C 50 2.32 -6.03 7.12
CA THR C 50 3.71 -6.43 7.30
C THR C 50 4.67 -5.29 6.96
N MET C 51 4.45 -4.61 5.85
CA MET C 51 5.38 -3.57 5.41
C MET C 51 5.25 -2.32 6.26
N GLY C 52 4.04 -2.00 6.71
CA GLY C 52 3.88 -0.92 7.68
C GLY C 52 4.68 -1.16 8.94
N GLN C 53 4.62 -2.38 9.46
CA GLN C 53 5.38 -2.73 10.67
C GLN C 53 6.89 -2.63 10.41
N VAL C 54 7.33 -3.09 9.23
CA VAL C 54 8.75 -2.99 8.89
C VAL C 54 9.19 -1.53 8.86
N GLY C 55 8.39 -0.69 8.20
CA GLY C 55 8.68 0.74 8.17
C GLY C 55 8.74 1.35 9.56
N ARG C 56 7.83 0.95 10.46
CA ARG C 56 7.84 1.47 11.82
C ARG C 56 9.14 1.12 12.54
N GLN C 57 9.51 -0.17 12.52
CA GLN C 57 10.73 -0.62 13.18
C GLN C 57 11.93 0.15 12.66
N LEU C 58 12.04 0.24 11.33
CA LEU C 58 13.13 0.98 10.72
C LEU C 58 13.09 2.45 11.09
N ALA C 59 11.90 3.02 11.30
CA ALA C 59 11.79 4.42 11.71
C ALA C 59 12.36 4.63 13.11
N ILE C 60 12.15 3.67 14.02
CA ILE C 60 12.80 3.76 15.33
C ILE C 60 14.32 3.80 15.17
N ILE C 61 14.88 2.81 14.47
CA ILE C 61 16.35 2.82 14.38
C ILE C 61 16.83 4.05 13.62
N GLY C 62 16.03 4.54 12.66
CA GLY C 62 16.40 5.70 11.89
C GLY C 62 16.42 6.99 12.69
N ASP C 63 15.45 7.19 13.59
CA ASP C 63 15.46 8.45 14.34
C ASP C 63 16.55 8.41 15.39
N ASP C 64 16.88 7.23 15.93
CA ASP C 64 18.09 7.10 16.73
C ASP C 64 19.32 7.58 15.94
N ILE C 65 19.48 7.07 14.72
CA ILE C 65 20.63 7.45 13.90
C ILE C 65 20.61 8.94 13.59
N ASN C 66 19.45 9.48 13.23
CA ASN C 66 19.37 10.89 12.89
C ASN C 66 19.69 11.79 14.07
N ARG C 67 19.40 11.33 15.30
CA ARG C 67 19.84 12.13 16.44
C ARG C 67 21.33 12.00 16.68
N ARG C 68 21.94 10.85 16.41
CA ARG C 68 23.38 10.80 16.62
C ARG C 68 24.20 11.31 15.43
N TYR C 69 23.59 11.57 14.27
CA TYR C 69 24.29 12.18 13.13
C TYR C 69 23.55 13.41 12.63
N ASP C 70 23.09 14.28 13.54
CA ASP C 70 22.29 15.43 13.14
C ASP C 70 23.06 16.37 12.22
N SER C 71 24.31 16.67 12.58
CA SER C 71 25.07 17.67 11.84
C SER C 71 25.39 17.22 10.43
N GLU C 72 25.72 15.94 10.25
CA GLU C 72 25.98 15.42 8.91
C GLU C 72 24.75 15.56 8.02
N PHE C 73 23.59 15.13 8.55
CA PHE C 73 22.35 15.17 7.78
C PHE C 73 21.92 16.61 7.49
N GLN C 74 22.30 17.55 8.35
CA GLN C 74 22.01 18.95 8.09
C GLN C 74 22.94 19.51 7.02
N THR C 75 24.24 19.24 7.14
CA THR C 75 25.22 19.67 6.13
C THR C 75 24.84 19.18 4.74
N MET C 76 24.44 17.91 4.63
CA MET C 76 24.02 17.33 3.35
C MET C 76 23.17 18.27 2.50
N LEU C 77 22.15 18.88 3.10
CA LEU C 77 21.11 19.62 2.39
C LEU C 77 21.58 20.92 1.77
N GLN C 78 22.85 21.32 1.93
CA GLN C 78 23.35 22.52 1.27
C GLN C 78 23.30 22.41 -0.25
N HIS C 79 23.35 21.19 -0.79
CA HIS C 79 23.32 21.00 -2.24
C HIS C 79 21.91 20.96 -2.80
N LEU C 80 20.89 20.91 -1.95
CA LEU C 80 19.50 20.93 -2.37
C LEU C 80 19.05 22.37 -2.60
N GLN C 81 18.83 22.72 -3.87
CA GLN C 81 18.44 24.09 -4.21
C GLN C 81 17.14 24.44 -3.50
N PRO C 82 16.96 25.71 -3.08
CA PRO C 82 15.79 26.07 -2.28
C PRO C 82 14.48 26.00 -3.05
N THR C 83 14.53 25.89 -4.38
CA THR C 83 13.32 25.69 -5.16
C THR C 83 12.95 24.22 -5.23
N ALA C 84 13.92 23.32 -5.00
CA ALA C 84 13.74 21.88 -5.00
C ALA C 84 13.69 21.32 -6.42
N GLU C 85 14.22 22.08 -7.38
CA GLU C 85 14.14 21.74 -8.79
C GLU C 85 15.32 20.90 -9.25
N ASN C 86 16.28 20.61 -8.36
CA ASN C 86 17.32 19.63 -8.63
C ASN C 86 17.21 18.44 -7.69
N ALA C 87 16.05 18.25 -7.05
CA ALA C 87 15.84 17.15 -6.11
C ALA C 87 16.29 15.81 -6.70
N TYR C 88 15.90 15.54 -7.94
CA TYR C 88 16.24 14.25 -8.55
C TYR C 88 17.76 14.08 -8.69
N GLU C 89 18.44 15.11 -9.21
CA GLU C 89 19.89 15.01 -9.39
C GLU C 89 20.61 14.83 -8.06
N TYR C 90 20.22 15.63 -7.07
CA TYR C 90 20.81 15.55 -5.74
C TYR C 90 20.65 14.14 -5.16
N PHE C 91 19.41 13.66 -5.13
CA PHE C 91 19.12 12.30 -4.65
C PHE C 91 19.95 11.26 -5.40
N THR C 92 19.90 11.30 -6.74
CA THR C 92 20.55 10.27 -7.55
C THR C 92 22.05 10.23 -7.27
N LYS C 93 22.71 11.38 -7.31
CA LYS C 93 24.15 11.39 -7.11
C LYS C 93 24.52 10.91 -5.71
N ILE C 94 23.81 11.38 -4.68
CA ILE C 94 24.16 10.99 -3.32
C ILE C 94 23.95 9.50 -3.11
N ALA C 95 22.79 8.98 -3.53
CA ALA C 95 22.51 7.55 -3.36
C ALA C 95 23.50 6.68 -4.15
N THR C 96 23.87 7.13 -5.35
CA THR C 96 24.82 6.37 -6.16
C THR C 96 26.18 6.30 -5.48
N SER C 97 26.63 7.41 -4.90
CA SER C 97 27.86 7.37 -4.13
C SER C 97 27.69 6.47 -2.90
N LEU C 98 26.53 6.54 -2.25
CA LEU C 98 26.23 5.69 -1.10
C LEU C 98 26.43 4.21 -1.43
N PHE C 99 25.96 3.77 -2.59
CA PHE C 99 25.96 2.35 -2.91
C PHE C 99 27.05 1.93 -3.90
N GLU C 100 27.96 2.84 -4.26
CA GLU C 100 29.05 2.44 -5.15
C GLU C 100 29.94 1.38 -4.52
N SER C 101 30.07 1.36 -3.20
CA SER C 101 30.98 0.46 -2.50
C SER C 101 30.29 -0.78 -1.94
N GLY C 102 29.02 -0.99 -2.26
CA GLY C 102 28.33 -2.21 -1.90
C GLY C 102 27.02 -1.94 -1.19
N ILE C 103 26.36 -3.03 -0.82
CA ILE C 103 25.02 -3.01 -0.27
C ILE C 103 25.02 -3.74 1.07
N ASN C 104 24.40 -3.15 2.08
CA ASN C 104 24.06 -3.85 3.30
C ASN C 104 22.79 -3.24 3.88
N TRP C 105 22.24 -3.92 4.90
CA TRP C 105 20.99 -3.45 5.49
C TRP C 105 21.12 -2.05 6.06
N GLY C 106 22.25 -1.76 6.71
CA GLY C 106 22.48 -0.43 7.24
C GLY C 106 22.41 0.65 6.18
N ARG C 107 23.00 0.39 5.01
CA ARG C 107 22.97 1.38 3.94
C ARG C 107 21.56 1.56 3.39
N VAL C 108 20.77 0.49 3.35
CA VAL C 108 19.35 0.61 2.99
C VAL C 108 18.63 1.54 3.96
N VAL C 109 18.84 1.32 5.27
CA VAL C 109 18.19 2.17 6.27
C VAL C 109 18.67 3.62 6.11
N ALA C 110 19.94 3.81 5.81
CA ALA C 110 20.48 5.15 5.57
C ALA C 110 19.81 5.80 4.37
N LEU C 111 19.58 5.03 3.30
CA LEU C 111 18.87 5.56 2.14
C LEU C 111 17.45 5.98 2.52
N LEU C 112 16.78 5.19 3.36
CA LEU C 112 15.44 5.57 3.81
C LEU C 112 15.47 6.90 4.56
N GLY C 113 16.43 7.06 5.47
CA GLY C 113 16.54 8.30 6.20
C GLY C 113 16.89 9.48 5.32
N PHE C 114 17.73 9.24 4.31
CA PHE C 114 18.07 10.27 3.34
C PHE C 114 16.84 10.76 2.59
N GLY C 115 16.02 9.82 2.10
CA GLY C 115 14.77 10.20 1.46
C GLY C 115 13.84 10.97 2.37
N TYR C 116 13.74 10.53 3.64
CA TYR C 116 12.89 11.24 4.59
C TYR C 116 13.33 12.69 4.75
N ARG C 117 14.62 12.91 5.02
CA ARG C 117 15.08 14.28 5.21
C ARG C 117 14.96 15.09 3.94
N LEU C 118 15.11 14.47 2.76
CA LEU C 118 14.94 15.21 1.52
C LEU C 118 13.51 15.70 1.37
N ALA C 119 12.53 14.82 1.56
CA ALA C 119 11.13 15.23 1.47
C ALA C 119 10.81 16.32 2.50
N LEU C 120 11.29 16.14 3.73
CA LEU C 120 10.97 17.10 4.77
C LEU C 120 11.56 18.46 4.43
N HIS C 121 12.80 18.48 3.92
CA HIS C 121 13.44 19.75 3.58
C HIS C 121 12.76 20.43 2.40
N VAL C 122 12.38 19.68 1.38
CA VAL C 122 11.69 20.31 0.25
C VAL C 122 10.36 20.89 0.72
N TYR C 123 9.70 20.26 1.69
CA TYR C 123 8.49 20.88 2.23
C TYR C 123 8.82 22.15 3.00
N GLN C 124 9.85 22.10 3.85
CA GLN C 124 10.23 23.27 4.63
C GLN C 124 10.64 24.45 3.76
N HIS C 125 11.12 24.19 2.55
CA HIS C 125 11.39 25.25 1.58
C HIS C 125 10.17 25.68 0.78
N GLY C 126 8.97 25.23 1.17
CA GLY C 126 7.74 25.71 0.59
C GLY C 126 7.25 24.98 -0.64
N LEU C 127 7.88 23.87 -1.03
CA LEU C 127 7.36 23.05 -2.12
C LEU C 127 6.46 21.97 -1.54
N THR C 128 5.18 22.03 -1.86
CA THR C 128 4.20 21.08 -1.34
C THR C 128 3.93 19.96 -2.34
N GLY C 129 3.37 18.87 -1.83
CA GLY C 129 2.95 17.76 -2.68
C GLY C 129 4.07 17.01 -3.36
N PHE C 130 5.25 16.94 -2.76
CA PHE C 130 6.41 16.30 -3.36
C PHE C 130 6.75 14.95 -2.74
N LEU C 131 6.08 14.55 -1.66
CA LEU C 131 6.42 13.31 -0.98
C LEU C 131 6.27 12.09 -1.89
N GLY C 132 5.26 12.10 -2.77
CA GLY C 132 5.08 10.99 -3.69
C GLY C 132 6.25 10.85 -4.65
N GLN C 133 6.77 11.98 -5.14
CA GLN C 133 7.88 11.91 -6.07
C GLN C 133 9.15 11.43 -5.39
N VAL C 134 9.35 11.78 -4.11
CA VAL C 134 10.49 11.26 -3.36
C VAL C 134 10.33 9.76 -3.12
N THR C 135 9.11 9.31 -2.81
CA THR C 135 8.86 7.88 -2.71
C THR C 135 9.20 7.16 -4.01
N ARG C 136 8.84 7.77 -5.14
CA ARG C 136 9.18 7.19 -6.43
C ARG C 136 10.70 7.18 -6.64
N PHE C 137 11.37 8.25 -6.23
CA PHE C 137 12.84 8.28 -6.25
C PHE C 137 13.41 7.05 -5.57
N VAL C 138 12.94 6.79 -4.35
CA VAL C 138 13.50 5.71 -3.54
C VAL C 138 13.21 4.36 -4.20
N VAL C 139 11.94 4.14 -4.58
CA VAL C 139 11.55 2.86 -5.18
C VAL C 139 12.34 2.59 -6.46
N ASP C 140 12.40 3.58 -7.34
CA ASP C 140 13.05 3.37 -8.64
C ASP C 140 14.55 3.19 -8.49
N PHE C 141 15.19 3.95 -7.59
CA PHE C 141 16.61 3.75 -7.36
C PHE C 141 16.88 2.35 -6.84
N MET C 142 16.11 1.91 -5.84
CA MET C 142 16.31 0.57 -5.29
C MET C 142 16.08 -0.50 -6.34
N LEU C 143 15.16 -0.27 -7.29
CA LEU C 143 14.95 -1.24 -8.35
C LEU C 143 16.12 -1.28 -9.32
N HIS C 144 16.55 -0.12 -9.82
CA HIS C 144 17.55 -0.07 -10.87
C HIS C 144 18.99 -0.18 -10.39
N HIS C 145 19.23 -0.18 -9.08
CA HIS C 145 20.57 -0.30 -8.54
C HIS C 145 20.76 -1.62 -7.79
N SER C 146 19.92 -2.61 -8.07
CA SER C 146 20.01 -3.96 -7.56
C SER C 146 19.75 -4.04 -6.06
N ILE C 147 19.25 -2.97 -5.44
CA ILE C 147 18.91 -3.01 -4.02
C ILE C 147 17.75 -3.96 -3.78
N ALA C 148 16.75 -3.89 -4.65
CA ALA C 148 15.58 -4.75 -4.52
C ALA C 148 15.95 -6.21 -4.72
N ARG C 149 16.82 -6.50 -5.68
CA ARG C 149 17.28 -7.87 -5.89
C ARG C 149 18.02 -8.39 -4.67
N TRP C 150 18.87 -7.54 -4.08
CA TRP C 150 19.62 -7.91 -2.89
C TRP C 150 18.66 -8.24 -1.74
N ILE C 151 17.70 -7.36 -1.49
CA ILE C 151 16.74 -7.58 -0.40
C ILE C 151 15.91 -8.83 -0.66
N ALA C 152 15.49 -9.04 -1.90
CA ALA C 152 14.74 -10.25 -2.24
C ALA C 152 15.56 -11.50 -2.00
N GLN C 153 16.84 -11.47 -2.37
CA GLN C 153 17.68 -12.64 -2.20
C GLN C 153 18.04 -12.89 -0.75
N ARG C 154 17.84 -11.90 0.14
CA ARG C 154 17.98 -12.13 1.56
C ARG C 154 16.65 -12.30 2.29
N GLY C 155 15.58 -12.57 1.54
CA GLY C 155 14.31 -12.95 2.11
C GLY C 155 13.23 -11.89 2.10
N GLY C 156 13.41 -10.82 1.33
CA GLY C 156 12.39 -9.79 1.26
C GLY C 156 12.55 -8.74 2.34
N TRP C 157 11.65 -7.75 2.29
CA TRP C 157 11.69 -6.67 3.27
C TRP C 157 11.43 -7.19 4.67
N VAL C 158 10.72 -8.32 4.79
CA VAL C 158 10.37 -8.88 6.09
C VAL C 158 11.61 -9.30 6.85
N ALA C 159 12.70 -9.61 6.15
CA ALA C 159 13.95 -9.98 6.80
C ALA C 159 14.58 -8.82 7.55
N ALA C 160 14.07 -7.59 7.37
CA ALA C 160 14.68 -6.44 8.04
C ALA C 160 14.46 -6.46 9.56
N LEU C 161 13.53 -7.28 10.05
CA LEU C 161 13.26 -7.36 11.48
C LEU C 161 13.99 -8.55 12.11
N THR D 3 30.73 18.11 -1.75
CA THR D 3 30.00 17.76 -2.97
C THR D 3 29.06 16.58 -2.71
N MET D 4 28.21 16.27 -3.70
CA MET D 4 27.21 15.24 -3.53
C MET D 4 27.84 13.85 -3.40
N GLY D 5 28.94 13.60 -4.11
CA GLY D 5 29.65 12.35 -3.94
C GLY D 5 30.20 12.17 -2.53
N GLN D 6 30.72 13.25 -1.95
CA GLN D 6 31.20 13.20 -0.58
C GLN D 6 30.06 12.96 0.39
N VAL D 7 28.89 13.56 0.12
CA VAL D 7 27.71 13.31 0.94
C VAL D 7 27.32 11.84 0.86
N GLY D 8 27.39 11.26 -0.33
CA GLY D 8 27.09 9.84 -0.47
C GLY D 8 28.07 8.96 0.29
N ARG D 9 29.36 9.30 0.24
CA ARG D 9 30.37 8.54 0.99
C ARG D 9 30.13 8.64 2.49
N GLN D 10 29.79 9.85 2.97
CA GLN D 10 29.50 10.02 4.39
C GLN D 10 28.27 9.21 4.80
N LEU D 11 27.23 9.23 3.96
CA LEU D 11 26.06 8.39 4.22
C LEU D 11 26.43 6.91 4.21
N ALA D 12 27.37 6.51 3.35
CA ALA D 12 27.85 5.13 3.37
C ALA D 12 28.50 4.80 4.69
N ILE D 13 29.25 5.76 5.26
CA ILE D 13 29.87 5.55 6.56
C ILE D 13 28.81 5.33 7.63
N ILE D 14 27.81 6.21 7.69
CA ILE D 14 26.78 6.03 8.72
C ILE D 14 26.00 4.74 8.49
N GLY D 15 25.79 4.36 7.22
CA GLY D 15 25.10 3.11 6.94
C GLY D 15 25.89 1.90 7.41
N ASP D 16 27.20 1.90 7.18
CA ASP D 16 28.06 0.87 7.75
C ASP D 16 27.96 0.86 9.27
N ASP D 17 27.82 2.04 9.88
CA ASP D 17 27.65 2.11 11.33
C ASP D 17 26.41 1.34 11.78
N ILE D 18 25.33 1.41 11.01
CA ILE D 18 24.08 0.75 11.42
C ILE D 18 24.13 -0.70 10.95
N ASN D 19 24.84 -1.55 11.69
CA ASN D 19 25.10 -2.90 11.23
C ASN D 19 25.89 -3.70 12.26
N ALA E 2 -11.27 17.78 48.28
CA ALA E 2 -10.81 16.95 49.39
C ALA E 2 -10.62 15.51 48.93
N SER E 3 -11.58 14.65 49.26
CA SER E 3 -11.57 13.28 48.78
C SER E 3 -12.16 13.15 47.38
N GLU E 4 -12.46 14.27 46.72
CA GLU E 4 -12.71 14.25 45.28
C GLU E 4 -11.42 13.99 44.52
N GLU E 5 -10.34 14.67 44.91
CA GLU E 5 -9.05 14.44 44.26
C GLU E 5 -8.56 13.02 44.47
N GLN E 6 -8.91 12.42 45.62
CA GLN E 6 -8.57 11.02 45.87
C GLN E 6 -9.26 10.10 44.86
N VAL E 7 -10.56 10.30 44.66
CA VAL E 7 -11.28 9.52 43.64
C VAL E 7 -10.67 9.78 42.26
N ALA E 8 -10.29 11.02 41.97
CA ALA E 8 -9.72 11.35 40.68
C ALA E 8 -8.41 10.60 40.44
N GLN E 9 -7.57 10.51 41.48
CA GLN E 9 -6.34 9.74 41.36
C GLN E 9 -6.61 8.24 41.22
N ASP E 10 -7.57 7.72 42.00
CA ASP E 10 -7.95 6.31 41.88
C ASP E 10 -8.43 5.98 40.47
N THR E 11 -9.06 6.94 39.81
CA THR E 11 -9.60 6.72 38.46
C THR E 11 -8.53 6.25 37.49
N GLU E 12 -7.31 6.77 37.61
CA GLU E 12 -6.24 6.33 36.72
C GLU E 12 -6.04 4.82 36.79
N GLU E 13 -5.88 4.28 37.99
CA GLU E 13 -5.66 2.85 38.14
C GLU E 13 -6.90 2.05 37.74
N VAL E 14 -8.09 2.58 38.07
CA VAL E 14 -9.33 1.91 37.67
C VAL E 14 -9.40 1.76 36.16
N PHE E 15 -9.16 2.85 35.43
CA PHE E 15 -9.27 2.82 33.98
C PHE E 15 -8.18 1.95 33.36
N ARG E 16 -6.96 2.01 33.90
CA ARG E 16 -5.89 1.18 33.36
C ARG E 16 -6.21 -0.31 33.52
N SER E 17 -6.69 -0.70 34.70
CA SER E 17 -7.06 -2.09 34.91
C SER E 17 -8.24 -2.51 34.02
N TYR E 18 -9.25 -1.63 33.91
CA TYR E 18 -10.36 -1.88 33.00
C TYR E 18 -9.87 -2.14 31.58
N VAL E 19 -8.98 -1.28 31.08
CA VAL E 19 -8.47 -1.44 29.72
C VAL E 19 -7.74 -2.77 29.59
N PHE E 20 -6.88 -3.08 30.56
CA PHE E 20 -6.12 -4.34 30.51
C PHE E 20 -7.06 -5.54 30.42
N TYR E 21 -8.03 -5.61 31.32
CA TYR E 21 -8.85 -6.82 31.39
C TYR E 21 -9.82 -6.91 30.22
N ARG E 22 -10.37 -5.78 29.78
CA ARG E 22 -11.24 -5.79 28.61
C ARG E 22 -10.48 -6.25 27.38
N HIS E 23 -9.25 -5.77 27.20
CA HIS E 23 -8.46 -6.20 26.05
C HIS E 23 -8.11 -7.67 26.16
N GLN E 24 -7.75 -8.13 27.36
CA GLN E 24 -7.38 -9.53 27.53
C GLN E 24 -8.54 -10.45 27.19
N GLN E 25 -9.75 -10.14 27.66
CA GLN E 25 -10.86 -11.02 27.34
C GLN E 25 -11.33 -10.84 25.89
N GLU E 26 -11.06 -9.70 25.27
CA GLU E 26 -11.31 -9.59 23.83
C GLU E 26 -10.32 -10.40 23.01
N GLN E 27 -9.15 -10.71 23.57
CA GLN E 27 -8.23 -11.62 22.88
C GLN E 27 -8.68 -13.08 22.93
N GLU E 28 -9.50 -13.45 23.91
CA GLU E 28 -9.88 -14.84 24.11
C GLU E 28 -10.70 -15.39 22.94
N ALA E 36 -4.22 -7.17 18.25
CA ALA E 36 -3.77 -6.82 19.58
C ALA E 36 -3.28 -5.38 19.65
N ASP E 37 -3.24 -4.82 20.85
CA ASP E 37 -2.65 -3.50 21.10
C ASP E 37 -1.63 -3.71 22.21
N PRO E 38 -0.35 -3.83 21.86
CA PRO E 38 0.67 -4.13 22.87
C PRO E 38 0.71 -3.16 24.03
N GLU E 39 0.30 -1.90 23.82
CA GLU E 39 0.33 -0.93 24.91
C GLU E 39 -0.64 -1.28 26.02
N MET E 40 -1.64 -2.12 25.75
CA MET E 40 -2.65 -2.49 26.75
C MET E 40 -2.32 -3.80 27.47
N VAL E 41 -1.14 -4.37 27.24
CA VAL E 41 -0.76 -5.61 27.88
C VAL E 41 0.43 -5.45 28.83
N THR E 42 1.24 -4.40 28.69
CA THR E 42 2.37 -4.18 29.57
C THR E 42 2.10 -3.05 30.57
N LEU E 43 0.84 -2.81 30.91
CA LEU E 43 0.50 -1.71 31.80
C LEU E 43 0.93 -2.03 33.23
N PRO E 44 1.19 -0.99 34.03
CA PRO E 44 1.62 -1.21 35.43
C PRO E 44 0.62 -1.96 36.32
N LEU E 45 -0.43 -2.54 35.71
CA LEU E 45 -1.52 -3.23 36.41
C LEU E 45 -1.09 -4.02 37.64
N GLN E 46 -1.75 -3.77 38.77
CA GLN E 46 -1.57 -4.52 40.00
C GLN E 46 -2.86 -5.28 40.29
N PRO E 47 -2.96 -6.57 39.93
CA PRO E 47 -4.22 -7.29 40.10
C PRO E 47 -4.71 -7.37 41.54
N SER E 48 -3.82 -7.22 42.53
CA SER E 48 -4.21 -7.47 43.91
C SER E 48 -5.08 -6.35 44.47
N SER E 49 -4.80 -5.10 44.08
CA SER E 49 -5.33 -3.94 44.77
C SER E 49 -6.84 -3.82 44.61
N THR E 50 -7.42 -2.89 45.36
CA THR E 50 -8.86 -2.64 45.31
C THR E 50 -9.29 -2.06 43.96
N MET E 51 -8.53 -1.10 43.44
CA MET E 51 -8.93 -0.44 42.21
C MET E 51 -8.73 -1.35 41.01
N GLY E 52 -7.68 -2.18 41.03
CA GLY E 52 -7.54 -3.20 40.00
C GLY E 52 -8.74 -4.12 39.95
N GLN E 53 -9.21 -4.58 41.12
CA GLN E 53 -10.37 -5.46 41.16
C GLN E 53 -11.61 -4.75 40.63
N VAL E 54 -11.78 -3.48 40.99
CA VAL E 54 -12.93 -2.71 40.52
C VAL E 54 -12.89 -2.62 38.99
N GLY E 55 -11.72 -2.28 38.45
CA GLY E 55 -11.56 -2.23 37.01
C GLY E 55 -11.86 -3.56 36.33
N ARG E 56 -11.43 -4.66 36.94
CA ARG E 56 -11.64 -5.99 36.36
C ARG E 56 -13.13 -6.33 36.27
N GLN E 57 -13.85 -6.09 37.36
CA GLN E 57 -15.30 -6.37 37.39
C GLN E 57 -16.03 -5.49 36.37
N LEU E 58 -15.70 -4.19 36.36
CA LEU E 58 -16.30 -3.29 35.39
C LEU E 58 -15.95 -3.70 33.97
N ALA E 59 -14.76 -4.26 33.75
CA ALA E 59 -14.38 -4.74 32.43
C ALA E 59 -15.23 -5.94 32.01
N ILE E 60 -15.58 -6.81 32.95
CA ILE E 60 -16.50 -7.90 32.61
C ILE E 60 -17.82 -7.34 32.09
N ILE E 61 -18.44 -6.46 32.88
CA ILE E 61 -19.74 -5.95 32.43
C ILE E 61 -19.60 -5.13 31.15
N GLY E 62 -18.47 -4.44 30.98
CA GLY E 62 -18.26 -3.66 29.77
C GLY E 62 -18.09 -4.51 28.53
N ASP E 63 -17.43 -5.66 28.65
CA ASP E 63 -17.34 -6.58 27.53
C ASP E 63 -18.71 -7.08 27.13
N ASP E 64 -19.55 -7.39 28.13
CA ASP E 64 -20.94 -7.75 27.82
C ASP E 64 -21.62 -6.64 27.02
N ILE E 65 -21.51 -5.41 27.49
CA ILE E 65 -22.15 -4.29 26.80
C ILE E 65 -21.60 -4.14 25.38
N ASN E 66 -20.28 -4.21 25.23
CA ASN E 66 -19.65 -4.05 23.93
C ASN E 66 -20.12 -5.09 22.94
N ARG E 67 -20.36 -6.32 23.40
CA ARG E 67 -20.97 -7.29 22.50
C ARG E 67 -22.41 -6.94 22.18
N ARG E 68 -23.17 -6.44 23.17
CA ARG E 68 -24.57 -6.14 22.88
C ARG E 68 -24.74 -4.91 21.99
N TYR E 69 -23.80 -3.97 22.02
CA TYR E 69 -23.91 -2.72 21.28
C TYR E 69 -22.70 -2.51 20.36
N ASP E 70 -22.32 -3.56 19.63
CA ASP E 70 -21.14 -3.49 18.77
C ASP E 70 -21.29 -2.41 17.70
N SER E 71 -22.42 -2.42 16.99
CA SER E 71 -22.60 -1.51 15.86
C SER E 71 -22.64 -0.06 16.32
N GLU E 72 -23.25 0.23 17.47
CA GLU E 72 -23.27 1.60 17.98
C GLU E 72 -21.85 2.10 18.26
N PHE E 73 -21.06 1.28 18.95
CA PHE E 73 -19.69 1.66 19.29
C PHE E 73 -18.82 1.78 18.04
N GLN E 74 -19.16 1.05 16.98
CA GLN E 74 -18.45 1.19 15.71
C GLN E 74 -18.84 2.48 15.01
N THR E 75 -20.15 2.76 14.94
CA THR E 75 -20.64 4.00 14.34
C THR E 75 -20.02 5.23 14.98
N MET E 76 -19.97 5.25 16.33
CA MET E 76 -19.34 6.36 17.06
C MET E 76 -18.06 6.87 16.40
N LEU E 77 -17.15 5.96 16.06
CA LEU E 77 -15.80 6.33 15.64
C LEU E 77 -15.73 7.02 14.28
N GLN E 78 -16.86 7.20 13.58
CA GLN E 78 -16.82 7.94 12.32
C GLN E 78 -16.39 9.39 12.52
N HIS E 79 -16.59 9.93 13.73
CA HIS E 79 -16.21 11.31 14.01
C HIS E 79 -14.75 11.43 14.43
N LEU E 80 -14.08 10.31 14.68
CA LEU E 80 -12.66 10.31 14.99
C LEU E 80 -11.86 10.28 13.69
N GLN E 81 -11.17 11.39 13.40
CA GLN E 81 -10.42 11.52 12.16
C GLN E 81 -9.40 10.38 12.06
N PRO E 82 -8.99 10.01 10.83
CA PRO E 82 -8.08 8.85 10.70
C PRO E 82 -6.73 9.10 11.35
N THR E 83 -6.40 10.35 11.62
CA THR E 83 -5.29 10.77 12.47
C THR E 83 -5.89 10.80 13.87
N ALA E 84 -5.30 11.52 14.81
CA ALA E 84 -5.99 11.62 16.10
C ALA E 84 -6.17 13.08 16.50
N GLU E 85 -6.26 13.96 15.51
CA GLU E 85 -6.18 15.40 15.75
C GLU E 85 -7.36 15.95 16.55
N ASN E 86 -8.50 15.27 16.56
CA ASN E 86 -9.66 15.72 17.33
C ASN E 86 -10.00 14.78 18.47
N ALA E 87 -9.06 13.93 18.87
CA ALA E 87 -9.29 12.98 19.96
C ALA E 87 -9.90 13.68 21.18
N TYR E 88 -9.29 14.79 21.61
CA TYR E 88 -9.83 15.54 22.72
C TYR E 88 -11.22 16.07 22.42
N GLU E 89 -11.41 16.70 21.25
CA GLU E 89 -12.70 17.27 20.92
C GLU E 89 -13.77 16.18 20.85
N TYR E 90 -13.46 15.08 20.15
CA TYR E 90 -14.38 13.97 20.02
C TYR E 90 -14.80 13.42 21.39
N PHE E 91 -13.82 13.07 22.20
CA PHE E 91 -14.06 12.58 23.56
C PHE E 91 -14.91 13.57 24.36
N THR E 92 -14.48 14.83 24.41
CA THR E 92 -15.14 15.84 25.23
C THR E 92 -16.60 15.99 24.83
N LYS E 93 -16.87 16.16 23.53
CA LYS E 93 -18.24 16.38 23.10
C LYS E 93 -19.13 15.19 23.43
N ILE E 94 -18.64 13.98 23.14
CA ILE E 94 -19.48 12.80 23.37
C ILE E 94 -19.73 12.59 24.85
N ALA E 95 -18.67 12.67 25.68
CA ALA E 95 -18.85 12.47 27.11
C ALA E 95 -19.73 13.55 27.74
N THR E 96 -19.60 14.80 27.27
CA THR E 96 -20.42 15.88 27.81
C THR E 96 -21.89 15.63 27.52
N SER E 97 -22.20 15.19 26.29
CA SER E 97 -23.58 14.82 26.00
C SER E 97 -24.01 13.62 26.84
N LEU E 98 -23.11 12.66 27.03
CA LEU E 98 -23.41 11.50 27.88
C LEU E 98 -23.87 11.93 29.27
N PHE E 99 -23.21 12.92 29.86
CA PHE E 99 -23.48 13.26 31.25
C PHE E 99 -24.28 14.55 31.43
N GLU E 100 -24.77 15.17 30.36
CA GLU E 100 -25.54 16.39 30.53
C GLU E 100 -26.85 16.15 31.28
N SER E 101 -27.40 14.93 31.21
CA SER E 101 -28.68 14.63 31.83
C SER E 101 -28.54 13.92 33.18
N GLY E 102 -27.33 13.84 33.72
CA GLY E 102 -27.11 13.34 35.05
C GLY E 102 -26.09 12.22 35.10
N ILE E 103 -25.86 11.71 36.30
CA ILE E 103 -24.83 10.72 36.57
C ILE E 103 -25.46 9.50 37.25
N ASN E 104 -25.07 8.32 36.78
CA ASN E 104 -25.32 7.08 37.51
C ASN E 104 -24.18 6.12 37.21
N TRP E 105 -24.15 5.00 37.94
CA TRP E 105 -23.05 4.05 37.79
C TRP E 105 -22.98 3.51 36.37
N GLY E 106 -24.14 3.22 35.77
CA GLY E 106 -24.16 2.74 34.41
C GLY E 106 -23.49 3.69 33.43
N ARG E 107 -23.75 4.99 33.57
CA ARG E 107 -23.14 5.96 32.68
C ARG E 107 -21.64 6.06 32.90
N VAL E 108 -21.18 5.90 34.14
CA VAL E 108 -19.74 5.80 34.41
C VAL E 108 -19.13 4.63 33.66
N VAL E 109 -19.77 3.46 33.75
CA VAL E 109 -19.25 2.28 33.05
C VAL E 109 -19.23 2.52 31.54
N ALA E 110 -20.26 3.19 31.03
CA ALA E 110 -20.30 3.51 29.61
C ALA E 110 -19.15 4.44 29.22
N LEU E 111 -18.86 5.43 30.07
CA LEU E 111 -17.71 6.30 29.83
C LEU E 111 -16.42 5.51 29.78
N LEU E 112 -16.26 4.55 30.69
CA LEU E 112 -15.06 3.71 30.68
C LEU E 112 -14.93 2.94 29.36
N GLY E 113 -16.04 2.35 28.90
CA GLY E 113 -15.98 1.62 27.64
C GLY E 113 -15.71 2.53 26.45
N PHE E 114 -16.25 3.74 26.50
CA PHE E 114 -15.99 4.73 25.46
C PHE E 114 -14.50 5.07 25.39
N GLY E 115 -13.90 5.36 26.54
CA GLY E 115 -12.46 5.62 26.58
C GLY E 115 -11.64 4.44 26.07
N TYR E 116 -12.03 3.22 26.46
CA TYR E 116 -11.31 2.04 25.99
C TYR E 116 -11.33 1.96 24.47
N ARG E 117 -12.51 2.10 23.87
CA ARG E 117 -12.61 1.99 22.42
C ARG E 117 -11.88 3.14 21.72
N LEU E 118 -11.88 4.33 22.32
CA LEU E 118 -11.15 5.45 21.72
C LEU E 118 -9.65 5.15 21.68
N ALA E 119 -9.07 4.73 22.82
CA ALA E 119 -7.65 4.41 22.84
C ALA E 119 -7.31 3.28 21.88
N LEU E 120 -8.15 2.23 21.85
CA LEU E 120 -7.85 1.10 20.99
C LEU E 120 -7.87 1.52 19.53
N HIS E 121 -8.86 2.32 19.15
CA HIS E 121 -8.95 2.73 17.76
C HIS E 121 -7.82 3.67 17.36
N VAL E 122 -7.46 4.61 18.23
CA VAL E 122 -6.35 5.49 17.88
C VAL E 122 -5.08 4.68 17.71
N TYR E 123 -4.92 3.59 18.46
CA TYR E 123 -3.78 2.71 18.19
C TYR E 123 -3.94 2.02 16.84
N GLN E 124 -5.13 1.50 16.54
CA GLN E 124 -5.35 0.81 15.28
C GLN E 124 -5.16 1.71 14.07
N HIS E 125 -5.35 3.02 14.23
CA HIS E 125 -5.05 3.98 13.17
C HIS E 125 -3.58 4.39 13.13
N GLY E 126 -2.71 3.70 13.87
CA GLY E 126 -1.28 3.91 13.78
C GLY E 126 -0.70 4.98 14.67
N LEU E 127 -1.48 5.57 15.58
CA LEU E 127 -0.94 6.51 16.55
C LEU E 127 -0.56 5.74 17.81
N THR E 128 0.73 5.67 18.11
CA THR E 128 1.24 4.93 19.24
C THR E 128 1.46 5.83 20.44
N GLY E 129 1.56 5.20 21.62
CA GLY E 129 1.87 5.92 22.85
C GLY E 129 0.82 6.91 23.28
N PHE E 130 -0.44 6.66 22.97
CA PHE E 130 -1.53 7.58 23.26
C PHE E 130 -2.41 7.13 24.42
N LEU E 131 -2.22 5.91 24.93
CA LEU E 131 -3.09 5.40 25.98
C LEU E 131 -3.03 6.28 27.24
N GLY E 132 -1.87 6.84 27.54
CA GLY E 132 -1.76 7.75 28.67
C GLY E 132 -2.61 8.99 28.49
N GLN E 133 -2.65 9.52 27.27
CA GLN E 133 -3.43 10.72 27.01
C GLN E 133 -4.93 10.45 27.15
N VAL E 134 -5.39 9.28 26.72
CA VAL E 134 -6.79 8.91 26.91
C VAL E 134 -7.10 8.70 28.39
N THR E 135 -6.18 8.09 29.13
CA THR E 135 -6.37 7.97 30.57
C THR E 135 -6.51 9.34 31.22
N ARG E 136 -5.67 10.29 30.80
CA ARG E 136 -5.79 11.65 31.30
C ARG E 136 -7.11 12.28 30.90
N PHE E 137 -7.55 12.04 29.66
CA PHE E 137 -8.88 12.48 29.24
C PHE E 137 -9.94 12.04 30.23
N VAL E 138 -9.94 10.74 30.54
CA VAL E 138 -10.99 10.18 31.39
C VAL E 138 -10.91 10.78 32.81
N VAL E 139 -9.70 10.79 33.38
CA VAL E 139 -9.54 11.31 34.74
C VAL E 139 -9.97 12.77 34.83
N ASP E 140 -9.49 13.60 33.91
CA ASP E 140 -9.78 15.02 33.98
C ASP E 140 -11.26 15.31 33.72
N PHE E 141 -11.87 14.58 32.77
CA PHE E 141 -13.30 14.76 32.55
C PHE E 141 -14.09 14.41 33.81
N MET E 142 -13.78 13.26 34.41
CA MET E 142 -14.49 12.87 35.62
C MET E 142 -14.27 13.87 36.75
N LEU E 143 -13.10 14.51 36.79
CA LEU E 143 -12.86 15.53 37.81
C LEU E 143 -13.70 16.78 37.55
N HIS E 144 -13.67 17.30 36.32
CA HIS E 144 -14.29 18.58 36.03
C HIS E 144 -15.78 18.51 35.74
N HIS E 145 -16.35 17.31 35.66
CA HIS E 145 -17.78 17.15 35.41
C HIS E 145 -18.50 16.54 36.59
N SER E 146 -17.91 16.62 37.78
CA SER E 146 -18.50 16.21 39.06
C SER E 146 -18.69 14.70 39.16
N ILE E 147 -18.12 13.93 38.24
CA ILE E 147 -18.23 12.48 38.34
C ILE E 147 -17.42 11.97 39.51
N ALA E 148 -16.24 12.54 39.73
CA ALA E 148 -15.40 12.14 40.86
C ALA E 148 -16.08 12.50 42.18
N ARG E 149 -16.71 13.68 42.26
CA ARG E 149 -17.42 14.07 43.47
C ARG E 149 -18.60 13.15 43.72
N TRP E 150 -19.30 12.77 42.66
CA TRP E 150 -20.44 11.84 42.79
C TRP E 150 -19.98 10.50 43.33
N ILE E 151 -18.94 9.93 42.72
CA ILE E 151 -18.42 8.64 43.17
C ILE E 151 -17.91 8.72 44.60
N ALA E 152 -17.23 9.82 44.95
CA ALA E 152 -16.80 10.01 46.33
C ALA E 152 -17.99 10.08 47.27
N GLN E 153 -19.06 10.76 46.87
CA GLN E 153 -20.22 10.88 47.73
C GLN E 153 -20.98 9.57 47.85
N ARG E 154 -20.74 8.61 46.95
CA ARG E 154 -21.30 7.27 47.11
C ARG E 154 -20.28 6.25 47.60
N GLY E 155 -19.16 6.71 48.15
CA GLY E 155 -18.21 5.83 48.83
C GLY E 155 -16.93 5.52 48.10
N GLY E 156 -16.63 6.24 47.03
CA GLY E 156 -15.41 5.99 46.31
C GLY E 156 -15.60 4.91 45.27
N TRP E 157 -14.51 4.64 44.55
CA TRP E 157 -14.55 3.64 43.49
C TRP E 157 -14.83 2.25 44.05
N VAL E 158 -14.49 2.01 45.31
CA VAL E 158 -14.65 0.68 45.90
C VAL E 158 -16.13 0.31 45.99
N ALA E 159 -17.02 1.30 46.06
CA ALA E 159 -18.43 0.99 46.13
C ALA E 159 -18.93 0.34 44.85
N ALA E 160 -18.19 0.50 43.74
CA ALA E 160 -18.54 -0.18 42.50
C ALA E 160 -18.45 -1.69 42.63
N LEU E 161 -17.83 -2.21 43.69
CA LEU E 161 -17.87 -3.65 43.91
C LEU E 161 -19.22 -4.14 44.40
N ASN E 162 -20.20 -3.26 44.59
CA ASN E 162 -21.55 -3.66 44.93
C ASN E 162 -22.47 -3.81 43.72
N LEU E 163 -21.92 -3.79 42.52
CA LEU E 163 -22.71 -3.97 41.31
C LEU E 163 -22.88 -5.46 41.00
N CYS E 164 -23.82 -5.74 40.11
CA CYS E 164 -24.25 -7.12 39.84
C CYS E 164 -23.26 -7.81 38.91
N ASN E 165 -23.68 -8.97 38.38
CA ASN E 165 -22.82 -9.90 37.66
C ASN E 165 -21.76 -10.43 38.61
N SER F 2 -25.96 11.14 14.06
CA SER F 2 -25.27 11.89 13.01
C SER F 2 -24.17 12.78 13.60
N THR F 3 -24.43 13.33 14.77
CA THR F 3 -23.53 14.29 15.40
C THR F 3 -23.00 13.76 16.72
N MET F 4 -21.94 14.39 17.21
CA MET F 4 -21.24 13.91 18.40
C MET F 4 -22.12 14.07 19.64
N GLY F 5 -22.86 15.18 19.74
CA GLY F 5 -23.81 15.32 20.83
C GLY F 5 -24.85 14.22 20.84
N GLN F 6 -25.33 13.85 19.66
CA GLN F 6 -26.27 12.74 19.56
C GLN F 6 -25.62 11.43 19.99
N VAL F 7 -24.34 11.25 19.65
CA VAL F 7 -23.61 10.06 20.08
C VAL F 7 -23.56 10.00 21.59
N GLY F 8 -23.30 11.14 22.24
CA GLY F 8 -23.29 11.17 23.69
C GLY F 8 -24.66 10.87 24.29
N ARG F 9 -25.72 11.40 23.69
CA ARG F 9 -27.06 11.13 24.19
C ARG F 9 -27.40 9.64 24.08
N GLN F 10 -27.02 9.01 22.96
CA GLN F 10 -27.25 7.59 22.79
C GLN F 10 -26.45 6.76 23.80
N LEU F 11 -25.19 7.16 24.03
CA LEU F 11 -24.41 6.51 25.09
C LEU F 11 -25.06 6.70 26.45
N ALA F 12 -25.71 7.84 26.68
CA ALA F 12 -26.43 8.04 27.94
C ALA F 12 -27.60 7.07 28.06
N ILE F 13 -28.30 6.83 26.96
CA ILE F 13 -29.36 5.82 26.96
C ILE F 13 -28.80 4.46 27.33
N ILE F 14 -27.69 4.07 26.70
CA ILE F 14 -27.09 2.77 26.98
C ILE F 14 -26.65 2.69 28.44
N GLY F 15 -26.09 3.78 28.96
CA GLY F 15 -25.64 3.79 30.34
C GLY F 15 -26.80 3.68 31.32
N ASP F 16 -27.93 4.31 31.01
CA ASP F 16 -29.09 4.15 31.87
C ASP F 16 -29.61 2.73 31.83
N ASP F 17 -29.53 2.07 30.66
CA ASP F 17 -29.90 0.66 30.59
C ASP F 17 -29.04 -0.18 31.50
N ILE F 18 -27.71 0.00 31.42
CA ILE F 18 -26.83 -0.84 32.22
C ILE F 18 -26.90 -0.46 33.70
N ASN F 19 -27.32 0.78 34.00
CA ASN F 19 -27.58 1.15 35.39
C ASN F 19 -28.83 0.44 35.91
N ARG F 20 -29.85 0.28 35.06
CA ARG F 20 -31.02 -0.49 35.48
C ARG F 20 -30.72 -1.98 35.57
N ARG F 21 -29.66 -2.45 34.90
CA ARG F 21 -29.39 -3.88 34.90
C ARG F 21 -28.37 -4.30 35.94
N TYR F 22 -27.58 -3.36 36.47
CA TYR F 22 -26.58 -3.65 37.50
C TYR F 22 -26.76 -2.73 38.70
N GLY F 23 -27.99 -2.27 38.94
CA GLY F 23 -28.26 -1.35 40.02
C GLY F 23 -28.67 -2.00 41.33
N GLY F 24 -29.68 -2.87 41.27
CA GLY F 24 -30.27 -3.45 42.46
C GLY F 24 -29.42 -4.52 43.12
N CYS F 25 -28.19 -4.18 43.47
CA CYS F 25 -27.31 -5.12 44.15
C CYS F 25 -26.66 -4.46 45.36
N SER G 3 23.32 12.17 31.10
CA SER G 3 22.10 11.40 30.89
C SER G 3 22.20 10.02 31.55
N GLU G 4 22.69 10.00 32.78
CA GLU G 4 22.63 8.77 33.58
C GLU G 4 21.21 8.51 34.06
N GLU G 5 20.55 9.55 34.57
CA GLU G 5 19.17 9.40 35.00
C GLU G 5 18.25 9.06 33.84
N GLN G 6 18.59 9.55 32.64
CA GLN G 6 17.81 9.20 31.45
C GLN G 6 17.87 7.70 31.19
N VAL G 7 19.08 7.12 31.23
CA VAL G 7 19.22 5.68 31.08
C VAL G 7 18.49 4.96 32.20
N ALA G 8 18.57 5.48 33.43
CA ALA G 8 17.91 4.82 34.57
C ALA G 8 16.40 4.78 34.38
N GLN G 9 15.81 5.88 33.89
CA GLN G 9 14.37 5.88 33.61
C GLN G 9 14.03 4.97 32.44
N ASP G 10 14.86 4.97 31.39
CA ASP G 10 14.65 4.09 30.25
C ASP G 10 14.64 2.62 30.67
N THR G 11 15.43 2.29 31.70
CA THR G 11 15.57 0.91 32.16
C THR G 11 14.23 0.27 32.49
N GLU G 12 13.30 1.04 33.09
CA GLU G 12 11.99 0.48 33.41
C GLU G 12 11.29 -0.08 32.17
N GLU G 13 11.19 0.74 31.12
CA GLU G 13 10.50 0.27 29.92
C GLU G 13 11.27 -0.85 29.24
N VAL G 14 12.61 -0.77 29.28
CA VAL G 14 13.42 -1.84 28.70
C VAL G 14 13.10 -3.17 29.38
N PHE G 15 13.10 -3.18 30.72
CA PHE G 15 12.86 -4.42 31.46
C PHE G 15 11.43 -4.91 31.29
N ARG G 16 10.46 -4.00 31.23
CA ARG G 16 9.07 -4.44 31.06
C ARG G 16 8.86 -5.07 29.69
N SER G 17 9.43 -4.46 28.64
CA SER G 17 9.35 -5.07 27.31
C SER G 17 10.07 -6.41 27.26
N TYR G 18 11.26 -6.48 27.88
CA TYR G 18 11.99 -7.75 27.98
C TYR G 18 11.12 -8.83 28.61
N VAL G 19 10.48 -8.51 29.74
CA VAL G 19 9.63 -9.48 30.43
C VAL G 19 8.50 -9.93 29.52
N PHE G 20 7.84 -8.96 28.88
CA PHE G 20 6.71 -9.29 28.00
C PHE G 20 7.13 -10.27 26.90
N TYR G 21 8.19 -9.94 26.16
CA TYR G 21 8.53 -10.76 25.00
C TYR G 21 9.12 -12.10 25.41
N ARG G 22 9.95 -12.12 26.47
CA ARG G 22 10.49 -13.39 26.96
C ARG G 22 9.36 -14.30 27.42
N HIS G 23 8.35 -13.76 28.10
CA HIS G 23 7.23 -14.57 28.51
C HIS G 23 6.42 -15.06 27.31
N GLN G 24 6.23 -14.19 26.31
CA GLN G 24 5.44 -14.58 25.14
C GLN G 24 6.08 -15.77 24.41
N GLN G 25 7.39 -15.69 24.17
CA GLN G 25 8.00 -16.79 23.42
C GLN G 25 8.16 -18.06 24.25
N GLU G 26 8.20 -17.96 25.58
CA GLU G 26 8.15 -19.16 26.41
C GLU G 26 6.76 -19.79 26.40
N PRO G 47 5.13 -3.33 18.73
CA PRO G 47 6.47 -3.28 19.31
C PRO G 47 7.09 -1.88 19.29
N SER G 48 6.31 -0.89 19.64
CA SER G 48 6.72 0.50 19.60
C SER G 48 7.74 0.82 20.60
N SER G 49 8.37 1.97 20.43
CA SER G 49 9.37 2.57 21.31
C SER G 49 10.74 2.05 21.10
N THR G 50 11.71 2.89 21.27
CA THR G 50 13.04 2.47 21.03
C THR G 50 13.48 1.56 22.07
N MET G 51 12.91 1.70 23.22
CA MET G 51 13.26 0.88 24.38
C MET G 51 12.52 -0.45 24.36
N GLY G 52 11.29 -0.46 23.87
CA GLY G 52 10.61 -1.73 23.61
C GLY G 52 11.37 -2.62 22.65
N GLN G 53 11.88 -2.02 21.57
CA GLN G 53 12.65 -2.80 20.60
C GLN G 53 13.92 -3.38 21.24
N VAL G 54 14.60 -2.57 22.06
CA VAL G 54 15.79 -3.04 22.74
C VAL G 54 15.44 -4.20 23.66
N GLY G 55 14.36 -4.05 24.43
CA GLY G 55 13.89 -5.12 25.28
C GLY G 55 13.57 -6.40 24.52
N ARG G 56 12.97 -6.26 23.33
CA ARG G 56 12.58 -7.44 22.55
C ARG G 56 13.81 -8.19 22.02
N GLN G 57 14.77 -7.45 21.47
CA GLN G 57 16.00 -8.09 21.00
C GLN G 57 16.72 -8.79 22.17
N LEU G 58 16.84 -8.09 23.29
CA LEU G 58 17.46 -8.67 24.46
C LEU G 58 16.69 -9.89 24.95
N ALA G 59 15.36 -9.87 24.81
CA ALA G 59 14.55 -11.02 25.19
C ALA G 59 14.83 -12.23 24.31
N ILE G 60 15.06 -12.00 23.01
CA ILE G 60 15.47 -13.11 22.14
C ILE G 60 16.76 -13.74 22.66
N ILE G 61 17.79 -12.93 22.85
CA ILE G 61 19.07 -13.50 23.29
C ILE G 61 18.94 -14.11 24.68
N GLY G 62 18.09 -13.53 25.53
CA GLY G 62 17.91 -14.06 26.87
C GLY G 62 17.19 -15.39 26.89
N ASP G 63 16.25 -15.60 25.96
CA ASP G 63 15.61 -16.90 25.84
C ASP G 63 16.60 -17.95 25.39
N ASP G 64 17.47 -17.61 24.43
CA ASP G 64 18.54 -18.52 24.07
C ASP G 64 19.37 -18.90 25.29
N ILE G 65 19.76 -17.92 26.09
CA ILE G 65 20.58 -18.20 27.27
C ILE G 65 19.81 -19.03 28.29
N ASN G 66 18.52 -18.72 28.49
CA ASN G 66 17.72 -19.46 29.45
C ASN G 66 17.58 -20.93 29.06
N ARG G 67 17.54 -21.22 27.77
CA ARG G 67 17.56 -22.62 27.37
C ARG G 67 18.95 -23.24 27.53
N ARG G 68 20.01 -22.47 27.29
CA ARG G 68 21.34 -23.06 27.48
C ARG G 68 21.75 -23.20 28.94
N TYR G 69 21.15 -22.43 29.84
CA TYR G 69 21.51 -22.46 31.26
C TYR G 69 20.29 -22.69 32.12
N ASP G 70 19.42 -23.60 31.67
CA ASP G 70 18.17 -23.88 32.38
C ASP G 70 18.41 -24.32 33.81
N SER G 71 19.34 -25.28 33.99
CA SER G 71 19.55 -25.87 35.31
C SER G 71 20.07 -24.84 36.30
N GLU G 72 20.97 -23.96 35.85
CA GLU G 72 21.48 -22.92 36.73
C GLU G 72 20.37 -21.99 37.20
N PHE G 73 19.54 -21.54 36.26
CA PHE G 73 18.47 -20.60 36.58
C PHE G 73 17.41 -21.24 37.47
N GLN G 74 17.22 -22.56 37.36
CA GLN G 74 16.30 -23.24 38.26
C GLN G 74 16.91 -23.43 39.65
N THR G 75 18.17 -23.86 39.70
CA THR G 75 18.87 -24.02 40.98
C THR G 75 18.86 -22.73 41.79
N MET G 76 19.13 -21.60 41.13
CA MET G 76 19.10 -20.29 41.78
C MET G 76 17.96 -20.13 42.78
N LEU G 77 16.75 -20.48 42.36
CA LEU G 77 15.52 -20.15 43.08
C LEU G 77 15.36 -20.92 44.39
N GLN G 78 16.28 -21.83 44.75
CA GLN G 78 16.19 -22.48 46.05
C GLN G 78 16.34 -21.48 47.19
N HIS G 79 17.01 -20.35 46.96
CA HIS G 79 17.18 -19.33 47.99
C HIS G 79 16.01 -18.36 48.04
N LEU G 80 15.11 -18.40 47.07
CA LEU G 80 13.90 -17.57 47.05
C LEU G 80 12.81 -18.24 47.86
N GLN G 81 12.52 -17.72 49.05
CA GLN G 81 11.52 -18.33 49.89
C GLN G 81 10.17 -18.35 49.16
N PRO G 82 9.35 -19.38 49.40
CA PRO G 82 8.11 -19.52 48.62
C PRO G 82 7.09 -18.43 48.90
N THR G 83 7.24 -17.70 49.99
CA THR G 83 6.37 -16.56 50.27
C THR G 83 6.82 -15.28 49.60
N ALA G 84 8.11 -15.19 49.22
CA ALA G 84 8.73 -14.06 48.54
C ALA G 84 9.20 -13.01 49.55
N GLU G 85 9.26 -13.38 50.84
CA GLU G 85 9.56 -12.42 51.90
C GLU G 85 10.99 -11.90 51.83
N ASN G 86 11.88 -12.61 51.12
CA ASN G 86 13.27 -12.20 50.99
C ASN G 86 13.64 -11.83 49.56
N ALA G 87 12.64 -11.53 48.72
CA ALA G 87 12.89 -11.17 47.32
C ALA G 87 13.99 -10.13 47.19
N TYR G 88 13.91 -9.06 47.99
CA TYR G 88 14.91 -7.99 47.87
C TYR G 88 16.30 -8.49 48.27
N GLU G 89 16.40 -9.19 49.39
CA GLU G 89 17.69 -9.71 49.83
C GLU G 89 18.30 -10.64 48.79
N TYR G 90 17.49 -11.57 48.29
CA TYR G 90 17.94 -12.53 47.28
C TYR G 90 18.45 -11.81 46.03
N PHE G 91 17.62 -10.95 45.46
CA PHE G 91 18.02 -10.15 44.30
C PHE G 91 19.31 -9.39 44.56
N THR G 92 19.35 -8.62 45.65
CA THR G 92 20.48 -7.75 45.93
C THR G 92 21.77 -8.55 46.03
N LYS G 93 21.77 -9.61 46.83
CA LYS G 93 23.00 -10.38 47.03
C LYS G 93 23.48 -11.01 45.72
N ILE G 94 22.55 -11.61 44.96
CA ILE G 94 22.97 -12.29 43.74
C ILE G 94 23.49 -11.29 42.71
N ALA G 95 22.76 -10.19 42.51
CA ALA G 95 23.20 -9.18 41.53
C ALA G 95 24.52 -8.53 41.95
N THR G 96 24.71 -8.29 43.25
CA THR G 96 25.96 -7.69 43.71
C THR G 96 27.13 -8.62 43.44
N SER G 97 26.95 -9.91 43.67
CA SER G 97 28.00 -10.86 43.30
C SER G 97 28.20 -10.87 41.79
N LEU G 98 27.11 -10.78 41.02
CA LEU G 98 27.21 -10.72 39.56
C LEU G 98 28.11 -9.58 39.10
N PHE G 99 27.96 -8.41 39.70
CA PHE G 99 28.66 -7.22 39.21
C PHE G 99 29.86 -6.81 40.08
N GLU G 100 30.27 -7.67 41.02
CA GLU G 100 31.47 -7.38 41.80
C GLU G 100 32.72 -7.29 40.92
N SER G 101 32.77 -8.07 39.84
CA SER G 101 33.97 -8.18 39.01
C SER G 101 33.90 -7.35 37.74
N GLY G 102 32.89 -6.50 37.57
CA GLY G 102 32.83 -5.55 36.48
C GLY G 102 31.54 -5.64 35.71
N ILE G 103 31.45 -4.81 34.68
CA ILE G 103 30.23 -4.64 33.89
C ILE G 103 30.53 -4.87 32.42
N ASN G 104 29.67 -5.64 31.75
CA ASN G 104 29.64 -5.69 30.30
C ASN G 104 28.21 -5.95 29.86
N TRP G 105 27.97 -5.84 28.55
CA TRP G 105 26.61 -5.99 28.03
C TRP G 105 26.03 -7.36 28.36
N GLY G 106 26.85 -8.41 28.24
CA GLY G 106 26.39 -9.74 28.59
C GLY G 106 25.89 -9.84 30.02
N ARG G 107 26.61 -9.21 30.95
CA ARG G 107 26.20 -9.25 32.35
C ARG G 107 24.92 -8.48 32.57
N VAL G 108 24.72 -7.38 31.84
CA VAL G 108 23.45 -6.66 31.87
C VAL G 108 22.31 -7.57 31.43
N VAL G 109 22.51 -8.29 30.32
CA VAL G 109 21.48 -9.20 29.82
C VAL G 109 21.20 -10.30 30.84
N ALA G 110 22.25 -10.79 31.50
CA ALA G 110 22.08 -11.79 32.54
C ALA G 110 21.26 -11.25 33.70
N LEU G 111 21.51 -10.00 34.10
CA LEU G 111 20.71 -9.37 35.14
C LEU G 111 19.26 -9.27 34.74
N LEU G 112 19.00 -8.90 33.48
CA LEU G 112 17.62 -8.83 33.00
C LEU G 112 16.94 -10.19 33.09
N GLY G 113 17.62 -11.24 32.66
CA GLY G 113 17.04 -12.58 32.74
C GLY G 113 16.82 -13.03 34.18
N PHE G 114 17.73 -12.65 35.07
CA PHE G 114 17.59 -12.96 36.49
C PHE G 114 16.32 -12.30 37.06
N GLY G 115 16.14 -11.02 36.79
CA GLY G 115 14.93 -10.33 37.21
C GLY G 115 13.67 -10.96 36.64
N TYR G 116 13.71 -11.35 35.37
CA TYR G 116 12.55 -11.99 34.75
C TYR G 116 12.19 -13.28 35.47
N ARG G 117 13.20 -14.14 35.72
CA ARG G 117 12.92 -15.40 36.39
C ARG G 117 12.42 -15.18 37.81
N LEU G 118 12.93 -14.14 38.49
CA LEU G 118 12.45 -13.85 39.84
C LEU G 118 10.98 -13.48 39.84
N ALA G 119 10.59 -12.52 38.97
CA ALA G 119 9.19 -12.15 38.89
C ALA G 119 8.32 -13.34 38.50
N LEU G 120 8.77 -14.12 37.52
CA LEU G 120 7.97 -15.26 37.07
C LEU G 120 7.77 -16.26 38.19
N HIS G 121 8.82 -16.53 38.96
CA HIS G 121 8.69 -17.51 40.04
C HIS G 121 7.80 -17.00 41.17
N VAL G 122 7.93 -15.72 41.55
CA VAL G 122 7.04 -15.23 42.59
C VAL G 122 5.59 -15.31 42.12
N TYR G 123 5.36 -15.14 40.82
CA TYR G 123 4.03 -15.35 40.28
C TYR G 123 3.61 -16.82 40.38
N GLN G 124 4.51 -17.74 40.01
CA GLN G 124 4.19 -19.17 40.06
C GLN G 124 3.92 -19.66 41.48
N HIS G 125 4.49 -18.99 42.50
CA HIS G 125 4.16 -19.31 43.89
C HIS G 125 2.90 -18.62 44.39
N GLY G 126 2.12 -18.02 43.50
CA GLY G 126 0.82 -17.48 43.84
C GLY G 126 0.80 -16.05 44.36
N LEU G 127 1.94 -15.35 44.34
CA LEU G 127 1.96 -13.94 44.70
C LEU G 127 1.79 -13.12 43.44
N THR G 128 0.68 -12.39 43.36
CA THR G 128 0.36 -11.59 42.18
C THR G 128 0.77 -10.14 42.37
N GLY G 129 0.85 -9.42 41.25
CA GLY G 129 1.11 -7.99 41.30
C GLY G 129 2.48 -7.61 41.79
N PHE G 130 3.49 -8.44 41.55
CA PHE G 130 4.83 -8.22 42.08
C PHE G 130 5.80 -7.73 41.01
N LEU G 131 5.38 -7.72 39.74
CA LEU G 131 6.27 -7.36 38.65
C LEU G 131 6.79 -5.93 38.80
N GLY G 132 5.97 -5.03 39.33
CA GLY G 132 6.42 -3.67 39.54
C GLY G 132 7.56 -3.57 40.53
N GLN G 133 7.50 -4.35 41.61
CA GLN G 133 8.56 -4.27 42.60
C GLN G 133 9.88 -4.84 42.07
N VAL G 134 9.80 -5.90 41.25
CA VAL G 134 11.00 -6.44 40.61
C VAL G 134 11.57 -5.44 39.61
N THR G 135 10.69 -4.76 38.86
CA THR G 135 11.15 -3.69 37.98
C THR G 135 11.87 -2.60 38.76
N ARG G 136 11.32 -2.23 39.91
CA ARG G 136 11.98 -1.26 40.77
C ARG G 136 13.35 -1.78 41.22
N PHE G 137 13.40 -3.05 41.62
CA PHE G 137 14.67 -3.69 41.98
C PHE G 137 15.71 -3.48 40.89
N VAL G 138 15.34 -3.82 39.66
CA VAL G 138 16.30 -3.77 38.55
C VAL G 138 16.74 -2.33 38.29
N VAL G 139 15.77 -1.41 38.19
CA VAL G 139 16.10 -0.01 37.91
C VAL G 139 17.02 0.56 38.98
N ASP G 140 16.66 0.37 40.26
CA ASP G 140 17.44 0.97 41.34
C ASP G 140 18.82 0.34 41.43
N PHE G 141 18.93 -0.98 41.24
CA PHE G 141 20.25 -1.61 41.26
C PHE G 141 21.12 -1.06 40.15
N MET G 142 20.59 -1.00 38.93
CA MET G 142 21.38 -0.48 37.81
C MET G 142 21.79 0.96 38.02
N LEU G 143 20.95 1.75 38.69
CA LEU G 143 21.32 3.13 38.98
C LEU G 143 22.43 3.20 40.01
N HIS G 144 22.27 2.50 41.14
CA HIS G 144 23.20 2.64 42.26
C HIS G 144 24.46 1.79 42.13
N HIS G 145 24.56 0.94 41.12
CA HIS G 145 25.75 0.12 40.93
C HIS G 145 26.50 0.51 39.66
N SER G 146 26.30 1.74 39.19
CA SER G 146 27.02 2.35 38.07
C SER G 146 26.72 1.69 36.74
N ILE G 147 25.71 0.82 36.68
CA ILE G 147 25.34 0.20 35.40
C ILE G 147 24.74 1.24 34.46
N ALA G 148 23.92 2.13 35.02
CA ALA G 148 23.32 3.19 34.21
C ALA G 148 24.38 4.15 33.67
N ARG G 149 25.37 4.49 34.50
CA ARG G 149 26.44 5.37 34.03
C ARG G 149 27.26 4.71 32.93
N TRP G 150 27.55 3.41 33.08
CA TRP G 150 28.27 2.67 32.07
C TRP G 150 27.51 2.66 30.75
N ILE G 151 26.22 2.32 30.80
CA ILE G 151 25.40 2.27 29.60
C ILE G 151 25.30 3.65 28.95
N ALA G 152 25.15 4.70 29.78
CA ALA G 152 25.12 6.06 29.24
C ALA G 152 26.42 6.42 28.55
N GLN G 153 27.56 6.04 29.15
CA GLN G 153 28.84 6.39 28.53
C GLN G 153 29.12 5.59 27.28
N ARG G 154 28.39 4.50 27.05
CA ARG G 154 28.51 3.77 25.79
C ARG G 154 27.34 4.03 24.83
N GLY G 155 26.59 5.10 25.05
CA GLY G 155 25.62 5.57 24.09
C GLY G 155 24.17 5.28 24.42
N GLY G 156 23.85 4.92 25.66
CA GLY G 156 22.49 4.65 26.04
C GLY G 156 22.10 3.20 25.80
N TRP G 157 20.84 2.90 26.16
CA TRP G 157 20.33 1.55 26.00
C TRP G 157 20.30 1.11 24.55
N VAL G 158 20.22 2.06 23.61
CA VAL G 158 20.14 1.73 22.19
C VAL G 158 21.39 1.02 21.72
N ALA G 159 22.52 1.25 22.40
CA ALA G 159 23.77 0.59 22.03
C ALA G 159 23.74 -0.91 22.28
N ALA G 160 22.72 -1.41 22.99
CA ALA G 160 22.63 -2.85 23.22
C ALA G 160 22.35 -3.62 21.94
N LEU G 161 21.87 -2.95 20.89
CA LEU G 161 21.55 -3.61 19.63
C LEU G 161 22.79 -3.72 18.73
N SER H 1 25.53 -21.82 42.93
CA SER H 1 24.42 -22.73 43.20
C SER H 1 24.13 -22.86 44.69
N SER H 2 25.16 -23.16 45.47
CA SER H 2 24.97 -23.44 46.89
C SER H 2 24.65 -22.17 47.67
N THR H 3 25.41 -21.11 47.43
CA THR H 3 25.19 -19.83 48.10
C THR H 3 24.83 -18.77 47.07
N MET H 4 24.31 -17.64 47.57
CA MET H 4 23.88 -16.58 46.67
C MET H 4 25.07 -15.86 46.03
N GLY H 5 26.20 -15.76 46.73
CA GLY H 5 27.41 -15.23 46.11
C GLY H 5 27.92 -16.13 44.99
N GLN H 6 27.88 -17.44 45.22
CA GLN H 6 28.24 -18.40 44.17
C GLN H 6 27.30 -18.28 42.98
N VAL H 7 26.00 -18.07 43.25
CA VAL H 7 25.03 -17.87 42.18
C VAL H 7 25.38 -16.61 41.38
N GLY H 8 25.75 -15.54 42.07
CA GLY H 8 26.14 -14.32 41.38
C GLY H 8 27.38 -14.50 40.52
N ARG H 9 28.36 -15.25 41.03
CA ARG H 9 29.57 -15.49 40.24
C ARG H 9 29.26 -16.36 39.01
N GLN H 10 28.35 -17.33 39.15
CA GLN H 10 27.92 -18.11 38.00
C GLN H 10 27.19 -17.26 36.98
N LEU H 11 26.34 -16.33 37.45
CA LEU H 11 25.73 -15.38 36.54
C LEU H 11 26.78 -14.51 35.86
N ALA H 12 27.88 -14.21 36.57
CA ALA H 12 28.95 -13.43 35.96
C ALA H 12 29.59 -14.19 34.80
N ILE H 13 29.85 -15.49 34.98
CA ILE H 13 30.46 -16.23 33.88
C ILE H 13 29.49 -16.39 32.71
N ILE H 14 28.20 -16.56 33.01
CA ILE H 14 27.20 -16.62 31.93
C ILE H 14 27.16 -15.29 31.18
N GLY H 15 27.22 -14.17 31.90
CA GLY H 15 27.20 -12.87 31.24
C GLY H 15 28.43 -12.64 30.39
N ASP H 16 29.60 -13.10 30.86
CA ASP H 16 30.79 -12.99 30.02
C ASP H 16 30.67 -13.84 28.78
N ASP H 17 30.03 -15.01 28.88
CA ASP H 17 29.78 -15.82 27.70
C ASP H 17 28.91 -15.05 26.69
N ILE H 18 27.85 -14.42 27.19
CA ILE H 18 26.99 -13.62 26.31
C ILE H 18 27.79 -12.50 25.66
N ASN H 19 28.61 -11.80 26.46
CA ASN H 19 29.39 -10.70 25.95
C ASN H 19 30.37 -11.16 24.87
N ARG H 20 30.87 -12.40 24.99
CA ARG H 20 31.80 -12.90 23.99
C ARG H 20 31.10 -13.38 22.74
N ARG H 21 29.84 -13.82 22.86
CA ARG H 21 29.13 -14.40 21.72
C ARG H 21 28.17 -13.44 21.04
N TYR H 22 27.69 -12.42 21.75
CA TYR H 22 26.68 -11.51 21.22
C TYR H 22 27.22 -10.09 21.13
N SER I 1 18.70 7.33 -50.13
CA SER I 1 17.44 8.07 -50.22
C SER I 1 16.47 7.39 -51.18
N ALA I 2 15.21 7.25 -50.75
CA ALA I 2 14.13 6.59 -51.50
C ALA I 2 14.49 5.14 -51.84
N SER I 3 15.53 4.61 -51.19
CA SER I 3 15.76 3.18 -51.06
C SER I 3 16.04 2.97 -49.58
N GLU I 4 16.53 4.04 -48.95
CA GLU I 4 16.77 4.16 -47.52
C GLU I 4 15.52 4.66 -46.78
N GLU I 5 14.86 5.68 -47.34
CA GLU I 5 13.66 6.21 -46.73
C GLU I 5 12.53 5.19 -46.72
N GLN I 6 12.49 4.30 -47.72
CA GLN I 6 11.53 3.21 -47.72
C GLN I 6 11.75 2.29 -46.54
N VAL I 7 13.01 1.90 -46.30
CA VAL I 7 13.35 1.11 -45.13
C VAL I 7 12.98 1.84 -43.85
N ALA I 8 13.22 3.16 -43.82
CA ALA I 8 12.90 3.94 -42.63
C ALA I 8 11.42 3.92 -42.33
N GLN I 9 10.58 4.03 -43.37
CA GLN I 9 9.14 3.96 -43.17
C GLN I 9 8.72 2.55 -42.74
N ASP I 10 9.30 1.52 -43.36
CA ASP I 10 9.00 0.14 -42.96
C ASP I 10 9.35 -0.11 -41.49
N THR I 11 10.38 0.57 -40.98
CA THR I 11 10.84 0.38 -39.62
C THR I 11 9.72 0.58 -38.60
N GLU I 12 8.84 1.55 -38.83
CA GLU I 12 7.73 1.77 -37.90
C GLU I 12 6.90 0.51 -37.72
N GLU I 13 6.46 -0.10 -38.83
CA GLU I 13 5.62 -1.28 -38.74
C GLU I 13 6.39 -2.46 -38.18
N VAL I 14 7.67 -2.58 -38.56
CA VAL I 14 8.51 -3.65 -38.02
C VAL I 14 8.58 -3.55 -36.49
N PHE I 15 8.88 -2.35 -35.99
CA PHE I 15 9.04 -2.16 -34.54
C PHE I 15 7.72 -2.35 -33.80
N ARG I 16 6.61 -1.87 -34.37
CA ARG I 16 5.32 -2.04 -33.69
C ARG I 16 4.93 -3.52 -33.61
N SER I 17 5.14 -4.27 -34.69
CA SER I 17 4.86 -5.71 -34.64
C SER I 17 5.79 -6.42 -33.66
N TYR I 18 7.08 -6.07 -33.69
CA TYR I 18 8.03 -6.61 -32.72
C TYR I 18 7.55 -6.38 -31.29
N VAL I 19 7.14 -5.15 -30.98
CA VAL I 19 6.67 -4.84 -29.63
C VAL I 19 5.47 -5.70 -29.28
N PHE I 20 4.51 -5.80 -30.21
CA PHE I 20 3.31 -6.59 -29.95
C PHE I 20 3.67 -8.03 -29.60
N TYR I 21 4.47 -8.68 -30.45
CA TYR I 21 4.72 -10.11 -30.25
C TYR I 21 5.64 -10.37 -29.06
N ARG I 22 6.65 -9.51 -28.86
CA ARG I 22 7.51 -9.68 -27.70
C ARG I 22 6.72 -9.52 -26.41
N HIS I 23 5.81 -8.55 -26.36
CA HIS I 23 4.95 -8.40 -25.19
C HIS I 23 4.03 -9.59 -25.04
N GLN I 24 3.50 -10.11 -26.15
CA GLN I 24 2.58 -11.24 -26.09
C GLN I 24 3.25 -12.46 -25.48
N GLN I 25 4.47 -12.80 -25.94
CA GLN I 25 5.08 -14.00 -25.38
C GLN I 25 5.60 -13.80 -23.97
N GLU I 26 5.89 -12.56 -23.57
CA GLU I 26 6.21 -12.29 -22.17
C GLU I 26 4.96 -12.39 -21.29
N ASP I 37 0.26 -3.22 -20.30
CA ASP I 37 0.44 -2.06 -21.16
C ASP I 37 -0.51 -2.14 -22.33
N PRO I 38 -1.67 -1.48 -22.22
CA PRO I 38 -2.67 -1.52 -23.30
C PRO I 38 -2.09 -1.19 -24.67
N GLU I 39 -1.23 -0.17 -24.73
CA GLU I 39 -0.69 0.30 -26.00
C GLU I 39 -0.06 -0.84 -26.81
N MET I 40 0.43 -1.89 -26.14
CA MET I 40 1.16 -2.95 -26.80
C MET I 40 0.29 -4.13 -27.21
N VAL I 41 -1.04 -4.02 -27.08
CA VAL I 41 -1.92 -5.15 -27.40
C VAL I 41 -2.81 -4.84 -28.60
N THR I 42 -2.59 -3.72 -29.28
CA THR I 42 -3.45 -3.35 -30.40
C THR I 42 -2.68 -3.32 -31.72
N SER I 48 -0.60 -10.13 -41.69
CA SER I 48 -0.77 -10.33 -43.12
C SER I 48 0.46 -9.85 -43.92
N SER I 49 1.01 -8.71 -43.51
CA SER I 49 2.04 -8.03 -44.27
C SER I 49 3.43 -8.64 -44.00
N THR I 50 4.39 -8.23 -44.83
CA THR I 50 5.77 -8.69 -44.67
C THR I 50 6.40 -8.15 -43.40
N MET I 51 6.18 -6.86 -43.12
CA MET I 51 6.88 -6.22 -42.01
C MET I 51 6.36 -6.71 -40.66
N GLY I 52 5.06 -6.98 -40.56
CA GLY I 52 4.54 -7.64 -39.37
C GLY I 52 5.19 -8.97 -39.11
N GLN I 53 5.32 -9.79 -40.17
CA GLN I 53 5.96 -11.10 -40.02
C GLN I 53 7.44 -10.95 -39.62
N VAL I 54 8.13 -9.98 -40.22
CA VAL I 54 9.53 -9.74 -39.88
C VAL I 54 9.66 -9.37 -38.41
N GLY I 55 8.79 -8.46 -37.95
CA GLY I 55 8.76 -8.09 -36.54
C GLY I 55 8.51 -9.29 -35.63
N ARG I 56 7.59 -10.17 -36.03
CA ARG I 56 7.28 -11.35 -35.22
C ARG I 56 8.49 -12.27 -35.12
N GLN I 57 9.17 -12.51 -36.25
CA GLN I 57 10.35 -13.36 -36.25
C GLN I 57 11.44 -12.76 -35.36
N LEU I 58 11.65 -11.45 -35.48
CA LEU I 58 12.65 -10.79 -34.66
C LEU I 58 12.27 -10.83 -33.18
N ALA I 59 10.96 -10.75 -32.88
CA ALA I 59 10.51 -10.88 -31.50
C ALA I 59 10.79 -12.29 -30.97
N ILE I 60 10.67 -13.30 -31.83
CA ILE I 60 11.08 -14.64 -31.43
C ILE I 60 12.55 -14.64 -31.04
N ILE I 61 13.41 -14.11 -31.91
CA ILE I 61 14.85 -14.12 -31.62
C ILE I 61 15.17 -13.30 -30.37
N GLY I 62 14.40 -12.24 -30.08
CA GLY I 62 14.67 -11.41 -28.93
C GLY I 62 14.47 -12.09 -27.59
N ASP I 63 13.70 -13.16 -27.54
CA ASP I 63 13.51 -13.88 -26.28
C ASP I 63 14.26 -15.21 -26.29
N ARG I 67 17.29 -13.73 -22.51
CA ARG I 67 16.84 -13.27 -21.21
C ARG I 67 17.86 -13.59 -20.13
N ARG I 68 18.99 -14.18 -20.54
CA ARG I 68 20.12 -14.33 -19.64
C ARG I 68 20.70 -12.98 -19.23
N TYR I 69 20.42 -11.93 -20.02
CA TYR I 69 20.90 -10.57 -19.76
C TYR I 69 19.90 -9.75 -18.96
N ASP I 70 19.07 -10.39 -18.13
CA ASP I 70 17.96 -9.69 -17.47
C ASP I 70 18.46 -8.58 -16.56
N SER I 71 19.37 -8.90 -15.64
CA SER I 71 19.87 -7.91 -14.69
C SER I 71 20.50 -6.73 -15.42
N GLU I 72 21.20 -6.98 -16.53
CA GLU I 72 21.79 -5.91 -17.31
C GLU I 72 20.72 -4.97 -17.86
N PHE I 73 19.67 -5.53 -18.45
CA PHE I 73 18.59 -4.73 -19.01
C PHE I 73 17.83 -3.96 -17.93
N GLN I 74 17.82 -4.47 -16.70
CA GLN I 74 17.22 -3.70 -15.61
C GLN I 74 18.14 -2.59 -15.15
N THR I 75 19.43 -2.91 -14.98
CA THR I 75 20.43 -1.92 -14.56
C THR I 75 20.48 -0.71 -15.50
N MET I 76 20.52 -0.95 -16.81
CA MET I 76 20.53 0.13 -17.79
C MET I 76 19.55 1.26 -17.44
N LEU I 77 18.33 0.91 -17.05
CA LEU I 77 17.23 1.85 -16.88
C LEU I 77 17.40 2.81 -15.70
N GLN I 78 18.48 2.73 -14.93
CA GLN I 78 18.73 3.68 -13.84
C GLN I 78 18.88 5.11 -14.33
N HIS I 79 19.26 5.31 -15.59
CA HIS I 79 19.45 6.62 -16.20
C HIS I 79 18.18 7.21 -16.80
N LEU I 80 17.17 6.37 -16.95
CA LEU I 80 15.90 6.77 -17.57
C LEU I 80 15.15 7.76 -16.71
N GLN I 81 15.18 7.47 -15.41
CA GLN I 81 14.56 8.23 -14.31
C GLN I 81 13.04 8.04 -14.25
N PRO I 82 12.41 8.74 -13.31
CA PRO I 82 11.03 8.92 -12.83
C PRO I 82 10.04 9.58 -13.78
N THR I 83 10.45 10.56 -14.59
CA THR I 83 9.47 11.32 -15.33
C THR I 83 9.51 11.04 -16.83
N ALA I 84 10.65 10.54 -17.33
CA ALA I 84 10.87 10.18 -18.74
C ALA I 84 11.20 11.41 -19.57
N GLU I 85 11.50 12.53 -18.89
CA GLU I 85 11.73 13.80 -19.55
C GLU I 85 13.01 13.80 -20.38
N ASN I 86 13.87 12.80 -20.17
CA ASN I 86 15.12 12.66 -20.92
C ASN I 86 15.12 11.41 -21.80
N ALA I 87 13.95 10.84 -22.09
CA ALA I 87 13.86 9.63 -22.90
C ALA I 87 14.72 9.73 -24.15
N TYR I 88 14.66 10.87 -24.85
CA TYR I 88 15.45 11.03 -26.07
C TYR I 88 16.94 10.97 -25.78
N GLU I 89 17.39 11.68 -24.74
CA GLU I 89 18.81 11.66 -24.40
C GLU I 89 19.29 10.26 -24.07
N TYR I 90 18.54 9.57 -23.21
CA TYR I 90 18.91 8.22 -22.78
C TYR I 90 19.01 7.28 -23.99
N PHE I 91 17.94 7.21 -24.78
CA PHE I 91 17.93 6.39 -25.99
C PHE I 91 19.09 6.74 -26.92
N THR I 92 19.23 8.03 -27.25
CA THR I 92 20.21 8.45 -28.23
C THR I 92 21.63 8.07 -27.80
N LYS I 93 22.00 8.40 -26.56
CA LYS I 93 23.36 8.13 -26.11
C LYS I 93 23.64 6.63 -26.08
N ILE I 94 22.70 5.83 -25.56
CA ILE I 94 22.94 4.39 -25.46
C ILE I 94 23.04 3.77 -26.85
N ALA I 95 22.11 4.10 -27.75
CA ALA I 95 22.15 3.54 -29.09
C ALA I 95 23.40 3.97 -29.85
N THR I 96 23.84 5.21 -29.65
CA THR I 96 25.05 5.68 -30.32
C THR I 96 26.26 4.88 -29.86
N SER I 97 26.35 4.60 -28.55
CA SER I 97 27.41 3.73 -28.08
C SER I 97 27.26 2.33 -28.67
N LEU I 98 26.03 1.83 -28.76
CA LEU I 98 25.77 0.53 -29.37
C LEU I 98 26.34 0.42 -30.77
N PHE I 99 26.15 1.45 -31.59
CA PHE I 99 26.52 1.37 -33.00
C PHE I 99 27.80 2.11 -33.36
N GLU I 100 28.54 2.64 -32.38
CA GLU I 100 29.81 3.28 -32.70
C GLU I 100 30.83 2.30 -33.25
N SER I 101 30.65 0.99 -33.03
CA SER I 101 31.61 -0.02 -33.46
C SER I 101 31.15 -0.80 -34.68
N GLY I 102 30.05 -0.42 -35.31
CA GLY I 102 29.61 -1.00 -36.56
C GLY I 102 28.19 -1.49 -36.48
N ILE I 103 27.73 -2.05 -37.59
CA ILE I 103 26.34 -2.49 -37.76
C ILE I 103 26.32 -3.96 -38.16
N ASN I 104 25.46 -4.74 -37.52
CA ASN I 104 25.11 -6.07 -38.00
C ASN I 104 23.67 -6.36 -37.59
N TRP I 105 23.14 -7.46 -38.13
CA TRP I 105 21.74 -7.81 -37.87
C TRP I 105 21.48 -8.00 -36.38
N GLY I 106 22.41 -8.66 -35.68
CA GLY I 106 22.27 -8.84 -34.24
C GLY I 106 22.12 -7.53 -33.51
N ARG I 107 22.93 -6.53 -33.88
CA ARG I 107 22.86 -5.24 -33.22
C ARG I 107 21.55 -4.51 -33.54
N VAL I 108 21.03 -4.69 -34.75
CA VAL I 108 19.70 -4.17 -35.08
C VAL I 108 18.65 -4.77 -34.16
N VAL I 109 18.69 -6.09 -33.99
CA VAL I 109 17.74 -6.76 -33.12
C VAL I 109 17.89 -6.25 -31.68
N ALA I 110 19.14 -6.03 -31.25
CA ALA I 110 19.38 -5.48 -29.92
C ALA I 110 18.77 -4.09 -29.77
N LEU I 111 18.90 -3.26 -30.80
CA LEU I 111 18.28 -1.94 -30.78
C LEU I 111 16.76 -2.05 -30.66
N LEU I 112 16.17 -3.00 -31.39
CA LEU I 112 14.72 -3.20 -31.28
C LEU I 112 14.33 -3.57 -29.85
N GLY I 113 15.07 -4.50 -29.24
CA GLY I 113 14.76 -4.87 -27.86
C GLY I 113 14.97 -3.73 -26.88
N PHE I 114 15.98 -2.90 -27.13
CA PHE I 114 16.22 -1.72 -26.30
C PHE I 114 15.04 -0.78 -26.36
N GLY I 115 14.56 -0.48 -27.57
CA GLY I 115 13.38 0.35 -27.72
C GLY I 115 12.16 -0.24 -27.04
N TYR I 116 11.97 -1.56 -27.17
CA TYR I 116 10.84 -2.22 -26.51
C TYR I 116 10.88 -2.02 -25.01
N ARG I 117 12.04 -2.30 -24.39
CA ARG I 117 12.13 -2.16 -22.95
C ARG I 117 12.02 -0.70 -22.50
N LEU I 118 12.50 0.24 -23.32
CA LEU I 118 12.32 1.65 -22.96
C LEU I 118 10.85 2.03 -22.93
N ALA I 119 10.11 1.69 -23.99
CA ALA I 119 8.68 1.99 -24.00
C ALA I 119 7.96 1.30 -22.84
N LEU I 120 8.30 0.03 -22.59
CA LEU I 120 7.62 -0.70 -21.52
C LEU I 120 7.88 -0.05 -20.17
N HIS I 121 9.12 0.36 -19.92
CA HIS I 121 9.44 0.96 -18.64
C HIS I 121 8.81 2.34 -18.48
N VAL I 122 8.81 3.15 -19.54
CA VAL I 122 8.17 4.45 -19.41
C VAL I 122 6.68 4.27 -19.11
N TYR I 123 6.07 3.20 -19.64
CA TYR I 123 4.70 2.92 -19.21
C TYR I 123 4.66 2.51 -17.74
N GLN I 124 5.59 1.63 -17.33
CA GLN I 124 5.63 1.20 -15.94
C GLN I 124 5.90 2.37 -14.98
N HIS I 125 6.52 3.44 -15.44
CA HIS I 125 6.64 4.67 -14.65
C HIS I 125 5.40 5.53 -14.73
N GLY I 126 4.33 5.04 -15.34
CA GLY I 126 3.06 5.73 -15.34
C GLY I 126 2.87 6.76 -16.44
N LEU I 127 3.80 6.85 -17.38
CA LEU I 127 3.64 7.73 -18.54
C LEU I 127 2.98 6.94 -19.66
N THR I 128 1.76 7.32 -20.00
CA THR I 128 0.96 6.62 -21.00
C THR I 128 1.09 7.29 -22.36
N GLY I 129 0.72 6.54 -23.40
CA GLY I 129 0.68 7.08 -24.75
C GLY I 129 2.03 7.48 -25.31
N PHE I 130 3.10 6.80 -24.88
CA PHE I 130 4.45 7.16 -25.30
C PHE I 130 5.05 6.19 -26.31
N LEU I 131 4.36 5.09 -26.62
CA LEU I 131 4.93 4.10 -27.54
C LEU I 131 5.19 4.68 -28.92
N GLY I 132 4.35 5.62 -29.36
CA GLY I 132 4.58 6.27 -30.64
C GLY I 132 5.88 7.04 -30.68
N GLN I 133 6.19 7.75 -29.58
CA GLN I 133 7.41 8.56 -29.55
C GLN I 133 8.65 7.67 -29.52
N VAL I 134 8.59 6.52 -28.84
CA VAL I 134 9.70 5.57 -28.87
C VAL I 134 9.86 5.00 -30.28
N THR I 135 8.74 4.72 -30.95
CA THR I 135 8.80 4.31 -32.35
C THR I 135 9.50 5.35 -33.21
N ARG I 136 9.18 6.63 -33.01
CA ARG I 136 9.87 7.69 -33.75
C ARG I 136 11.36 7.68 -33.40
N PHE I 137 11.69 7.50 -32.12
CA PHE I 137 13.08 7.40 -31.71
C PHE I 137 13.81 6.35 -32.54
N VAL I 138 13.24 5.15 -32.62
CA VAL I 138 13.90 4.04 -33.30
C VAL I 138 14.05 4.36 -34.80
N VAL I 139 12.96 4.80 -35.42
CA VAL I 139 12.98 5.09 -36.85
C VAL I 139 14.02 6.16 -37.17
N ASP I 140 13.99 7.28 -36.43
CA ASP I 140 14.88 8.39 -36.74
C ASP I 140 16.34 8.03 -36.47
N PHE I 141 16.61 7.30 -35.38
CA PHE I 141 17.98 6.88 -35.13
C PHE I 141 18.48 6.00 -36.27
N MET I 142 17.69 5.00 -36.65
CA MET I 142 18.10 4.10 -37.74
C MET I 142 18.29 4.86 -39.04
N LEU I 143 17.52 5.92 -39.26
CA LEU I 143 17.69 6.72 -40.47
C LEU I 143 19.00 7.52 -40.42
N HIS I 144 19.24 8.24 -39.32
CA HIS I 144 20.37 9.16 -39.25
C HIS I 144 21.69 8.51 -38.87
N HIS I 145 21.70 7.24 -38.52
CA HIS I 145 22.92 6.54 -38.16
C HIS I 145 23.26 5.44 -39.16
N SER I 146 22.73 5.54 -40.38
CA SER I 146 23.04 4.68 -41.51
C SER I 146 22.53 3.26 -41.33
N ILE I 147 21.70 3.01 -40.32
CA ILE I 147 21.15 1.67 -40.13
C ILE I 147 20.15 1.35 -41.24
N ALA I 148 19.33 2.33 -41.63
CA ALA I 148 18.39 2.13 -42.73
C ALA I 148 19.14 1.92 -44.04
N ARG I 149 20.20 2.70 -44.26
CA ARG I 149 21.03 2.52 -45.45
C ARG I 149 21.63 1.12 -45.49
N TRP I 150 22.13 0.65 -44.34
CA TRP I 150 22.72 -0.68 -44.25
C TRP I 150 21.69 -1.76 -44.56
N ILE I 151 20.51 -1.68 -43.93
CA ILE I 151 19.46 -2.67 -44.16
C ILE I 151 19.02 -2.66 -45.61
N ALA I 152 18.90 -1.46 -46.21
CA ALA I 152 18.57 -1.38 -47.62
C ALA I 152 19.64 -2.07 -48.47
N GLN I 153 20.91 -1.86 -48.12
CA GLN I 153 21.98 -2.47 -48.89
C GLN I 153 22.05 -3.99 -48.68
N ARG I 154 21.39 -4.51 -47.65
CA ARG I 154 21.28 -5.95 -47.49
C ARG I 154 19.93 -6.49 -47.95
N GLY I 155 19.15 -5.70 -48.69
CA GLY I 155 17.94 -6.17 -49.32
C GLY I 155 16.65 -5.78 -48.64
N GLY I 156 16.69 -4.81 -47.73
CA GLY I 156 15.50 -4.36 -47.04
C GLY I 156 15.23 -5.17 -45.78
N TRP I 157 14.17 -4.77 -45.08
CA TRP I 157 13.80 -5.44 -43.84
C TRP I 157 13.43 -6.90 -44.07
N VAL I 158 12.95 -7.22 -45.28
CA VAL I 158 12.50 -8.57 -45.57
C VAL I 158 13.65 -9.57 -45.48
N ALA I 159 14.88 -9.10 -45.70
CA ALA I 159 16.03 -9.99 -45.61
C ALA I 159 16.22 -10.53 -44.20
N ALA I 160 15.67 -9.86 -43.19
CA ALA I 160 15.73 -10.37 -41.83
C ALA I 160 15.04 -11.72 -41.70
N LEU I 161 14.19 -12.09 -42.64
CA LEU I 161 13.57 -13.41 -42.60
C LEU I 161 14.53 -14.53 -42.97
N ASN I 162 15.79 -14.22 -43.28
CA ASN I 162 16.79 -15.24 -43.55
C ASN I 162 17.66 -15.54 -42.32
N LEU I 163 17.09 -15.40 -41.12
CA LEU I 163 17.82 -15.66 -39.90
C LEU I 163 17.18 -16.79 -39.10
N SER J 2 26.45 1.12 -15.90
CA SER J 2 26.45 2.11 -14.83
C SER J 2 26.49 3.51 -15.43
N THR J 3 27.19 3.65 -16.56
CA THR J 3 27.15 4.85 -17.38
C THR J 3 26.45 4.54 -18.70
N MET J 4 25.93 5.58 -19.35
CA MET J 4 25.21 5.37 -20.60
C MET J 4 26.13 4.80 -21.68
N GLY J 5 27.38 5.27 -21.73
CA GLY J 5 28.34 4.67 -22.64
C GLY J 5 28.62 3.21 -22.32
N GLN J 6 28.78 2.88 -21.05
CA GLN J 6 28.94 1.48 -20.64
C GLN J 6 27.71 0.66 -21.03
N VAL J 7 26.53 1.24 -20.89
CA VAL J 7 25.30 0.54 -21.28
C VAL J 7 25.30 0.26 -22.77
N GLY J 8 25.70 1.24 -23.58
CA GLY J 8 25.78 1.02 -25.01
C GLY J 8 26.80 -0.03 -25.39
N ARG J 9 27.95 -0.04 -24.71
CA ARG J 9 28.96 -1.07 -25.00
C ARG J 9 28.45 -2.46 -24.62
N GLN J 10 27.74 -2.56 -23.50
CA GLN J 10 27.14 -3.84 -23.11
C GLN J 10 26.10 -4.28 -24.13
N LEU J 11 25.29 -3.34 -24.63
CA LEU J 11 24.35 -3.68 -25.70
C LEU J 11 25.07 -4.12 -26.96
N ALA J 12 26.25 -3.54 -27.23
CA ALA J 12 27.04 -3.99 -28.37
C ALA J 12 27.47 -5.44 -28.18
N ILE J 13 27.89 -5.80 -26.96
CA ILE J 13 28.23 -7.19 -26.68
C ILE J 13 27.04 -8.10 -26.92
N ILE J 14 25.87 -7.71 -26.42
CA ILE J 14 24.67 -8.53 -26.58
C ILE J 14 24.30 -8.67 -28.05
N GLY J 15 24.41 -7.57 -28.82
CA GLY J 15 24.07 -7.63 -30.23
C GLY J 15 25.03 -8.49 -31.02
N ASP J 16 26.32 -8.45 -30.66
CA ASP J 16 27.27 -9.34 -31.31
C ASP J 16 27.00 -10.79 -30.97
N ASP J 17 26.56 -11.06 -29.74
CA ASP J 17 26.14 -12.42 -29.39
C ASP J 17 24.96 -12.86 -30.25
N ILE J 18 23.98 -11.97 -30.45
CA ILE J 18 22.82 -12.31 -31.27
C ILE J 18 23.25 -12.53 -32.73
N ASN J 19 24.21 -11.74 -33.21
CA ASN J 19 24.58 -11.78 -34.62
C ASN J 19 25.18 -13.12 -35.02
N ARG J 20 25.87 -13.80 -34.11
CA ARG J 20 26.42 -15.12 -34.40
C ARG J 20 25.33 -16.19 -34.29
N ARG J 21 24.32 -16.05 -35.14
CA ARG J 21 23.16 -16.94 -35.14
C ARG J 21 22.31 -16.67 -36.37
N SER K 3 -17.49 5.76 -32.97
CA SER K 3 -16.71 4.63 -32.49
C SER K 3 -17.41 3.30 -32.80
N GLU K 4 -17.97 3.21 -34.01
CA GLU K 4 -18.41 1.91 -34.51
C GLU K 4 -17.22 1.01 -34.79
N GLU K 5 -16.19 1.55 -35.43
CA GLU K 5 -14.99 0.78 -35.73
C GLU K 5 -14.27 0.36 -34.46
N GLN K 6 -14.36 1.18 -33.41
CA GLN K 6 -13.78 0.82 -32.12
C GLN K 6 -14.48 -0.41 -31.54
N VAL K 7 -15.82 -0.42 -31.57
CA VAL K 7 -16.57 -1.59 -31.13
C VAL K 7 -16.23 -2.80 -31.98
N ALA K 8 -16.07 -2.59 -33.29
CA ALA K 8 -15.75 -3.71 -34.19
C ALA K 8 -14.40 -4.32 -33.84
N GLN K 9 -13.41 -3.49 -33.52
CA GLN K 9 -12.12 -4.00 -33.10
C GLN K 9 -12.21 -4.69 -31.73
N ASP K 10 -12.95 -4.10 -30.81
CA ASP K 10 -13.14 -4.70 -29.49
C ASP K 10 -13.77 -6.09 -29.58
N THR K 11 -14.63 -6.29 -30.58
CA THR K 11 -15.34 -7.56 -30.73
C THR K 11 -14.38 -8.74 -30.82
N GLU K 12 -13.24 -8.56 -31.49
CA GLU K 12 -12.27 -9.65 -31.59
C GLU K 12 -11.83 -10.14 -30.22
N GLU K 13 -11.38 -9.23 -29.35
CA GLU K 13 -10.91 -9.63 -28.04
C GLU K 13 -12.05 -10.15 -27.19
N VAL K 14 -13.23 -9.55 -27.32
CA VAL K 14 -14.41 -10.03 -26.58
C VAL K 14 -14.68 -11.49 -26.93
N PHE K 15 -14.71 -11.82 -28.23
CA PHE K 15 -15.02 -13.18 -28.66
C PHE K 15 -13.91 -14.14 -28.26
N ARG K 16 -12.64 -13.71 -28.34
CA ARG K 16 -11.54 -14.58 -27.94
C ARG K 16 -11.64 -14.95 -26.47
N SER K 17 -11.87 -13.95 -25.61
CA SER K 17 -12.02 -14.22 -24.18
C SER K 17 -13.24 -15.09 -23.91
N TYR K 18 -14.36 -14.80 -24.59
CA TYR K 18 -15.56 -15.63 -24.48
C TYR K 18 -15.25 -17.08 -24.78
N VAL K 19 -14.56 -17.34 -25.89
CA VAL K 19 -14.22 -18.70 -26.29
C VAL K 19 -13.35 -19.35 -25.22
N PHE K 20 -12.33 -18.64 -24.76
CA PHE K 20 -11.42 -19.19 -23.76
C PHE K 20 -12.18 -19.61 -22.51
N TYR K 21 -12.99 -18.71 -21.95
CA TYR K 21 -13.62 -19.00 -20.67
C TYR K 21 -14.75 -20.02 -20.82
N ARG K 22 -15.51 -19.97 -21.92
CA ARG K 22 -16.53 -21.00 -22.12
C ARG K 22 -15.90 -22.39 -22.25
N HIS K 23 -14.79 -22.50 -22.98
CA HIS K 23 -14.12 -23.78 -23.09
C HIS K 23 -13.55 -24.22 -21.75
N GLN K 24 -13.00 -23.28 -20.98
CA GLN K 24 -12.47 -23.60 -19.67
C GLN K 24 -13.56 -24.14 -18.75
N GLN K 25 -14.74 -23.52 -18.77
CA GLN K 25 -15.81 -23.99 -17.90
C GLN K 25 -16.41 -25.31 -18.40
N GLU K 26 -16.31 -25.58 -19.70
CA GLU K 26 -16.76 -26.87 -20.20
C GLU K 26 -15.82 -28.03 -19.85
N GLN K 27 -14.58 -27.75 -19.41
CA GLN K 27 -13.67 -28.84 -19.06
C GLN K 27 -13.98 -29.36 -17.66
N GLU K 28 -15.13 -29.99 -17.54
CA GLU K 28 -15.52 -30.75 -16.34
C GLU K 28 -15.96 -32.15 -16.73
N ALA K 36 -11.46 -31.85 -25.47
CA ALA K 36 -10.81 -30.55 -25.39
C ALA K 36 -10.40 -30.04 -26.77
N ASP K 37 -10.23 -28.73 -26.88
CA ASP K 37 -9.70 -28.11 -28.10
C ASP K 37 -8.50 -27.30 -27.67
N PRO K 38 -7.28 -27.81 -27.85
CA PRO K 38 -6.10 -27.07 -27.37
C PRO K 38 -6.00 -25.65 -27.90
N GLU K 39 -6.48 -25.38 -29.11
CA GLU K 39 -6.39 -24.03 -29.66
C GLU K 39 -7.10 -23.01 -28.78
N MET K 40 -8.11 -23.44 -28.02
CA MET K 40 -8.86 -22.55 -27.15
C MET K 40 -8.25 -22.40 -25.76
N VAL K 41 -7.05 -22.92 -25.54
CA VAL K 41 -6.35 -22.75 -24.27
C VAL K 41 -5.15 -21.82 -24.43
N THR K 42 -5.12 -21.02 -25.49
CA THR K 42 -3.91 -20.31 -25.89
C THR K 42 -4.23 -18.89 -26.34
N LEU K 43 -3.31 -17.96 -26.02
CA LEU K 43 -3.21 -16.59 -26.52
C LEU K 43 -4.39 -15.68 -26.21
N PRO K 44 -4.79 -15.50 -24.94
CA PRO K 44 -5.66 -14.36 -24.68
C PRO K 44 -4.90 -13.16 -24.13
N THR K 50 -10.69 -4.71 -19.98
CA THR K 50 -12.13 -4.45 -19.94
C THR K 50 -12.89 -5.43 -20.83
N MET K 51 -12.38 -5.65 -22.04
CA MET K 51 -13.06 -6.53 -22.98
C MET K 51 -12.91 -8.00 -22.61
N GLY K 52 -11.76 -8.39 -22.09
CA GLY K 52 -11.60 -9.74 -21.58
C GLY K 52 -12.61 -10.07 -20.49
N GLN K 53 -12.79 -9.15 -19.54
CA GLN K 53 -13.75 -9.37 -18.46
C GLN K 53 -15.17 -9.49 -19.01
N VAL K 54 -15.51 -8.65 -20.00
CA VAL K 54 -16.82 -8.72 -20.62
C VAL K 54 -17.04 -10.08 -21.26
N GLY K 55 -16.03 -10.55 -22.00
CA GLY K 55 -16.10 -11.89 -22.57
C GLY K 55 -16.29 -12.97 -21.52
N ARG K 56 -15.61 -12.83 -20.38
CA ARG K 56 -15.72 -13.83 -19.31
C ARG K 56 -17.14 -13.89 -18.74
N GLN K 57 -17.71 -12.72 -18.45
CA GLN K 57 -19.08 -12.66 -17.92
C GLN K 57 -20.07 -13.24 -18.91
N LEU K 58 -19.96 -12.81 -20.17
CA LEU K 58 -20.81 -13.36 -21.23
C LEU K 58 -20.61 -14.85 -21.37
N ALA K 59 -19.39 -15.35 -21.12
CA ALA K 59 -19.15 -16.79 -21.17
C ALA K 59 -19.89 -17.52 -20.07
N ILE K 60 -20.00 -16.91 -18.89
CA ILE K 60 -20.81 -17.51 -17.83
C ILE K 60 -22.25 -17.68 -18.31
N ILE K 61 -22.86 -16.58 -18.76
CA ILE K 61 -24.27 -16.70 -19.16
C ILE K 61 -24.42 -17.61 -20.38
N GLY K 62 -23.42 -17.64 -21.27
CA GLY K 62 -23.49 -18.50 -22.43
C GLY K 62 -23.37 -19.96 -22.11
N ASP K 63 -22.58 -20.31 -21.08
CA ASP K 63 -22.56 -21.69 -20.62
C ASP K 63 -23.91 -22.11 -20.07
N ASP K 64 -24.54 -21.23 -19.29
CA ASP K 64 -25.90 -21.51 -18.83
C ASP K 64 -26.82 -21.80 -20.02
N ILE K 65 -26.75 -20.95 -21.04
CA ILE K 65 -27.63 -21.13 -22.20
C ILE K 65 -27.29 -22.42 -22.95
N ASN K 66 -26.01 -22.70 -23.14
CA ASN K 66 -25.62 -23.93 -23.84
C ASN K 66 -26.12 -25.17 -23.12
N ARG K 67 -26.18 -25.14 -21.79
CA ARG K 67 -26.77 -26.28 -21.10
C ARG K 67 -28.29 -26.29 -21.25
N ARG K 68 -28.94 -25.12 -21.29
CA ARG K 68 -30.39 -25.15 -21.44
C ARG K 68 -30.83 -25.47 -22.87
N TYR K 69 -29.99 -25.22 -23.88
CA TYR K 69 -30.35 -25.45 -25.27
C TYR K 69 -29.34 -26.36 -25.96
N ASP K 70 -28.90 -27.42 -25.28
CA ASP K 70 -27.88 -28.30 -25.82
C ASP K 70 -28.33 -28.94 -27.12
N SER K 71 -29.56 -29.48 -27.13
CA SER K 71 -30.03 -30.24 -28.29
C SER K 71 -30.16 -29.35 -29.52
N GLU K 72 -30.62 -28.12 -29.33
CA GLU K 72 -30.72 -27.18 -30.45
C GLU K 72 -29.34 -26.89 -31.04
N PHE K 73 -28.37 -26.60 -30.17
CA PHE K 73 -27.03 -26.26 -30.63
C PHE K 73 -26.35 -27.45 -31.31
N GLN K 74 -26.70 -28.66 -30.91
CA GLN K 74 -26.16 -29.84 -31.59
C GLN K 74 -26.83 -30.06 -32.93
N THR K 75 -28.16 -29.97 -32.96
CA THR K 75 -28.91 -30.12 -34.21
C THR K 75 -28.42 -29.15 -35.27
N MET K 76 -28.21 -27.88 -34.90
CA MET K 76 -27.69 -26.86 -35.81
C MET K 76 -26.60 -27.38 -36.75
N LEU K 77 -25.62 -28.08 -36.20
CA LEU K 77 -24.39 -28.45 -36.90
C LEU K 77 -24.61 -29.48 -38.00
N GLN K 78 -25.83 -29.99 -38.21
CA GLN K 78 -26.08 -30.90 -39.32
C GLN K 78 -25.84 -30.24 -40.67
N HIS K 79 -25.96 -28.91 -40.75
CA HIS K 79 -25.72 -28.20 -42.00
C HIS K 79 -24.25 -27.85 -42.21
N LEU K 80 -23.41 -28.04 -41.19
CA LEU K 80 -21.97 -27.82 -41.30
C LEU K 80 -21.30 -29.06 -41.87
N GLN K 81 -20.86 -28.98 -43.12
CA GLN K 81 -20.24 -30.12 -43.76
C GLN K 81 -19.01 -30.56 -42.98
N PRO K 82 -18.71 -31.87 -42.96
CA PRO K 82 -17.63 -32.37 -42.09
C PRO K 82 -16.25 -31.91 -42.51
N THR K 83 -16.10 -31.41 -43.74
CA THR K 83 -14.84 -30.83 -44.18
C THR K 83 -14.72 -29.35 -43.82
N ALA K 84 -15.84 -28.68 -43.58
CA ALA K 84 -15.93 -27.28 -43.18
C ALA K 84 -15.85 -26.34 -44.38
N GLU K 85 -16.02 -26.88 -45.59
CA GLU K 85 -15.86 -26.09 -46.81
C GLU K 85 -16.96 -25.04 -46.96
N ASN K 86 -18.06 -25.18 -46.22
CA ASN K 86 -19.17 -24.22 -46.26
C ASN K 86 -19.30 -23.45 -44.96
N ALA K 87 -18.25 -23.42 -44.13
CA ALA K 87 -18.28 -22.71 -42.86
C ALA K 87 -18.83 -21.30 -43.01
N TYR K 88 -18.35 -20.55 -44.01
CA TYR K 88 -18.80 -19.19 -44.19
C TYR K 88 -20.27 -19.13 -44.55
N GLU K 89 -20.72 -19.96 -45.49
CA GLU K 89 -22.13 -19.95 -45.88
C GLU K 89 -23.01 -20.30 -44.69
N TYR K 90 -22.65 -21.35 -43.96
CA TYR K 90 -23.42 -21.79 -42.80
C TYR K 90 -23.55 -20.66 -41.77
N PHE K 91 -22.41 -20.11 -41.35
CA PHE K 91 -22.40 -18.98 -40.41
C PHE K 91 -23.25 -17.83 -40.92
N THR K 92 -22.99 -17.38 -42.15
CA THR K 92 -23.66 -16.19 -42.67
C THR K 92 -25.17 -16.38 -42.69
N LYS K 93 -25.65 -17.48 -43.26
CA LYS K 93 -27.08 -17.69 -43.38
C LYS K 93 -27.74 -17.78 -42.00
N ILE K 94 -27.15 -18.52 -41.07
CA ILE K 94 -27.77 -18.68 -39.76
C ILE K 94 -27.80 -17.34 -39.01
N ALA K 95 -26.67 -16.61 -39.01
CA ALA K 95 -26.64 -15.33 -38.31
C ALA K 95 -27.59 -14.31 -38.95
N THR K 96 -27.71 -14.33 -40.27
CA THR K 96 -28.62 -13.40 -40.94
C THR K 96 -30.06 -13.68 -40.54
N SER K 97 -30.43 -14.96 -40.47
CA SER K 97 -31.75 -15.29 -39.95
C SER K 97 -31.90 -14.87 -38.50
N LEU K 98 -30.85 -15.06 -37.70
CA LEU K 98 -30.86 -14.64 -36.30
C LEU K 98 -31.22 -13.16 -36.17
N PHE K 99 -30.65 -12.31 -37.02
CA PHE K 99 -30.81 -10.87 -36.88
C PHE K 99 -31.79 -10.27 -37.88
N GLU K 100 -32.54 -11.11 -38.61
CA GLU K 100 -33.52 -10.57 -39.56
C GLU K 100 -34.56 -9.69 -38.86
N SER K 101 -35.03 -10.10 -37.69
CA SER K 101 -36.14 -9.45 -37.01
C SER K 101 -35.69 -8.41 -35.98
N GLY K 102 -34.41 -8.08 -35.94
CA GLY K 102 -33.91 -7.00 -35.11
C GLY K 102 -32.76 -7.44 -34.24
N ILE K 103 -32.29 -6.51 -33.42
CA ILE K 103 -31.09 -6.69 -32.61
C ILE K 103 -31.44 -6.42 -31.15
N ASN K 104 -30.96 -7.29 -30.27
CA ASN K 104 -30.93 -7.02 -28.84
C ASN K 104 -29.72 -7.73 -28.24
N TRP K 105 -29.43 -7.42 -26.98
CA TRP K 105 -28.23 -7.96 -26.33
C TRP K 105 -28.26 -9.49 -26.28
N GLY K 106 -29.43 -10.06 -25.99
CA GLY K 106 -29.56 -11.51 -25.96
C GLY K 106 -29.16 -12.14 -27.28
N ARG K 107 -29.56 -11.54 -28.40
CA ARG K 107 -29.22 -12.09 -29.71
C ARG K 107 -27.72 -11.96 -29.98
N VAL K 108 -27.08 -10.89 -29.51
CA VAL K 108 -25.63 -10.77 -29.59
C VAL K 108 -24.95 -11.92 -28.86
N VAL K 109 -25.41 -12.18 -27.62
CA VAL K 109 -24.83 -13.28 -26.84
C VAL K 109 -25.05 -14.62 -27.55
N ALA K 110 -26.23 -14.77 -28.17
CA ALA K 110 -26.51 -15.99 -28.93
C ALA K 110 -25.55 -16.14 -30.10
N LEU K 111 -25.26 -15.03 -30.79
CA LEU K 111 -24.28 -15.06 -31.88
C LEU K 111 -22.91 -15.49 -31.36
N LEU K 112 -22.53 -14.98 -30.17
CA LEU K 112 -21.25 -15.38 -29.58
C LEU K 112 -21.20 -16.89 -29.34
N GLY K 113 -22.27 -17.44 -28.75
CA GLY K 113 -22.30 -18.87 -28.50
C GLY K 113 -22.30 -19.68 -29.79
N PHE K 114 -22.98 -19.16 -30.81
CA PHE K 114 -22.98 -19.82 -32.12
C PHE K 114 -21.57 -19.90 -32.71
N GLY K 115 -20.86 -18.78 -32.69
CA GLY K 115 -19.47 -18.78 -33.14
C GLY K 115 -18.60 -19.74 -32.35
N TYR K 116 -18.78 -19.77 -31.02
CA TYR K 116 -17.99 -20.68 -30.19
C TYR K 116 -18.21 -22.13 -30.61
N ARG K 117 -19.47 -22.54 -30.73
CA ARG K 117 -19.73 -23.93 -31.08
C ARG K 117 -19.29 -24.25 -32.49
N LEU K 118 -19.34 -23.26 -33.40
CA LEU K 118 -18.85 -23.49 -34.76
C LEU K 118 -17.36 -23.78 -34.76
N ALA K 119 -16.58 -22.92 -34.10
CA ALA K 119 -15.14 -23.15 -34.02
C ALA K 119 -14.82 -24.48 -33.36
N LEU K 120 -15.51 -24.79 -32.26
CA LEU K 120 -15.23 -26.03 -31.54
C LEU K 120 -15.51 -27.23 -32.42
N HIS K 121 -16.64 -27.21 -33.14
CA HIS K 121 -16.98 -28.35 -33.97
C HIS K 121 -16.05 -28.49 -35.16
N VAL K 122 -15.66 -27.38 -35.80
CA VAL K 122 -14.74 -27.51 -36.92
C VAL K 122 -13.42 -28.09 -36.43
N TYR K 123 -13.03 -27.79 -35.19
CA TYR K 123 -11.85 -28.47 -34.66
C TYR K 123 -12.12 -29.96 -34.43
N GLN K 124 -13.27 -30.29 -33.85
CA GLN K 124 -13.59 -31.69 -33.59
C GLN K 124 -13.68 -32.52 -34.86
N HIS K 125 -14.00 -31.89 -36.00
CA HIS K 125 -13.95 -32.58 -37.29
C HIS K 125 -12.55 -32.62 -37.90
N GLY K 126 -11.53 -32.26 -37.15
CA GLY K 126 -10.15 -32.41 -37.58
C GLY K 126 -9.57 -31.27 -38.38
N LEU K 127 -10.27 -30.16 -38.51
CA LEU K 127 -9.72 -28.97 -39.16
C LEU K 127 -9.10 -28.09 -38.09
N THR K 128 -7.77 -27.93 -38.14
CA THR K 128 -7.03 -27.17 -37.15
C THR K 128 -6.78 -25.75 -37.65
N GLY K 129 -6.46 -24.87 -36.71
CA GLY K 129 -6.08 -23.50 -37.03
C GLY K 129 -7.18 -22.67 -37.65
N PHE K 130 -8.45 -22.94 -37.30
CA PHE K 130 -9.58 -22.24 -37.88
C PHE K 130 -10.23 -21.25 -36.93
N LEU K 131 -9.79 -21.19 -35.66
CA LEU K 131 -10.43 -20.31 -34.69
C LEU K 131 -10.32 -18.84 -35.11
N GLY K 132 -9.19 -18.47 -35.71
CA GLY K 132 -9.03 -17.10 -36.18
C GLY K 132 -10.02 -16.72 -37.26
N GLN K 133 -10.28 -17.65 -38.18
CA GLN K 133 -11.21 -17.36 -39.26
C GLN K 133 -12.65 -17.23 -38.75
N VAL K 134 -13.01 -18.02 -37.73
CA VAL K 134 -14.33 -17.88 -37.11
C VAL K 134 -14.43 -16.54 -36.37
N THR K 135 -13.35 -16.13 -35.70
CA THR K 135 -13.31 -14.80 -35.09
C THR K 135 -13.53 -13.73 -36.14
N ARG K 136 -12.89 -13.89 -37.30
CA ARG K 136 -13.09 -12.95 -38.40
C ARG K 136 -14.54 -12.96 -38.87
N PHE K 137 -15.14 -14.16 -38.98
CA PHE K 137 -16.57 -14.26 -39.31
C PHE K 137 -17.39 -13.39 -38.36
N VAL K 138 -17.17 -13.55 -37.05
CA VAL K 138 -18.00 -12.86 -36.07
C VAL K 138 -17.81 -11.35 -36.18
N VAL K 139 -16.55 -10.91 -36.19
CA VAL K 139 -16.25 -9.47 -36.25
C VAL K 139 -16.84 -8.85 -37.51
N ASP K 140 -16.61 -9.48 -38.67
CA ASP K 140 -17.05 -8.89 -39.93
C ASP K 140 -18.56 -8.88 -40.04
N PHE K 141 -19.24 -9.95 -39.58
CA PHE K 141 -20.70 -9.94 -39.59
C PHE K 141 -21.23 -8.82 -38.73
N MET K 142 -20.72 -8.69 -37.50
CA MET K 142 -21.19 -7.63 -36.61
C MET K 142 -20.92 -6.25 -37.20
N LEU K 143 -19.83 -6.09 -37.94
CA LEU K 143 -19.55 -4.80 -38.58
C LEU K 143 -20.53 -4.52 -39.72
N HIS K 144 -20.70 -5.47 -40.64
CA HIS K 144 -21.47 -5.22 -41.84
C HIS K 144 -22.98 -5.37 -41.66
N HIS K 145 -23.44 -5.82 -40.49
CA HIS K 145 -24.87 -5.97 -40.23
C HIS K 145 -25.36 -5.01 -39.15
N SER K 146 -24.62 -3.92 -38.92
CA SER K 146 -24.99 -2.82 -38.03
C SER K 146 -25.04 -3.23 -36.56
N ILE K 147 -24.55 -4.43 -36.22
CA ILE K 147 -24.53 -4.82 -34.82
C ILE K 147 -23.50 -4.00 -34.05
N ALA K 148 -22.36 -3.72 -34.68
CA ALA K 148 -21.35 -2.88 -34.04
C ALA K 148 -21.87 -1.46 -33.84
N ARG K 149 -22.59 -0.92 -34.82
CA ARG K 149 -23.17 0.40 -34.65
C ARG K 149 -24.22 0.42 -33.55
N TRP K 150 -25.02 -0.63 -33.46
CA TRP K 150 -26.00 -0.75 -32.38
C TRP K 150 -25.33 -0.75 -31.02
N ILE K 151 -24.32 -1.60 -30.86
CA ILE K 151 -23.60 -1.69 -29.58
C ILE K 151 -22.94 -0.35 -29.25
N ALA K 152 -22.37 0.31 -30.26
CA ALA K 152 -21.82 1.65 -30.05
C ALA K 152 -22.90 2.61 -29.58
N GLN K 153 -24.09 2.51 -30.17
CA GLN K 153 -25.18 3.41 -29.79
C GLN K 153 -25.69 3.13 -28.38
N ARG K 154 -25.38 1.95 -27.83
CA ARG K 154 -25.75 1.68 -26.44
C ARG K 154 -24.57 1.80 -25.49
N GLY K 155 -23.47 2.40 -25.93
CA GLY K 155 -22.35 2.70 -25.07
C GLY K 155 -21.16 1.78 -25.19
N GLY K 156 -21.08 0.96 -26.24
CA GLY K 156 -19.97 0.06 -26.42
C GLY K 156 -20.22 -1.30 -25.78
N TRP K 157 -19.22 -2.17 -25.93
CA TRP K 157 -19.33 -3.52 -25.38
C TRP K 157 -19.48 -3.52 -23.87
N VAL K 158 -19.03 -2.44 -23.22
CA VAL K 158 -19.09 -2.34 -21.77
C VAL K 158 -20.53 -2.35 -21.29
N ALA K 159 -21.46 -1.91 -22.14
CA ALA K 159 -22.88 -1.89 -21.83
C ALA K 159 -23.49 -3.29 -21.76
N ALA K 160 -22.75 -4.35 -22.09
CA ALA K 160 -23.32 -5.68 -22.12
C ALA K 160 -23.42 -6.32 -20.75
N LEU K 161 -23.23 -5.56 -19.67
CA LEU K 161 -23.27 -6.11 -18.32
C LEU K 161 -24.32 -5.44 -17.46
N SER L 1 -34.15 -26.22 -37.10
CA SER L 1 -33.45 -27.47 -37.34
C SER L 1 -33.43 -27.80 -38.83
N SER L 2 -34.59 -27.69 -39.47
CA SER L 2 -34.75 -28.19 -40.83
C SER L 2 -33.93 -27.36 -41.82
N THR L 3 -33.97 -26.04 -41.71
CA THR L 3 -33.27 -25.15 -42.61
C THR L 3 -32.29 -24.30 -41.84
N MET L 4 -31.22 -23.89 -42.52
CA MET L 4 -30.27 -22.95 -41.91
C MET L 4 -30.97 -21.67 -41.47
N GLY L 5 -31.91 -21.18 -42.27
CA GLY L 5 -32.69 -20.02 -41.87
C GLY L 5 -33.60 -20.31 -40.69
N GLN L 6 -34.19 -21.50 -40.65
CA GLN L 6 -34.99 -21.89 -39.49
C GLN L 6 -34.11 -22.02 -38.25
N VAL L 7 -32.88 -22.51 -38.43
CA VAL L 7 -31.91 -22.52 -37.34
C VAL L 7 -31.63 -21.11 -36.85
N GLY L 8 -31.50 -20.16 -37.77
CA GLY L 8 -31.27 -18.78 -37.36
C GLY L 8 -32.43 -18.20 -36.59
N ARG L 9 -33.66 -18.48 -37.03
CA ARG L 9 -34.83 -18.00 -36.29
C ARG L 9 -34.93 -18.65 -34.92
N GLN L 10 -34.53 -19.93 -34.81
CA GLN L 10 -34.47 -20.57 -33.50
C GLN L 10 -33.43 -19.90 -32.61
N LEU L 11 -32.29 -19.51 -33.19
CA LEU L 11 -31.32 -18.72 -32.44
C LEU L 11 -31.90 -17.39 -31.98
N ALA L 12 -32.75 -16.79 -32.82
CA ALA L 12 -33.46 -15.58 -32.39
C ALA L 12 -34.35 -15.86 -31.18
N ILE L 13 -35.00 -17.03 -31.19
CA ILE L 13 -35.81 -17.44 -30.03
C ILE L 13 -34.95 -17.50 -28.78
N ILE L 14 -33.82 -18.20 -28.88
CA ILE L 14 -32.93 -18.37 -27.73
C ILE L 14 -32.41 -17.01 -27.27
N GLY L 15 -32.11 -16.12 -28.21
CA GLY L 15 -31.62 -14.80 -27.84
C GLY L 15 -32.66 -13.97 -27.14
N ASP L 16 -33.92 -14.07 -27.56
CA ASP L 16 -34.98 -13.38 -26.83
C ASP L 16 -35.14 -13.94 -25.43
N ASP L 17 -34.95 -15.25 -25.26
CA ASP L 17 -34.96 -15.83 -23.93
C ASP L 17 -33.85 -15.23 -23.06
N ILE L 18 -32.64 -15.16 -23.61
CA ILE L 18 -31.52 -14.55 -22.89
C ILE L 18 -31.86 -13.11 -22.53
N ASN L 19 -32.40 -12.35 -23.49
CA ASN L 19 -32.69 -10.95 -23.27
C ASN L 19 -33.74 -10.77 -22.19
N ARG L 20 -34.68 -11.72 -22.06
CA ARG L 20 -35.67 -11.62 -20.99
C ARG L 20 -35.13 -12.07 -19.65
N ARG L 21 -34.07 -12.90 -19.64
CA ARG L 21 -33.60 -13.46 -18.36
C ARG L 21 -32.38 -12.75 -17.79
N TYR L 22 -31.59 -12.08 -18.61
CA TYR L 22 -30.39 -11.40 -18.13
C TYR L 22 -30.41 -9.94 -18.55
N SER M 3 -14.60 17.87 -26.14
CA SER M 3 -13.47 18.79 -26.02
C SER M 3 -13.70 19.82 -24.93
N GLU M 4 -14.21 19.36 -23.78
CA GLU M 4 -14.27 20.23 -22.60
C GLU M 4 -12.88 20.43 -22.02
N GLU M 5 -12.11 19.34 -21.89
CA GLU M 5 -10.76 19.44 -21.38
C GLU M 5 -9.87 20.24 -22.32
N GLN M 6 -10.16 20.20 -23.63
CA GLN M 6 -9.43 21.02 -24.59
C GLN M 6 -9.67 22.51 -24.31
N VAL M 7 -10.92 22.89 -24.10
CA VAL M 7 -11.24 24.27 -23.73
C VAL M 7 -10.55 24.63 -22.42
N ALA M 8 -10.53 23.70 -21.46
CA ALA M 8 -9.91 23.98 -20.17
C ALA M 8 -8.42 24.24 -20.32
N GLN M 9 -7.74 23.48 -21.18
CA GLN M 9 -6.33 23.72 -21.45
C GLN M 9 -6.12 25.05 -22.19
N ASP M 10 -6.98 25.34 -23.16
CA ASP M 10 -6.88 26.62 -23.87
C ASP M 10 -7.03 27.80 -22.92
N THR M 11 -7.85 27.64 -21.88
CA THR M 11 -8.11 28.72 -20.93
C THR M 11 -6.83 29.27 -20.33
N GLU M 12 -5.85 28.41 -20.05
CA GLU M 12 -4.58 28.85 -19.50
C GLU M 12 -3.93 29.92 -20.38
N GLU M 13 -3.75 29.61 -21.66
CA GLU M 13 -3.10 30.55 -22.58
C GLU M 13 -3.97 31.78 -22.81
N VAL M 14 -5.30 31.59 -22.86
CA VAL M 14 -6.20 32.73 -23.01
C VAL M 14 -6.01 33.71 -21.87
N PHE M 15 -6.03 33.21 -20.63
CA PHE M 15 -5.91 34.09 -19.47
C PHE M 15 -4.54 34.73 -19.38
N ARG M 16 -3.47 33.98 -19.70
CA ARG M 16 -2.14 34.58 -19.61
C ARG M 16 -1.95 35.67 -20.65
N SER M 17 -2.44 35.45 -21.87
CA SER M 17 -2.38 36.51 -22.89
C SER M 17 -3.24 37.72 -22.49
N TYR M 18 -4.43 37.46 -21.95
CA TYR M 18 -5.28 38.52 -21.42
C TYR M 18 -4.54 39.36 -20.40
N VAL M 19 -3.89 38.70 -19.44
CA VAL M 19 -3.15 39.42 -18.40
C VAL M 19 -2.04 40.26 -19.02
N PHE M 20 -1.29 39.67 -19.96
CA PHE M 20 -0.20 40.39 -20.60
C PHE M 20 -0.70 41.67 -21.27
N TYR M 21 -1.72 41.54 -22.12
CA TYR M 21 -2.14 42.68 -22.91
C TYR M 21 -2.87 43.73 -22.07
N ARG M 22 -3.68 43.31 -21.09
CA ARG M 22 -4.31 44.27 -20.20
C ARG M 22 -3.27 45.05 -19.42
N HIS M 23 -2.24 44.37 -18.93
CA HIS M 23 -1.17 45.06 -18.21
C HIS M 23 -0.41 46.00 -19.14
N GLN M 24 -0.18 45.56 -20.39
CA GLN M 24 0.53 46.39 -21.34
C GLN M 24 -0.21 47.69 -21.61
N GLN M 25 -1.52 47.61 -21.88
CA GLN M 25 -2.26 48.83 -22.18
C GLN M 25 -2.53 49.67 -20.94
N GLU M 26 -2.51 49.08 -19.74
CA GLU M 26 -2.60 49.91 -18.55
C GLU M 26 -1.32 50.72 -18.29
N GLN M 27 -0.22 50.44 -19.00
CA GLN M 27 0.99 51.25 -18.89
C GLN M 27 0.96 52.38 -19.90
N ALA M 36 3.74 48.88 -11.93
CA ALA M 36 4.03 47.80 -12.86
C ALA M 36 4.24 46.49 -12.11
N ASP M 37 4.06 45.38 -12.82
CA ASP M 37 4.23 44.04 -12.26
C ASP M 37 5.09 43.25 -13.23
N PRO M 38 6.39 43.07 -12.93
CA PRO M 38 7.27 42.38 -13.88
C PRO M 38 6.84 40.98 -14.25
N GLU M 39 6.10 40.29 -13.37
CA GLU M 39 5.69 38.92 -13.68
C GLU M 39 4.75 38.85 -14.87
N MET M 40 4.11 39.97 -15.24
CA MET M 40 3.14 40.00 -16.32
C MET M 40 3.74 40.43 -17.65
N VAL M 41 5.06 40.45 -17.77
CA VAL M 41 5.72 41.05 -18.93
C VAL M 41 6.56 39.99 -19.64
N THR M 42 6.09 38.74 -19.62
CA THR M 42 6.78 37.68 -20.35
C THR M 42 6.02 37.32 -21.63
N SER M 49 -0.56 32.57 -31.88
CA SER M 49 -1.54 31.50 -31.72
C SER M 49 -2.95 32.07 -31.64
N THR M 50 -3.94 31.20 -31.91
CA THR M 50 -5.33 31.62 -31.88
C THR M 50 -5.75 32.10 -30.48
N MET M 51 -5.33 31.37 -29.45
CA MET M 51 -5.77 31.68 -28.10
C MET M 51 -5.12 32.96 -27.58
N GLY M 52 -3.86 33.19 -27.95
CA GLY M 52 -3.24 34.47 -27.64
C GLY M 52 -4.01 35.66 -28.19
N GLN M 53 -4.41 35.55 -29.46
CA GLN M 53 -5.19 36.61 -30.09
C GLN M 53 -6.54 36.80 -29.40
N VAL M 54 -7.19 35.69 -29.02
CA VAL M 54 -8.47 35.78 -28.32
C VAL M 54 -8.28 36.51 -27.00
N GLY M 55 -7.23 36.13 -26.26
CA GLY M 55 -6.91 36.84 -25.02
C GLY M 55 -6.68 38.32 -25.23
N ARG M 56 -6.00 38.68 -26.33
CA ARG M 56 -5.72 40.09 -26.59
C ARG M 56 -7.01 40.88 -26.82
N GLN M 57 -7.91 40.32 -27.64
CA GLN M 57 -9.18 40.99 -27.91
C GLN M 57 -9.99 41.16 -26.62
N LEU M 58 -10.08 40.07 -25.84
CA LEU M 58 -10.78 40.12 -24.57
C LEU M 58 -10.14 41.13 -23.63
N ALA M 59 -8.81 41.29 -23.70
CA ALA M 59 -8.12 42.28 -22.88
C ALA M 59 -8.51 43.70 -23.27
N ILE M 60 -8.71 43.94 -24.57
CA ILE M 60 -9.20 45.26 -24.99
C ILE M 60 -10.55 45.55 -24.33
N ILE M 61 -11.51 44.64 -24.51
CA ILE M 61 -12.83 44.92 -23.95
C ILE M 61 -12.79 44.97 -22.42
N GLY M 62 -11.91 44.18 -21.79
CA GLY M 62 -11.79 44.20 -20.35
C GLY M 62 -11.21 45.48 -19.81
N ASP M 63 -10.26 46.08 -20.55
CA ASP M 63 -9.75 47.39 -20.15
C ASP M 63 -10.85 48.44 -20.22
N ASP M 64 -11.67 48.39 -21.26
CA ASP M 64 -12.82 49.30 -21.32
C ASP M 64 -13.70 49.13 -20.09
N ILE M 65 -14.01 47.88 -19.75
CA ILE M 65 -14.88 47.63 -18.59
C ILE M 65 -14.21 48.08 -17.29
N ASN M 66 -12.90 47.86 -17.17
CA ASN M 66 -12.18 48.28 -15.97
C ASN M 66 -12.20 49.79 -15.81
N ARG M 67 -12.15 50.54 -16.92
CA ARG M 67 -12.31 51.98 -16.81
C ARG M 67 -13.73 52.35 -16.41
N ARG M 68 -14.74 51.67 -16.96
CA ARG M 68 -16.10 52.08 -16.63
C ARG M 68 -16.52 51.69 -15.21
N TYR M 69 -15.88 50.68 -14.61
CA TYR M 69 -16.23 50.21 -13.27
C TYR M 69 -15.01 50.21 -12.35
N ASP M 70 -14.22 51.28 -12.38
CA ASP M 70 -12.97 51.33 -11.62
C ASP M 70 -13.23 51.22 -10.12
N SER M 71 -14.16 52.04 -9.60
CA SER M 71 -14.39 52.08 -8.16
C SER M 71 -14.90 50.74 -7.64
N GLU M 72 -15.77 50.07 -8.40
CA GLU M 72 -16.26 48.76 -7.99
C GLU M 72 -15.12 47.76 -7.88
N PHE M 73 -14.25 47.71 -8.91
CA PHE M 73 -13.15 46.75 -8.91
C PHE M 73 -12.15 47.05 -7.81
N GLN M 74 -12.02 48.31 -7.40
CA GLN M 74 -11.14 48.61 -6.27
C GLN M 74 -11.80 48.25 -4.94
N THR M 75 -13.07 48.58 -4.77
CA THR M 75 -13.81 48.22 -3.56
C THR M 75 -13.74 46.72 -3.30
N MET M 76 -13.92 45.92 -4.36
CA MET M 76 -13.81 44.46 -4.27
C MET M 76 -12.67 43.99 -3.38
N LEU M 77 -11.47 44.53 -3.60
CA LEU M 77 -10.24 44.02 -3.00
C LEU M 77 -10.13 44.25 -1.50
N GLN M 78 -11.10 44.91 -0.86
CA GLN M 78 -11.07 45.06 0.59
C GLN M 78 -11.16 43.73 1.32
N HIS M 79 -11.72 42.71 0.67
CA HIS M 79 -11.84 41.39 1.28
C HIS M 79 -10.59 40.54 1.09
N LEU M 80 -9.66 40.97 0.25
CA LEU M 80 -8.38 40.28 0.06
C LEU M 80 -7.41 40.75 1.13
N GLN M 81 -7.20 39.93 2.16
CA GLN M 81 -6.31 40.34 3.24
C GLN M 81 -4.90 40.58 2.70
N PRO M 82 -4.15 41.51 3.29
CA PRO M 82 -2.89 41.95 2.67
C PRO M 82 -1.81 40.89 2.60
N THR M 83 -1.94 39.77 3.30
CA THR M 83 -0.95 38.70 3.12
C THR M 83 -1.27 37.80 1.95
N ALA M 84 -2.54 37.79 1.50
CA ALA M 84 -3.06 37.01 0.37
C ALA M 84 -3.40 35.61 0.81
N GLU M 85 -3.45 35.36 2.12
CA GLU M 85 -3.65 34.03 2.66
C GLU M 85 -5.04 33.48 2.33
N ASN M 86 -5.98 34.36 1.98
CA ASN M 86 -7.34 33.96 1.64
C ASN M 86 -7.65 34.15 0.16
N ALA M 87 -6.62 34.27 -0.67
CA ALA M 87 -6.83 34.47 -2.11
C ALA M 87 -7.84 33.47 -2.67
N TYR M 88 -7.70 32.19 -2.30
CA TYR M 88 -8.60 31.17 -2.84
C TYR M 88 -10.03 31.39 -2.37
N GLU M 89 -10.22 31.65 -1.07
CA GLU M 89 -11.58 31.88 -0.56
C GLU M 89 -12.23 33.07 -1.24
N TYR M 90 -11.48 34.18 -1.34
CA TYR M 90 -11.99 35.39 -1.96
C TYR M 90 -12.42 35.13 -3.39
N PHE M 91 -11.50 34.60 -4.20
CA PHE M 91 -11.80 34.27 -5.59
C PHE M 91 -13.00 33.34 -5.69
N THR M 92 -12.96 32.22 -4.97
CA THR M 92 -14.01 31.20 -5.10
C THR M 92 -15.38 31.77 -4.78
N LYS M 93 -15.50 32.46 -3.63
CA LYS M 93 -16.81 32.97 -3.24
C LYS M 93 -17.34 33.99 -4.23
N ILE M 94 -16.47 34.92 -4.68
CA ILE M 94 -16.93 35.96 -5.59
C ILE M 94 -17.34 35.36 -6.94
N ALA M 95 -16.50 34.49 -7.50
CA ALA M 95 -16.81 33.87 -8.79
C ALA M 95 -18.07 32.99 -8.70
N THR M 96 -18.25 32.29 -7.58
CA THR M 96 -19.43 31.46 -7.41
C THR M 96 -20.70 32.32 -7.39
N SER M 97 -20.65 33.46 -6.71
CA SER M 97 -21.78 34.38 -6.78
C SER M 97 -21.97 34.91 -8.19
N LEU M 98 -20.87 35.21 -8.88
CA LEU M 98 -20.94 35.65 -10.28
C LEU M 98 -21.71 34.67 -11.15
N PHE M 99 -21.45 33.37 -10.99
CA PHE M 99 -22.02 32.41 -11.93
C PHE M 99 -23.17 31.60 -11.34
N GLU M 100 -23.67 31.96 -10.15
CA GLU M 100 -24.84 31.26 -9.61
C GLU M 100 -26.06 31.41 -10.51
N SER M 101 -26.15 32.50 -11.27
CA SER M 101 -27.34 32.82 -12.04
C SER M 101 -27.21 32.50 -13.53
N GLY M 102 -26.14 31.83 -13.93
CA GLY M 102 -25.99 31.35 -15.28
C GLY M 102 -24.69 31.81 -15.90
N ILE M 103 -24.51 31.45 -17.17
CA ILE M 103 -23.28 31.70 -17.90
C ILE M 103 -23.60 32.46 -19.19
N ASN M 104 -22.81 33.49 -19.46
CA ASN M 104 -22.77 34.12 -20.78
C ASN M 104 -21.36 34.62 -21.01
N TRP M 105 -21.10 35.05 -22.26
CA TRP M 105 -19.74 35.47 -22.62
C TRP M 105 -19.30 36.68 -21.79
N GLY M 106 -20.20 37.62 -21.56
CA GLY M 106 -19.88 38.78 -20.74
C GLY M 106 -19.40 38.40 -19.36
N ARG M 107 -20.06 37.43 -18.73
CA ARG M 107 -19.66 37.00 -17.39
C ARG M 107 -18.30 36.30 -17.41
N VAL M 108 -18.02 35.56 -18.47
CA VAL M 108 -16.69 34.97 -18.65
C VAL M 108 -15.62 36.06 -18.71
N VAL M 109 -15.86 37.09 -19.51
CA VAL M 109 -14.90 38.19 -19.62
C VAL M 109 -14.73 38.89 -18.27
N ALA M 110 -15.84 39.04 -17.53
CA ALA M 110 -15.77 39.63 -16.20
C ALA M 110 -14.91 38.79 -15.27
N LEU M 111 -15.06 37.46 -15.34
CA LEU M 111 -14.22 36.57 -14.55
C LEU M 111 -12.74 36.74 -14.90
N LEU M 112 -12.44 36.88 -16.19
CA LEU M 112 -11.06 37.11 -16.61
C LEU M 112 -10.50 38.39 -16.00
N GLY M 113 -11.28 39.47 -16.04
CA GLY M 113 -10.83 40.72 -15.45
C GLY M 113 -10.68 40.64 -13.95
N PHE M 114 -11.56 39.87 -13.30
CA PHE M 114 -11.47 39.64 -11.85
C PHE M 114 -10.16 38.95 -11.51
N GLY M 115 -9.85 37.87 -12.24
CA GLY M 115 -8.57 37.18 -12.04
C GLY M 115 -7.37 38.08 -12.25
N TYR M 116 -7.43 38.92 -13.30
CA TYR M 116 -6.33 39.84 -13.56
C TYR M 116 -6.11 40.79 -12.38
N ARG M 117 -7.19 41.43 -11.92
CA ARG M 117 -7.06 42.37 -10.80
C ARG M 117 -6.57 41.67 -9.54
N LEU M 118 -7.02 40.42 -9.32
CA LEU M 118 -6.57 39.70 -8.14
C LEU M 118 -5.08 39.44 -8.18
N ALA M 119 -4.58 38.91 -9.31
CA ALA M 119 -3.14 38.67 -9.42
C ALA M 119 -2.34 39.96 -9.28
N LEU M 120 -2.81 41.03 -9.92
CA LEU M 120 -2.07 42.28 -9.86
C LEU M 120 -2.00 42.80 -8.44
N HIS M 121 -3.11 42.74 -7.71
CA HIS M 121 -3.13 43.26 -6.35
C HIS M 121 -2.30 42.40 -5.41
N VAL M 122 -2.35 41.08 -5.55
CA VAL M 122 -1.53 40.24 -4.69
C VAL M 122 -0.05 40.54 -4.94
N TYR M 123 0.32 40.88 -6.18
CA TYR M 123 1.70 41.32 -6.39
C TYR M 123 1.95 42.66 -5.71
N GLN M 124 1.02 43.61 -5.86
CA GLN M 124 1.20 44.92 -5.25
C GLN M 124 1.28 44.86 -3.73
N HIS M 125 0.69 43.83 -3.12
CA HIS M 125 0.83 43.59 -1.68
C HIS M 125 2.10 42.83 -1.32
N GLY M 126 3.02 42.66 -2.26
CA GLY M 126 4.32 42.07 -1.96
C GLY M 126 4.41 40.57 -2.03
N LEU M 127 3.36 39.87 -2.48
CA LEU M 127 3.44 38.44 -2.69
C LEU M 127 3.84 38.18 -4.14
N THR M 128 5.03 37.61 -4.33
CA THR M 128 5.57 37.37 -5.66
C THR M 128 5.31 35.94 -6.11
N GLY M 129 5.41 35.71 -7.41
CA GLY M 129 5.29 34.38 -7.97
C GLY M 129 3.94 33.73 -7.81
N PHE M 130 2.87 34.52 -7.77
CA PHE M 130 1.53 34.01 -7.54
C PHE M 130 0.66 33.98 -8.78
N LEU M 131 1.13 34.53 -9.90
CA LEU M 131 0.31 34.60 -11.10
C LEU M 131 -0.09 33.22 -11.60
N GLY M 132 0.79 32.22 -11.45
CA GLY M 132 0.45 30.87 -11.86
C GLY M 132 -0.70 30.30 -11.07
N GLN M 133 -0.73 30.55 -9.76
CA GLN M 133 -1.81 30.03 -8.93
C GLN M 133 -3.14 30.69 -9.25
N VAL M 134 -3.12 31.98 -9.59
CA VAL M 134 -4.35 32.66 -10.02
C VAL M 134 -4.82 32.11 -11.36
N THR M 135 -3.88 31.86 -12.29
CA THR M 135 -4.24 31.21 -13.55
C THR M 135 -4.89 29.86 -13.30
N ARG M 136 -4.34 29.09 -12.36
CA ARG M 136 -4.95 27.81 -12.01
C ARG M 136 -6.32 28.00 -11.36
N PHE M 137 -6.47 29.02 -10.53
CA PHE M 137 -7.80 29.38 -10.00
C PHE M 137 -8.79 29.52 -11.15
N VAL M 138 -8.44 30.32 -12.15
CA VAL M 138 -9.37 30.62 -13.23
C VAL M 138 -9.69 29.36 -14.03
N VAL M 139 -8.65 28.61 -14.42
CA VAL M 139 -8.85 27.41 -15.22
C VAL M 139 -9.72 26.41 -14.48
N ASP M 140 -9.39 26.14 -13.21
CA ASP M 140 -10.10 25.12 -12.45
C ASP M 140 -11.54 25.54 -12.16
N PHE M 141 -11.77 26.82 -11.86
CA PHE M 141 -13.13 27.28 -11.66
C PHE M 141 -13.96 27.08 -12.93
N MET M 142 -13.43 27.53 -14.07
CA MET M 142 -14.18 27.36 -15.31
C MET M 142 -14.41 25.90 -15.63
N LEU M 143 -13.49 25.02 -15.23
CA LEU M 143 -13.68 23.60 -15.47
C LEU M 143 -14.79 23.03 -14.58
N HIS M 144 -14.74 23.31 -13.28
CA HIS M 144 -15.65 22.67 -12.32
C HIS M 144 -17.00 23.35 -12.23
N HIS M 145 -17.20 24.48 -12.89
CA HIS M 145 -18.47 25.19 -12.87
C HIS M 145 -19.14 25.19 -14.23
N SER M 146 -18.77 24.25 -15.09
CA SER M 146 -19.37 24.00 -16.40
C SER M 146 -19.12 25.13 -17.39
N ILE M 147 -18.21 26.05 -17.07
CA ILE M 147 -17.91 27.13 -18.00
C ILE M 147 -17.16 26.60 -19.21
N ALA M 148 -16.23 25.68 -18.97
CA ALA M 148 -15.50 25.06 -20.08
C ALA M 148 -16.45 24.25 -20.95
N ARG M 149 -17.39 23.53 -20.33
CA ARG M 149 -18.37 22.77 -21.10
C ARG M 149 -19.24 23.70 -21.94
N TRP M 150 -19.68 24.81 -21.35
CA TRP M 150 -20.48 25.80 -22.07
C TRP M 150 -19.72 26.37 -23.27
N ILE M 151 -18.47 26.80 -23.03
CA ILE M 151 -17.65 27.36 -24.10
C ILE M 151 -17.41 26.33 -25.19
N ALA M 152 -17.16 25.07 -24.80
CA ALA M 152 -17.01 24.01 -25.79
C ALA M 152 -18.27 23.82 -26.61
N GLN M 153 -19.44 23.87 -25.96
CA GLN M 153 -20.67 23.67 -26.70
C GLN M 153 -21.02 24.85 -27.59
N ARG M 154 -20.38 26.00 -27.40
CA ARG M 154 -20.55 27.12 -28.33
C ARG M 154 -19.38 27.30 -29.30
N GLY M 155 -18.53 26.29 -29.45
CA GLY M 155 -17.53 26.29 -30.49
C GLY M 155 -16.11 26.61 -30.08
N GLY M 156 -15.79 26.56 -28.79
CA GLY M 156 -14.46 26.87 -28.32
C GLY M 156 -14.30 28.34 -27.96
N TRP M 157 -13.09 28.65 -27.50
CA TRP M 157 -12.79 30.01 -27.02
C TRP M 157 -12.92 31.06 -28.12
N VAL M 158 -12.75 30.68 -29.39
CA VAL M 158 -12.78 31.67 -30.45
C VAL M 158 -14.16 32.30 -30.56
N ALA M 159 -15.21 31.57 -30.15
CA ALA M 159 -16.55 32.11 -30.22
C ALA M 159 -16.73 33.29 -29.28
N ALA M 160 -15.84 33.43 -28.28
CA ALA M 160 -15.86 34.61 -27.43
C ALA M 160 -15.85 35.90 -28.25
N LEU M 161 -15.39 35.86 -29.49
CA LEU M 161 -15.31 37.07 -30.29
C LEU M 161 -16.63 37.43 -30.97
N ASN M 162 -17.75 36.87 -30.49
CA ASN M 162 -19.05 37.40 -30.88
C ASN M 162 -19.44 38.62 -30.06
N LEU M 163 -18.73 38.89 -28.96
CA LEU M 163 -18.82 40.19 -28.29
C LEU M 163 -18.03 41.24 -29.07
N CYS M 164 -16.79 40.90 -29.42
CA CYS M 164 -16.02 41.45 -30.54
C CYS M 164 -15.27 42.77 -30.38
N ASN M 165 -15.43 43.46 -29.23
CA ASN M 165 -14.87 44.81 -28.93
C ASN M 165 -15.84 45.98 -29.06
N MET N 4 -18.71 39.95 0.31
CA MET N 4 -18.21 39.18 -0.82
C MET N 4 -19.35 38.74 -1.74
N GLY N 5 -20.52 38.43 -1.15
CA GLY N 5 -21.69 38.15 -1.96
C GLY N 5 -22.13 39.35 -2.78
N GLN N 6 -22.14 40.53 -2.16
CA GLN N 6 -22.43 41.76 -2.89
C GLN N 6 -21.46 41.93 -4.05
N VAL N 7 -20.18 41.62 -3.83
CA VAL N 7 -19.17 41.76 -4.88
C VAL N 7 -19.49 40.83 -6.05
N GLY N 8 -19.87 39.58 -5.75
CA GLY N 8 -20.22 38.66 -6.81
C GLY N 8 -21.44 39.10 -7.59
N ARG N 9 -22.46 39.61 -6.91
CA ARG N 9 -23.64 40.09 -7.62
C ARG N 9 -23.32 41.31 -8.48
N GLN N 10 -22.44 42.18 -8.00
CA GLN N 10 -22.04 43.34 -8.79
C GLN N 10 -21.25 42.93 -10.03
N LEU N 11 -20.35 41.94 -9.88
CA LEU N 11 -19.66 41.41 -11.05
C LEU N 11 -20.63 40.74 -12.01
N ALA N 12 -21.68 40.11 -11.50
CA ALA N 12 -22.71 39.56 -12.37
C ALA N 12 -23.38 40.67 -13.17
N ILE N 13 -23.67 41.80 -12.51
CA ILE N 13 -24.24 42.94 -13.22
C ILE N 13 -23.30 43.40 -14.33
N ILE N 14 -22.01 43.50 -14.03
CA ILE N 14 -21.05 43.95 -15.03
C ILE N 14 -21.00 42.99 -16.21
N GLY N 15 -20.98 41.69 -15.93
CA GLY N 15 -20.90 40.71 -17.01
C GLY N 15 -22.14 40.72 -17.89
N ASP N 16 -23.32 40.82 -17.28
CA ASP N 16 -24.53 40.92 -18.08
C ASP N 16 -24.55 42.22 -18.89
N ASP N 17 -24.00 43.30 -18.33
CA ASP N 17 -23.86 44.54 -19.08
C ASP N 17 -23.01 44.35 -20.32
N ILE N 18 -21.85 43.68 -20.16
CA ILE N 18 -21.01 43.39 -21.31
C ILE N 18 -21.78 42.56 -22.33
N ASN N 19 -22.47 41.52 -21.86
CA ASN N 19 -23.20 40.66 -22.77
C ASN N 19 -24.29 41.41 -23.53
N ARG N 20 -24.87 42.45 -22.90
CA ARG N 20 -25.93 43.22 -23.55
C ARG N 20 -25.39 44.34 -24.42
N ARG N 21 -24.15 44.77 -24.22
CA ARG N 21 -23.63 45.92 -24.94
C ARG N 21 -22.90 45.52 -26.21
N TYR N 22 -22.59 44.25 -26.37
CA TYR N 22 -21.77 43.79 -27.50
C TYR N 22 -22.54 42.77 -28.34
N GLU O 4 21.27 24.65 18.23
CA GLU O 4 21.62 25.05 16.87
C GLU O 4 20.44 25.68 16.14
N GLU O 5 19.28 25.03 16.22
CA GLU O 5 18.09 25.55 15.57
C GLU O 5 17.67 26.89 16.18
N GLN O 6 17.92 27.08 17.47
CA GLN O 6 17.64 28.36 18.11
C GLN O 6 18.48 29.47 17.50
N VAL O 7 19.79 29.21 17.33
CA VAL O 7 20.66 30.19 16.68
C VAL O 7 20.19 30.45 15.25
N ALA O 8 19.75 29.41 14.55
CA ALA O 8 19.30 29.57 13.17
C ALA O 8 18.09 30.48 13.09
N GLN O 9 17.15 30.33 14.02
CA GLN O 9 16.00 31.23 14.06
C GLN O 9 16.41 32.64 14.46
N ASP O 10 17.33 32.77 15.43
CA ASP O 10 17.83 34.08 15.82
C ASP O 10 18.47 34.83 14.66
N THR O 11 19.09 34.08 13.74
CA THR O 11 19.79 34.69 12.60
C THR O 11 18.88 35.62 11.80
N GLU O 12 17.61 35.26 11.62
CA GLU O 12 16.69 36.12 10.89
C GLU O 12 16.65 37.53 11.48
N GLU O 13 16.39 37.61 12.79
CA GLU O 13 16.27 38.90 13.45
C GLU O 13 17.60 39.63 13.45
N VAL O 14 18.70 38.89 13.64
CA VAL O 14 20.03 39.51 13.61
C VAL O 14 20.26 40.19 12.26
N PHE O 15 20.01 39.46 11.17
CA PHE O 15 20.28 39.99 9.84
C PHE O 15 19.34 41.16 9.49
N ARG O 16 18.07 41.06 9.89
CA ARG O 16 17.14 42.16 9.58
C ARG O 16 17.53 43.43 10.31
N SER O 17 17.90 43.33 11.59
CA SER O 17 18.35 44.50 12.33
C SER O 17 19.65 45.05 11.75
N TYR O 18 20.59 44.17 11.40
CA TYR O 18 21.82 44.59 10.74
C TYR O 18 21.52 45.41 9.49
N VAL O 19 20.61 44.90 8.64
CA VAL O 19 20.27 45.60 7.41
C VAL O 19 19.69 46.98 7.73
N PHE O 20 18.76 47.02 8.69
CA PHE O 20 18.12 48.29 9.05
C PHE O 20 19.16 49.33 9.47
N TYR O 21 20.02 48.96 10.41
CA TYR O 21 20.94 49.96 10.98
C TYR O 21 22.04 50.34 9.99
N ARG O 22 22.53 49.37 9.20
CA ARG O 22 23.51 49.69 8.17
C ARG O 22 22.94 50.66 7.16
N HIS O 23 21.70 50.44 6.74
CA HIS O 23 21.08 51.35 5.78
C HIS O 23 20.88 52.73 6.39
N GLN O 24 20.47 52.78 7.65
CA GLN O 24 20.24 54.08 8.30
C GLN O 24 21.53 54.89 8.37
N GLN O 25 22.63 54.27 8.81
CA GLN O 25 23.86 55.04 8.91
C GLN O 25 24.47 55.32 7.54
N GLU O 26 24.15 54.51 6.52
CA GLU O 26 24.54 54.90 5.17
C GLU O 26 23.71 56.08 4.66
N GLN O 27 22.50 56.27 5.20
CA GLN O 27 21.72 57.46 4.86
C GLN O 27 22.22 58.72 5.55
N GLU O 28 22.65 58.62 6.81
CA GLU O 28 22.82 59.85 7.59
C GLU O 28 23.96 60.74 7.12
N ALA O 29 25.00 60.18 6.52
CA ALA O 29 26.14 61.01 6.10
C ALA O 29 26.27 61.13 4.59
N ASP O 37 16.31 52.59 -0.12
CA ASP O 37 15.55 51.35 -0.20
C ASP O 37 14.49 51.32 0.88
N PRO O 38 13.26 51.68 0.52
CA PRO O 38 12.16 51.70 1.50
C PRO O 38 11.95 50.37 2.21
N GLU O 39 12.29 49.25 1.57
CA GLU O 39 12.10 47.96 2.21
C GLU O 39 12.99 47.78 3.44
N MET O 40 14.05 48.58 3.57
CA MET O 40 14.98 48.47 4.69
C MET O 40 14.67 49.44 5.82
N VAL O 41 13.45 49.99 5.87
CA VAL O 41 13.10 50.97 6.88
C VAL O 41 11.93 50.42 7.69
N THR O 42 11.84 49.09 7.78
CA THR O 42 10.76 48.44 8.52
C THR O 42 11.36 47.27 9.31
N LEU O 43 11.43 47.43 10.63
CA LEU O 43 11.91 46.36 11.50
C LEU O 43 10.79 45.37 11.79
N PRO O 47 13.19 46.67 17.32
CA PRO O 47 14.47 47.38 17.24
C PRO O 47 15.41 47.00 18.34
N SER O 48 15.21 47.46 19.56
CA SER O 48 16.13 47.10 20.62
C SER O 48 15.77 45.86 21.37
N SER O 49 15.73 44.78 20.65
CA SER O 49 15.39 43.49 21.18
C SER O 49 16.58 42.76 21.67
N THR O 50 16.38 41.51 21.97
CA THR O 50 17.48 40.72 22.41
C THR O 50 18.53 40.62 21.33
N MET O 51 18.12 40.59 20.05
CA MET O 51 19.08 40.40 18.96
C MET O 51 19.16 41.53 18.06
N GLY O 52 18.16 42.33 17.94
CA GLY O 52 18.33 43.58 17.23
C GLY O 52 19.60 44.31 17.64
N GLN O 53 19.88 44.33 18.95
CA GLN O 53 21.05 45.02 19.46
C GLN O 53 22.35 44.45 18.88
N VAL O 54 22.45 43.11 18.82
CA VAL O 54 23.63 42.46 18.26
C VAL O 54 23.81 42.86 16.80
N GLY O 55 22.70 42.81 16.04
CA GLY O 55 22.73 43.25 14.67
C GLY O 55 23.16 44.70 14.52
N ARG O 56 22.76 45.55 15.47
CA ARG O 56 23.12 46.97 15.41
C ARG O 56 24.62 47.17 15.61
N GLN O 57 25.19 46.50 16.61
CA GLN O 57 26.63 46.57 16.84
C GLN O 57 27.40 46.05 15.62
N LEU O 58 26.98 44.88 15.13
CA LEU O 58 27.58 44.30 13.94
C LEU O 58 27.43 45.22 12.75
N ALA O 59 26.32 45.96 12.66
CA ALA O 59 26.12 46.92 11.58
C ALA O 59 27.12 48.08 11.68
N ILE O 60 27.44 48.50 12.90
CA ILE O 60 28.49 49.52 13.05
C ILE O 60 29.79 49.02 12.45
N ILE O 61 30.25 47.84 12.90
CA ILE O 61 31.53 47.36 12.39
C ILE O 61 31.45 47.07 10.89
N GLY O 62 30.29 46.63 10.40
CA GLY O 62 30.13 46.33 8.99
C GLY O 62 30.16 47.58 8.12
N ASP O 63 29.62 48.70 8.63
CA ASP O 63 29.73 49.96 7.92
C ASP O 63 31.18 50.40 7.83
N ASP O 64 31.93 50.24 8.93
CA ASP O 64 33.36 50.51 8.87
C ASP O 64 34.02 49.70 7.76
N ILE O 65 33.70 48.41 7.70
CA ILE O 65 34.33 47.55 6.70
C ILE O 65 33.88 47.93 5.29
N ASN O 66 32.59 48.23 5.12
CA ASN O 66 32.09 48.65 3.81
C ASN O 66 32.79 49.89 3.32
N ARG O 67 33.14 50.81 4.22
CA ARG O 67 33.93 51.96 3.77
C ARG O 67 35.38 51.58 3.50
N ARG O 68 35.94 50.62 4.24
CA ARG O 68 37.33 50.25 3.96
C ARG O 68 37.46 49.43 2.68
N TYR O 69 36.44 48.68 2.29
CA TYR O 69 36.50 47.81 1.13
C TYR O 69 35.39 48.14 0.13
N ASP O 70 35.22 49.44 -0.16
CA ASP O 70 34.13 49.88 -1.03
C ASP O 70 34.25 49.29 -2.43
N SER O 71 35.42 49.47 -3.06
CA SER O 71 35.62 49.01 -4.42
C SER O 71 35.46 47.50 -4.54
N GLU O 72 35.93 46.76 -3.53
CA GLU O 72 35.79 45.30 -3.56
C GLU O 72 34.32 44.90 -3.58
N PHE O 73 33.52 45.48 -2.68
CA PHE O 73 32.11 45.15 -2.60
C PHE O 73 31.35 45.60 -3.83
N GLN O 74 31.82 46.65 -4.50
CA GLN O 74 31.18 47.08 -5.74
C GLN O 74 31.53 46.13 -6.88
N THR O 75 32.83 45.79 -7.00
CA THR O 75 33.28 44.84 -8.01
C THR O 75 32.52 43.52 -7.93
N MET O 76 32.35 43.00 -6.70
CA MET O 76 31.59 41.76 -6.49
C MET O 76 30.33 41.66 -7.34
N LEU O 77 29.53 42.72 -7.36
CA LEU O 77 28.18 42.69 -7.94
C LEU O 77 28.17 42.55 -9.46
N GLN O 78 29.32 42.51 -10.13
CA GLN O 78 29.34 42.28 -11.57
C GLN O 78 28.79 40.90 -11.94
N HIS O 79 28.86 39.94 -11.02
CA HIS O 79 28.35 38.60 -11.28
C HIS O 79 26.85 38.46 -10.97
N LEU O 80 26.26 39.47 -10.33
CA LEU O 80 24.83 39.50 -10.06
C LEU O 80 24.11 40.05 -11.28
N GLN O 81 23.40 39.19 -12.00
CA GLN O 81 22.72 39.61 -13.22
C GLN O 81 21.74 40.74 -12.91
N PRO O 82 21.58 41.69 -13.84
CA PRO O 82 20.73 42.86 -13.56
C PRO O 82 19.26 42.50 -13.46
N THR O 83 18.88 41.31 -13.94
CA THR O 83 17.54 40.81 -13.77
C THR O 83 17.38 40.08 -12.43
N ALA O 84 18.49 39.62 -11.85
CA ALA O 84 18.53 39.00 -10.53
C ALA O 84 18.09 37.54 -10.57
N GLU O 85 18.27 36.89 -11.71
CA GLU O 85 17.82 35.50 -11.85
C GLU O 85 18.71 34.54 -11.07
N ASN O 86 20.00 34.85 -10.96
CA ASN O 86 20.99 33.97 -10.35
C ASN O 86 21.32 34.35 -8.91
N ALA O 87 20.44 35.11 -8.24
CA ALA O 87 20.69 35.53 -6.87
C ALA O 87 21.16 34.39 -5.98
N TYR O 88 20.43 33.27 -6.02
CA TYR O 88 20.82 32.12 -5.20
C TYR O 88 22.19 31.58 -5.60
N GLU O 89 22.43 31.42 -6.90
CA GLU O 89 23.71 30.87 -7.35
C GLU O 89 24.86 31.77 -6.95
N TYR O 90 24.71 33.07 -7.19
CA TYR O 90 25.73 34.05 -6.85
C TYR O 90 26.05 34.00 -5.36
N PHE O 91 25.01 34.16 -4.52
CA PHE O 91 25.17 34.08 -3.08
C PHE O 91 25.84 32.78 -2.66
N THR O 92 25.30 31.65 -3.09
CA THR O 92 25.78 30.35 -2.65
C THR O 92 27.26 30.16 -2.99
N LYS O 93 27.64 30.41 -4.24
CA LYS O 93 29.03 30.18 -4.63
C LYS O 93 29.97 31.10 -3.84
N ILE O 94 29.62 32.37 -3.71
CA ILE O 94 30.51 33.30 -3.02
C ILE O 94 30.65 32.95 -1.55
N ALA O 95 29.53 32.69 -0.88
CA ALA O 95 29.58 32.34 0.54
C ALA O 95 30.31 31.02 0.78
N THR O 96 30.13 30.05 -0.12
CA THR O 96 30.81 28.77 0.03
C THR O 96 32.32 28.95 -0.08
N SER O 97 32.76 29.78 -1.03
CA SER O 97 34.18 30.11 -1.09
C SER O 97 34.62 30.84 0.17
N LEU O 98 33.79 31.75 0.67
CA LEU O 98 34.09 32.46 1.92
C LEU O 98 34.40 31.49 3.05
N PHE O 99 33.60 30.44 3.19
CA PHE O 99 33.73 29.54 4.33
C PHE O 99 34.43 28.22 3.98
N GLU O 100 35.06 28.15 2.81
CA GLU O 100 35.82 26.95 2.46
C GLU O 100 36.89 26.61 3.51
N SER O 101 37.60 27.63 3.99
CA SER O 101 38.78 27.42 4.82
C SER O 101 38.50 27.55 6.31
N GLY O 102 37.24 27.62 6.72
CA GLY O 102 36.87 27.59 8.11
C GLY O 102 35.97 28.75 8.49
N ILE O 103 35.64 28.81 9.78
CA ILE O 103 34.68 29.74 10.32
C ILE O 103 35.33 30.56 11.43
N ASN O 104 35.10 31.87 11.41
CA ASN O 104 35.38 32.73 12.54
C ASN O 104 34.37 33.86 12.55
N TRP O 105 34.35 34.63 13.63
CA TRP O 105 33.35 35.68 13.78
C TRP O 105 33.47 36.72 12.67
N GLY O 106 34.70 37.09 12.31
CA GLY O 106 34.89 38.05 11.23
C GLY O 106 34.25 37.60 9.94
N ARG O 107 34.39 36.32 9.60
CA ARG O 107 33.80 35.82 8.36
C ARG O 107 32.28 35.82 8.42
N VAL O 108 31.71 35.56 9.60
CA VAL O 108 30.26 35.69 9.79
C VAL O 108 29.82 37.12 9.50
N VAL O 109 30.53 38.09 10.08
CA VAL O 109 30.19 39.49 9.86
C VAL O 109 30.31 39.85 8.37
N ALA O 110 31.34 39.30 7.71
CA ALA O 110 31.50 39.51 6.28
C ALA O 110 30.32 38.95 5.50
N LEU O 111 29.85 37.77 5.90
CA LEU O 111 28.66 37.20 5.27
C LEU O 111 27.45 38.10 5.45
N LEU O 112 27.29 38.68 6.64
CA LEU O 112 26.19 39.61 6.87
C LEU O 112 26.27 40.81 5.93
N GLY O 113 27.47 41.40 5.79
CA GLY O 113 27.62 42.53 4.90
C GLY O 113 27.39 42.16 3.45
N PHE O 114 27.81 40.96 3.06
CA PHE O 114 27.58 40.46 1.70
C PHE O 114 26.09 40.36 1.42
N GLY O 115 25.34 39.76 2.35
CA GLY O 115 23.90 39.70 2.20
C GLY O 115 23.26 41.07 2.11
N TYR O 116 23.73 42.02 2.92
CA TYR O 116 23.17 43.37 2.87
C TYR O 116 23.39 44.00 1.49
N ARG O 117 24.60 43.91 0.96
CA ARG O 117 24.87 44.52 -0.34
C ARG O 117 24.07 43.83 -1.44
N LEU O 118 23.90 42.51 -1.36
CA LEU O 118 23.09 41.79 -2.35
C LEU O 118 21.64 42.28 -2.32
N ALA O 119 21.05 42.32 -1.11
CA ALA O 119 19.67 42.79 -0.98
C ALA O 119 19.50 44.20 -1.50
N LEU O 120 20.45 45.10 -1.17
CA LEU O 120 20.34 46.48 -1.62
C LEU O 120 20.44 46.57 -3.14
N HIS O 121 21.38 45.83 -3.72
CA HIS O 121 21.62 45.91 -5.17
C HIS O 121 20.44 45.36 -5.97
N VAL O 122 19.83 44.25 -5.52
CA VAL O 122 18.70 43.73 -6.29
C VAL O 122 17.55 44.74 -6.30
N TYR O 123 17.38 45.50 -5.21
CA TYR O 123 16.38 46.56 -5.23
C TYR O 123 16.78 47.68 -6.16
N GLN O 124 18.04 48.11 -6.12
CA GLN O 124 18.48 49.19 -7.01
C GLN O 124 18.33 48.82 -8.48
N HIS O 125 18.37 47.52 -8.80
CA HIS O 125 18.08 47.04 -10.16
C HIS O 125 16.58 46.84 -10.42
N GLY O 126 15.72 47.31 -9.53
CA GLY O 126 14.28 47.30 -9.79
C GLY O 126 13.54 46.05 -9.38
N LEU O 127 14.17 45.10 -8.70
CA LEU O 127 13.47 43.93 -8.18
C LEU O 127 13.04 44.23 -6.75
N THR O 128 11.74 44.33 -6.53
CA THR O 128 11.19 44.67 -5.21
C THR O 128 10.80 43.41 -4.45
N GLY O 129 10.65 43.57 -3.14
CA GLY O 129 10.17 42.49 -2.28
C GLY O 129 11.09 41.30 -2.19
N PHE O 130 12.40 41.50 -2.32
CA PHE O 130 13.36 40.42 -2.32
C PHE O 130 14.17 40.32 -1.04
N LEU O 131 14.04 41.29 -0.12
CA LEU O 131 14.84 41.28 1.09
C LEU O 131 14.56 40.04 1.94
N GLY O 132 13.31 39.59 1.97
CA GLY O 132 12.99 38.39 2.72
C GLY O 132 13.70 37.16 2.18
N GLN O 133 13.75 37.02 0.86
CA GLN O 133 14.40 35.86 0.27
C GLN O 133 15.91 35.87 0.52
N VAL O 134 16.53 37.06 0.53
CA VAL O 134 17.95 37.14 0.88
C VAL O 134 18.16 36.77 2.34
N THR O 135 17.25 37.21 3.22
CA THR O 135 17.30 36.77 4.61
C THR O 135 17.22 35.25 4.71
N ARG O 136 16.33 34.64 3.92
CA ARG O 136 16.26 33.18 3.87
C ARG O 136 17.56 32.57 3.37
N PHE O 137 18.16 33.18 2.34
CA PHE O 137 19.48 32.74 1.88
C PHE O 137 20.46 32.68 3.03
N VAL O 138 20.54 33.77 3.80
CA VAL O 138 21.54 33.85 4.88
C VAL O 138 21.25 32.80 5.95
N VAL O 139 20.00 32.72 6.39
CA VAL O 139 19.63 31.78 7.46
C VAL O 139 19.93 30.35 7.02
N ASP O 140 19.48 29.97 5.82
CA ASP O 140 19.62 28.59 5.38
C ASP O 140 21.08 28.24 5.13
N PHE O 141 21.87 29.15 4.58
CA PHE O 141 23.29 28.89 4.41
C PHE O 141 23.97 28.66 5.75
N MET O 142 23.71 29.56 6.71
CA MET O 142 24.33 29.41 8.03
C MET O 142 23.90 28.12 8.71
N LEU O 143 22.66 27.67 8.45
CA LEU O 143 22.22 26.40 9.03
C LEU O 143 22.93 25.21 8.38
N HIS O 144 22.94 25.17 7.05
CA HIS O 144 23.44 23.99 6.33
C HIS O 144 24.95 23.96 6.18
N HIS O 145 25.65 25.02 6.58
CA HIS O 145 27.11 25.06 6.49
C HIS O 145 27.77 25.10 7.86
N SER O 146 27.05 24.67 8.89
CA SER O 146 27.54 24.50 10.26
C SER O 146 27.88 25.82 10.93
N ILE O 147 27.49 26.95 10.35
CA ILE O 147 27.75 28.24 10.99
C ILE O 147 26.87 28.39 12.23
N ALA O 148 25.63 27.93 12.15
CA ALA O 148 24.74 28.00 13.30
C ALA O 148 25.23 27.12 14.44
N ARG O 149 25.71 25.92 14.11
CA ARG O 149 26.24 25.03 15.15
C ARG O 149 27.48 25.64 15.79
N TRP O 150 28.34 26.25 14.99
CA TRP O 150 29.54 26.91 15.50
C TRP O 150 29.17 28.04 16.47
N ILE O 151 28.25 28.91 16.04
CA ILE O 151 27.83 30.03 16.88
C ILE O 151 27.18 29.52 18.16
N ALA O 152 26.36 28.47 18.06
CA ALA O 152 25.75 27.87 19.25
C ALA O 152 26.80 27.33 20.21
N GLN O 153 27.83 26.67 19.67
CA GLN O 153 28.86 26.11 20.54
C GLN O 153 29.74 27.18 21.16
N ARG O 154 29.73 28.40 20.62
CA ARG O 154 30.45 29.50 21.27
C ARG O 154 29.53 30.44 22.05
N GLY O 155 28.31 30.02 22.37
CA GLY O 155 27.48 30.75 23.28
C GLY O 155 26.36 31.58 22.68
N GLY O 156 26.00 31.33 21.43
CA GLY O 156 24.93 32.08 20.79
C GLY O 156 25.42 33.31 20.06
N TRP O 157 24.46 34.01 19.45
CA TRP O 157 24.77 35.18 18.63
C TRP O 157 25.39 36.31 19.45
N VAL O 158 25.12 36.37 20.75
CA VAL O 158 25.67 37.48 21.53
C VAL O 158 27.19 37.39 21.58
N ALA O 159 27.75 36.19 21.46
CA ALA O 159 29.18 36.03 21.46
C ALA O 159 29.84 36.65 20.23
N ALA O 160 29.04 37.05 19.24
CA ALA O 160 29.57 37.83 18.14
C ALA O 160 30.26 39.10 18.61
N LEU O 161 29.91 39.59 19.81
CA LEU O 161 30.57 40.76 20.35
C LEU O 161 31.91 40.44 20.99
N ASN O 162 32.49 39.27 20.71
CA ASN O 162 33.86 38.97 21.10
C ASN O 162 34.87 39.62 20.15
N LEU O 163 34.41 40.40 19.20
CA LEU O 163 35.23 41.44 18.61
C LEU O 163 35.10 42.68 19.48
N CYS O 164 35.52 43.83 18.95
CA CYS O 164 35.37 45.12 19.63
C CYS O 164 36.09 45.19 20.98
N SER P 1 35.71 40.16 -8.46
CA SER P 1 36.96 39.83 -9.14
C SER P 1 36.71 38.81 -10.26
N SER P 2 37.77 38.12 -10.68
CA SER P 2 37.71 37.26 -11.86
C SER P 2 36.55 36.24 -11.78
N THR P 3 36.50 35.46 -10.70
CA THR P 3 35.49 34.42 -10.54
C THR P 3 34.81 34.57 -9.20
N MET P 4 33.69 33.84 -9.04
CA MET P 4 32.95 33.88 -7.79
C MET P 4 33.73 33.22 -6.65
N GLY P 5 34.49 32.17 -6.96
CA GLY P 5 35.37 31.60 -5.95
C GLY P 5 36.41 32.59 -5.44
N GLN P 6 36.99 33.36 -6.37
CA GLN P 6 37.94 34.39 -5.98
C GLN P 6 37.27 35.48 -5.14
N VAL P 7 36.01 35.82 -5.48
CA VAL P 7 35.25 36.77 -4.68
C VAL P 7 35.08 36.25 -3.26
N GLY P 8 34.75 34.96 -3.12
CA GLY P 8 34.61 34.39 -1.80
C GLY P 8 35.91 34.39 -1.01
N ARG P 9 37.03 34.08 -1.67
CA ARG P 9 38.31 34.10 -0.97
C ARG P 9 38.68 35.53 -0.54
N GLN P 10 38.34 36.52 -1.36
CA GLN P 10 38.60 37.91 -0.98
C GLN P 10 37.74 38.32 0.21
N LEU P 11 36.47 37.89 0.22
CA LEU P 11 35.63 38.11 1.39
C LEU P 11 36.21 37.41 2.61
N ALA P 12 36.83 36.25 2.42
CA ALA P 12 37.50 35.58 3.53
C ALA P 12 38.64 36.43 4.08
N ILE P 13 39.40 37.08 3.20
CA ILE P 13 40.46 37.97 3.68
C ILE P 13 39.87 39.13 4.48
N ILE P 14 38.82 39.77 3.96
CA ILE P 14 38.30 40.89 4.73
C ILE P 14 37.70 40.42 6.05
N GLY P 15 37.15 39.20 6.09
CA GLY P 15 36.62 38.67 7.33
C GLY P 15 37.72 38.38 8.34
N ASP P 16 38.85 37.84 7.87
CA ASP P 16 39.98 37.66 8.78
C ASP P 16 40.50 38.99 9.29
N ASP P 17 40.48 40.02 8.43
CA ASP P 17 40.85 41.36 8.87
C ASP P 17 39.94 41.85 9.98
N ILE P 18 38.64 41.62 9.84
CA ILE P 18 37.71 41.94 10.92
C ILE P 18 38.06 41.15 12.16
N ASN P 19 38.37 39.86 11.99
CA ASN P 19 38.60 38.98 13.12
C ASN P 19 39.84 39.37 13.91
N ARG P 20 40.79 40.08 13.28
CA ARG P 20 41.99 40.42 14.05
C ARG P 20 41.92 41.77 14.74
N ARG P 21 41.27 42.77 14.13
CA ARG P 21 41.26 44.12 14.70
C ARG P 21 39.98 44.39 15.49
N TYR P 22 39.77 45.68 15.77
CA TYR P 22 38.60 46.21 16.49
C TYR P 22 38.76 45.96 17.99
N SER Q 3 15.35 -26.95 4.74
CA SER Q 3 14.43 -26.78 3.63
C SER Q 3 14.56 -27.90 2.61
N GLU Q 4 14.67 -29.14 3.10
CA GLU Q 4 14.54 -30.30 2.22
C GLU Q 4 13.10 -30.47 1.78
N GLU Q 5 12.16 -30.34 2.71
CA GLU Q 5 10.75 -30.45 2.36
C GLU Q 5 10.32 -29.33 1.42
N GLN Q 6 10.95 -28.15 1.55
CA GLN Q 6 10.69 -27.05 0.64
C GLN Q 6 11.10 -27.41 -0.79
N VAL Q 7 12.31 -27.96 -0.95
CA VAL Q 7 12.75 -28.42 -2.26
C VAL Q 7 11.82 -29.50 -2.79
N ALA Q 8 11.37 -30.40 -1.92
CA ALA Q 8 10.49 -31.48 -2.35
C ALA Q 8 9.17 -30.94 -2.87
N GLN Q 9 8.63 -29.91 -2.21
CA GLN Q 9 7.41 -29.27 -2.71
C GLN Q 9 7.66 -28.53 -4.02
N ASP Q 10 8.78 -27.81 -4.11
CA ASP Q 10 9.13 -27.10 -5.34
C ASP Q 10 9.24 -28.05 -6.53
N THR Q 11 9.67 -29.29 -6.29
CA THR Q 11 9.88 -30.26 -7.36
C THR Q 11 8.63 -30.46 -8.22
N GLU Q 12 7.45 -30.45 -7.60
CA GLU Q 12 6.22 -30.61 -8.38
C GLU Q 12 6.10 -29.55 -9.47
N GLU Q 13 6.22 -28.28 -9.10
CA GLU Q 13 6.06 -27.21 -10.07
C GLU Q 13 7.21 -27.23 -11.07
N VAL Q 14 8.42 -27.55 -10.61
CA VAL Q 14 9.55 -27.66 -11.53
C VAL Q 14 9.27 -28.69 -12.60
N PHE Q 15 8.84 -29.89 -12.21
CA PHE Q 15 8.59 -30.95 -13.18
C PHE Q 15 7.42 -30.63 -14.09
N ARG Q 16 6.37 -30.00 -13.55
CA ARG Q 16 5.21 -29.70 -14.40
C ARG Q 16 5.55 -28.65 -15.45
N SER Q 17 6.30 -27.61 -15.06
CA SER Q 17 6.76 -26.61 -16.02
C SER Q 17 7.70 -27.24 -17.04
N TYR Q 18 8.62 -28.11 -16.59
CA TYR Q 18 9.50 -28.83 -17.50
C TYR Q 18 8.69 -29.60 -18.55
N VAL Q 19 7.69 -30.34 -18.10
CA VAL Q 19 6.86 -31.13 -19.03
C VAL Q 19 6.18 -30.21 -20.03
N PHE Q 20 5.59 -29.11 -19.54
CA PHE Q 20 4.90 -28.19 -20.43
C PHE Q 20 5.83 -27.66 -21.51
N TYR Q 21 7.00 -27.14 -21.10
CA TYR Q 21 7.87 -26.47 -22.07
C TYR Q 21 8.55 -27.46 -23.00
N ARG Q 22 8.94 -28.64 -22.50
CA ARG Q 22 9.50 -29.65 -23.38
C ARG Q 22 8.49 -30.09 -24.43
N HIS Q 23 7.24 -30.30 -24.02
CA HIS Q 23 6.22 -30.68 -24.98
C HIS Q 23 5.98 -29.55 -25.99
N GLN Q 24 5.99 -28.31 -25.51
CA GLN Q 24 5.79 -27.17 -26.41
C GLN Q 24 6.89 -27.11 -27.45
N GLN Q 25 8.15 -27.33 -27.04
CA GLN Q 25 9.25 -27.26 -28.00
C GLN Q 25 9.25 -28.44 -28.95
N GLU Q 26 8.69 -29.58 -28.53
CA GLU Q 26 8.55 -30.71 -29.45
C GLU Q 26 7.47 -30.51 -30.50
N GLN Q 27 6.60 -29.51 -30.36
CA GLN Q 27 5.61 -29.20 -31.39
C GLN Q 27 6.19 -28.26 -32.43
N ALA Q 36 0.98 -35.41 -30.31
CA ALA Q 36 0.70 -34.43 -29.26
C ALA Q 36 -0.02 -35.10 -28.09
N ASP Q 37 0.11 -34.49 -26.92
CA ASP Q 37 -0.54 -34.98 -25.70
C ASP Q 37 -1.26 -33.77 -25.09
N PRO Q 38 -2.57 -33.66 -25.27
CA PRO Q 38 -3.30 -32.49 -24.77
C PRO Q 38 -3.09 -32.21 -23.29
N GLU Q 39 -2.99 -33.26 -22.47
CA GLU Q 39 -2.83 -33.08 -21.03
C GLU Q 39 -1.62 -32.21 -20.68
N MET Q 40 -0.64 -32.13 -21.56
CA MET Q 40 0.59 -31.36 -21.31
C MET Q 40 0.53 -29.93 -21.82
N VAL Q 41 -0.66 -29.41 -22.15
CA VAL Q 41 -0.79 -28.09 -22.74
C VAL Q 41 -1.49 -27.11 -21.81
N THR Q 42 -1.92 -27.57 -20.63
CA THR Q 42 -2.62 -26.69 -19.69
C THR Q 42 -2.20 -27.03 -18.26
N LEU Q 43 -1.36 -26.16 -17.68
CA LEU Q 43 -0.84 -26.24 -16.32
C LEU Q 43 -0.57 -24.81 -15.87
N PRO Q 44 -0.16 -24.54 -14.60
CA PRO Q 44 0.22 -23.15 -14.25
C PRO Q 44 1.32 -22.57 -15.14
N THR Q 50 9.38 -18.51 -10.02
CA THR Q 50 10.79 -18.91 -9.99
C THR Q 50 10.98 -20.36 -10.43
N MET Q 51 10.12 -21.25 -9.93
CA MET Q 51 10.27 -22.67 -10.25
C MET Q 51 9.83 -22.97 -11.67
N GLY Q 52 8.80 -22.27 -12.16
CA GLY Q 52 8.45 -22.38 -13.57
C GLY Q 52 9.60 -22.02 -14.49
N GLN Q 53 10.31 -20.93 -14.16
CA GLN Q 53 11.44 -20.52 -14.98
C GLN Q 53 12.53 -21.58 -14.99
N VAL Q 54 12.81 -22.18 -13.81
CA VAL Q 54 13.80 -23.24 -13.71
C VAL Q 54 13.39 -24.42 -14.56
N GLY Q 55 12.12 -24.81 -14.48
CA GLY Q 55 11.61 -25.88 -15.32
C GLY Q 55 11.78 -25.60 -16.81
N ARG Q 56 11.53 -24.34 -17.22
CA ARG Q 56 11.66 -24.00 -18.63
C ARG Q 56 13.11 -24.10 -19.11
N GLN Q 57 14.04 -23.57 -18.31
CA GLN Q 57 15.47 -23.66 -18.65
C GLN Q 57 15.89 -25.13 -18.77
N LEU Q 58 15.55 -25.93 -17.77
CA LEU Q 58 15.87 -27.35 -17.79
C LEU Q 58 15.22 -28.05 -18.97
N ALA Q 59 14.02 -27.60 -19.37
CA ALA Q 59 13.35 -28.18 -20.54
C ALA Q 59 14.12 -27.89 -21.82
N ILE Q 60 14.70 -26.69 -21.93
CA ILE Q 60 15.56 -26.40 -23.09
C ILE Q 60 16.71 -27.40 -23.16
N ILE Q 61 17.47 -27.51 -22.07
CA ILE Q 61 18.63 -28.40 -22.11
C ILE Q 61 18.18 -29.86 -22.30
N GLY Q 62 17.02 -30.23 -21.74
CA GLY Q 62 16.53 -31.58 -21.87
C GLY Q 62 16.11 -31.93 -23.28
N ASP Q 63 15.54 -30.96 -24.01
CA ASP Q 63 15.21 -31.19 -25.41
C ASP Q 63 16.48 -31.39 -26.23
N ASP Q 64 17.51 -30.60 -25.95
CA ASP Q 64 18.80 -30.85 -26.60
C ASP Q 64 19.24 -32.29 -26.37
N ILE Q 65 19.21 -32.74 -25.11
CA ILE Q 65 19.64 -34.10 -24.80
C ILE Q 65 18.75 -35.12 -25.50
N ASN Q 66 17.44 -34.90 -25.49
CA ASN Q 66 16.51 -35.87 -26.09
C ASN Q 66 16.75 -36.02 -27.58
N ARG Q 67 17.13 -34.94 -28.28
CA ARG Q 67 17.50 -35.11 -29.67
C ARG Q 67 18.85 -35.78 -29.83
N ARG Q 68 19.79 -35.57 -28.91
CA ARG Q 68 21.07 -36.25 -29.07
C ARG Q 68 21.04 -37.73 -28.67
N TYR Q 69 20.09 -38.13 -27.82
CA TYR Q 69 20.01 -39.51 -27.34
C TYR Q 69 18.63 -40.11 -27.59
N ASP Q 70 18.09 -39.88 -28.80
CA ASP Q 70 16.73 -40.33 -29.10
C ASP Q 70 16.60 -41.84 -29.00
N SER Q 71 17.57 -42.57 -29.58
CA SER Q 71 17.46 -44.03 -29.65
C SER Q 71 17.52 -44.66 -28.27
N GLU Q 72 18.36 -44.13 -27.38
CA GLU Q 72 18.42 -44.66 -26.02
C GLU Q 72 17.08 -44.51 -25.31
N PHE Q 73 16.50 -43.31 -25.39
CA PHE Q 73 15.23 -43.03 -24.71
C PHE Q 73 14.09 -43.84 -25.31
N GLN Q 74 14.18 -44.18 -26.60
CA GLN Q 74 13.16 -45.03 -27.20
C GLN Q 74 13.33 -46.49 -26.79
N THR Q 75 14.57 -46.99 -26.84
CA THR Q 75 14.85 -48.35 -26.37
C THR Q 75 14.35 -48.54 -24.95
N MET Q 76 14.59 -47.55 -24.09
CA MET Q 76 14.11 -47.56 -22.70
C MET Q 76 12.71 -48.13 -22.53
N LEU Q 77 11.76 -47.65 -23.33
CA LEU Q 77 10.33 -47.91 -23.14
C LEU Q 77 9.91 -49.35 -23.47
N GLN Q 78 10.83 -50.21 -23.92
CA GLN Q 78 10.47 -51.61 -24.16
C GLN Q 78 10.01 -52.33 -22.89
N HIS Q 79 10.46 -51.86 -21.72
CA HIS Q 79 10.06 -52.47 -20.47
C HIS Q 79 8.75 -51.92 -19.92
N LEU Q 80 8.21 -50.87 -20.52
CA LEU Q 80 6.93 -50.29 -20.12
C LEU Q 80 5.80 -51.05 -20.81
N GLN Q 81 5.09 -51.89 -20.06
CA GLN Q 81 4.03 -52.71 -20.63
C GLN Q 81 2.96 -51.82 -21.27
N PRO Q 82 2.31 -52.29 -22.34
CA PRO Q 82 1.40 -51.41 -23.10
C PRO Q 82 0.16 -51.00 -22.35
N THR Q 83 -0.18 -51.67 -21.25
CA THR Q 83 -1.28 -51.21 -20.41
C THR Q 83 -0.84 -50.19 -19.39
N ALA Q 84 0.46 -50.14 -19.07
CA ALA Q 84 1.07 -49.22 -18.12
C ALA Q 84 0.94 -49.75 -16.70
N GLU Q 85 0.59 -51.03 -16.58
CA GLU Q 85 0.36 -51.66 -15.28
C GLU Q 85 1.60 -51.63 -14.41
N ASN Q 86 2.78 -51.53 -15.01
CA ASN Q 86 4.05 -51.54 -14.29
C ASN Q 86 4.78 -50.20 -14.33
N ALA Q 87 4.07 -49.12 -14.68
CA ALA Q 87 4.70 -47.80 -14.73
C ALA Q 87 5.50 -47.52 -13.46
N TYR Q 88 4.94 -47.86 -12.30
CA TYR Q 88 5.62 -47.64 -11.03
CA TYR Q 88 5.66 -47.61 -11.05
C TYR Q 88 6.92 -48.44 -10.97
N GLU Q 89 6.84 -49.74 -11.26
CA GLU Q 89 8.03 -50.60 -11.21
C GLU Q 89 9.09 -50.11 -12.19
N TYR Q 90 8.67 -49.81 -13.42
CA TYR Q 90 9.59 -49.36 -14.45
C TYR Q 90 10.34 -48.11 -14.01
N PHE Q 91 9.59 -47.07 -13.65
CA PHE Q 91 10.18 -45.84 -13.14
C PHE Q 91 11.12 -46.10 -11.97
N THR Q 92 10.63 -46.80 -10.95
CA THR Q 92 11.40 -46.99 -9.74
C THR Q 92 12.73 -47.68 -10.02
N LYS Q 93 12.69 -48.80 -10.75
CA LYS Q 93 13.91 -49.55 -10.99
C LYS Q 93 14.91 -48.74 -11.81
N ILE Q 94 14.44 -48.06 -12.87
CA ILE Q 94 15.38 -47.32 -13.72
C ILE Q 94 15.99 -46.16 -12.95
N ALA Q 95 15.17 -45.37 -12.25
CA ALA Q 95 15.69 -44.23 -11.50
C ALA Q 95 16.63 -44.67 -10.37
N THR Q 96 16.31 -45.78 -9.71
CA THR Q 96 17.18 -46.27 -8.63
C THR Q 96 18.55 -46.66 -9.15
N SER Q 97 18.58 -47.34 -10.31
CA SER Q 97 19.86 -47.63 -10.93
C SER Q 97 20.56 -46.34 -11.34
N LEU Q 98 19.81 -45.37 -11.85
CA LEU Q 98 20.38 -44.08 -12.22
C LEU Q 98 21.13 -43.42 -11.07
N PHE Q 99 20.56 -43.46 -9.87
CA PHE Q 99 21.11 -42.69 -8.76
C PHE Q 99 21.88 -43.49 -7.71
N GLU Q 100 21.97 -44.82 -7.81
CA GLU Q 100 22.69 -45.53 -6.76
C GLU Q 100 24.20 -45.36 -6.82
N SER Q 101 24.74 -44.70 -7.86
CA SER Q 101 26.17 -44.41 -7.92
C SER Q 101 26.47 -42.94 -7.63
N GLY Q 102 25.47 -42.17 -7.20
CA GLY Q 102 25.65 -40.81 -6.74
C GLY Q 102 24.72 -39.85 -7.45
N ILE Q 103 24.85 -38.57 -7.07
CA ILE Q 103 23.96 -37.51 -7.55
C ILE Q 103 24.79 -36.39 -8.15
N ASN Q 104 24.36 -35.89 -9.31
CA ASN Q 104 24.83 -34.62 -9.85
C ASN Q 104 23.70 -33.98 -10.63
N TRP Q 105 23.91 -32.70 -11.00
CA TRP Q 105 22.86 -31.96 -11.70
C TRP Q 105 22.47 -32.62 -13.02
N GLY Q 106 23.46 -33.12 -13.76
CA GLY Q 106 23.16 -33.81 -15.01
C GLY Q 106 22.21 -34.98 -14.80
N ARG Q 107 22.43 -35.76 -13.75
CA ARG Q 107 21.57 -36.91 -13.49
C ARG Q 107 20.17 -36.47 -13.08
N VAL Q 108 20.05 -35.36 -12.36
CA VAL Q 108 18.74 -34.78 -12.05
C VAL Q 108 18.00 -34.43 -13.34
N VAL Q 109 18.69 -33.75 -14.25
CA VAL Q 109 18.06 -33.37 -15.53
C VAL Q 109 17.65 -34.61 -16.30
N ALA Q 110 18.49 -35.65 -16.26
CA ALA Q 110 18.16 -36.91 -16.91
C ALA Q 110 16.90 -37.53 -16.31
N LEU Q 111 16.78 -37.49 -14.99
CA LEU Q 111 15.57 -37.99 -14.33
C LEU Q 111 14.34 -37.21 -14.79
N LEU Q 112 14.48 -35.89 -14.91
CA LEU Q 112 13.34 -35.08 -15.40
C LEU Q 112 12.92 -35.51 -16.79
N GLY Q 113 13.90 -35.69 -17.69
CA GLY Q 113 13.55 -36.13 -19.05
C GLY Q 113 12.95 -37.52 -19.07
N PHE Q 114 13.44 -38.40 -18.19
CA PHE Q 114 12.88 -39.75 -18.07
C PHE Q 114 11.42 -39.71 -17.66
N GLY Q 115 11.10 -38.92 -16.63
CA GLY Q 115 9.71 -38.77 -16.22
C GLY Q 115 8.84 -38.21 -17.33
N TYR Q 116 9.36 -37.21 -18.06
CA TYR Q 116 8.59 -36.63 -19.16
C TYR Q 116 8.26 -37.69 -20.21
N ARG Q 117 9.26 -38.45 -20.65
CA ARG Q 117 9.00 -39.46 -21.68
C ARG Q 117 8.10 -40.58 -21.16
N LEU Q 118 8.19 -40.92 -19.88
CA LEU Q 118 7.29 -41.94 -19.34
C LEU Q 118 5.84 -41.48 -19.40
N ALA Q 119 5.57 -40.26 -18.92
CA ALA Q 119 4.20 -39.74 -18.99
C ALA Q 119 3.72 -39.67 -20.43
N LEU Q 120 4.57 -39.19 -21.34
CA LEU Q 120 4.14 -39.04 -22.72
C LEU Q 120 3.81 -40.39 -23.33
N HIS Q 121 4.64 -41.40 -23.07
CA HIS Q 121 4.39 -42.71 -23.65
C HIS Q 121 3.16 -43.37 -23.05
N VAL Q 122 2.95 -43.26 -21.73
CA VAL Q 122 1.75 -43.85 -21.16
C VAL Q 122 0.52 -43.19 -21.76
N TYR Q 123 0.60 -41.90 -22.09
CA TYR Q 123 -0.53 -41.31 -22.82
C TYR Q 123 -0.66 -41.90 -24.21
N GLN Q 124 0.46 -42.04 -24.93
CA GLN Q 124 0.41 -42.58 -26.28
C GLN Q 124 -0.10 -44.01 -26.31
N HIS Q 125 0.07 -44.76 -25.21
CA HIS Q 125 -0.54 -46.08 -25.09
C HIS Q 125 -1.99 -46.05 -24.63
N GLY Q 126 -2.62 -44.87 -24.60
CA GLY Q 126 -4.03 -44.76 -24.32
C GLY Q 126 -4.44 -44.66 -22.87
N LEU Q 127 -3.48 -44.54 -21.94
CA LEU Q 127 -3.80 -44.31 -20.53
C LEU Q 127 -3.82 -42.81 -20.29
N THR Q 128 -5.00 -42.26 -19.99
CA THR Q 128 -5.19 -40.84 -19.81
C THR Q 128 -5.15 -40.45 -18.33
N GLY Q 129 -4.93 -39.17 -18.09
CA GLY Q 129 -4.98 -38.62 -16.74
C GLY Q 129 -3.90 -39.16 -15.82
N PHE Q 130 -2.74 -39.52 -16.36
CA PHE Q 130 -1.68 -40.13 -15.57
C PHE Q 130 -0.52 -39.19 -15.26
N LEU Q 131 -0.51 -37.97 -15.82
CA LEU Q 131 0.62 -37.07 -15.61
C LEU Q 131 0.80 -36.73 -14.14
N GLY Q 132 -0.31 -36.62 -13.39
CA GLY Q 132 -0.19 -36.35 -11.96
C GLY Q 132 0.52 -37.46 -11.22
N GLN Q 133 0.24 -38.71 -11.58
CA GLN Q 133 0.88 -39.84 -10.91
C GLN Q 133 2.37 -39.89 -11.22
N VAL Q 134 2.76 -39.54 -12.45
CA VAL Q 134 4.18 -39.47 -12.78
C VAL Q 134 4.87 -38.33 -12.02
N THR Q 135 4.18 -37.19 -11.89
CA THR Q 135 4.70 -36.11 -11.06
C THR Q 135 4.92 -36.56 -9.63
N ARG Q 136 3.95 -37.31 -9.09
CA ARG Q 136 4.11 -37.92 -7.77
C ARG Q 136 5.32 -38.82 -7.72
N PHE Q 137 5.49 -39.67 -8.75
CA PHE Q 137 6.66 -40.53 -8.85
C PHE Q 137 7.94 -39.73 -8.68
N VAL Q 138 8.06 -38.64 -9.45
CA VAL Q 138 9.30 -37.88 -9.46
C VAL Q 138 9.53 -37.22 -8.10
N VAL Q 139 8.50 -36.57 -7.57
CA VAL Q 139 8.63 -35.87 -6.29
C VAL Q 139 9.03 -36.85 -5.18
N ASP Q 140 8.32 -37.97 -5.08
CA ASP Q 140 8.57 -38.91 -4.00
C ASP Q 140 9.92 -39.57 -4.14
N PHE Q 141 10.32 -39.92 -5.37
CA PHE Q 141 11.65 -40.49 -5.57
C PHE Q 141 12.73 -39.51 -5.14
N MET Q 142 12.63 -38.26 -5.59
CA MET Q 142 13.64 -37.27 -5.22
C MET Q 142 13.67 -37.05 -3.71
N LEU Q 143 12.52 -37.16 -3.04
CA LEU Q 143 12.50 -37.01 -1.59
C LEU Q 143 13.18 -38.19 -0.90
N HIS Q 144 12.81 -39.42 -1.27
CA HIS Q 144 13.26 -40.60 -0.56
C HIS Q 144 14.65 -41.09 -0.98
N HIS Q 145 15.25 -40.50 -2.00
CA HIS Q 145 16.58 -40.89 -2.45
C HIS Q 145 17.60 -39.79 -2.24
N SER Q 146 17.31 -38.85 -1.33
CA SER Q 146 18.21 -37.80 -0.89
C SER Q 146 18.52 -36.78 -1.98
N ILE Q 147 17.81 -36.82 -3.11
CA ILE Q 147 18.02 -35.84 -4.16
C ILE Q 147 17.56 -34.46 -3.72
N ALA Q 148 16.43 -34.41 -3.00
CA ALA Q 148 15.94 -33.14 -2.48
C ALA Q 148 16.92 -32.56 -1.46
N ARG Q 149 17.47 -33.41 -0.59
CA ARG Q 149 18.48 -32.96 0.37
C ARG Q 149 19.71 -32.42 -0.34
N TRP Q 150 20.16 -33.13 -1.38
CA TRP Q 150 21.32 -32.69 -2.15
C TRP Q 150 21.09 -31.33 -2.79
N ILE Q 151 19.94 -31.19 -3.47
CA ILE Q 151 19.61 -29.93 -4.13
C ILE Q 151 19.48 -28.79 -3.11
N ALA Q 152 18.87 -29.08 -1.96
CA ALA Q 152 18.79 -28.07 -0.91
C ALA Q 152 20.16 -27.67 -0.41
N GLN Q 153 21.07 -28.64 -0.25
CA GLN Q 153 22.40 -28.32 0.24
C GLN Q 153 23.25 -27.58 -0.79
N ARG Q 154 22.85 -27.60 -2.06
CA ARG Q 154 23.50 -26.77 -3.08
C ARG Q 154 22.69 -25.53 -3.44
N GLY Q 155 21.73 -25.14 -2.60
CA GLY Q 155 21.06 -23.87 -2.72
C GLY Q 155 19.66 -23.89 -3.28
N GLY Q 156 19.02 -25.06 -3.33
CA GLY Q 156 17.66 -25.15 -3.84
C GLY Q 156 17.63 -25.34 -5.33
N TRP Q 157 16.39 -25.46 -5.83
CA TRP Q 157 16.20 -25.66 -7.27
C TRP Q 157 16.71 -24.47 -8.07
N VAL Q 158 16.76 -23.28 -7.46
CA VAL Q 158 17.18 -22.08 -8.17
C VAL Q 158 18.62 -22.19 -8.63
N ALA Q 159 19.42 -23.00 -7.94
CA ALA Q 159 20.82 -23.18 -8.34
C ALA Q 159 20.96 -23.89 -9.68
N ALA Q 160 19.88 -24.50 -10.18
CA ALA Q 160 19.98 -25.21 -11.45
C ALA Q 160 20.15 -24.29 -12.64
N LEU Q 161 19.99 -22.99 -12.46
CA LEU Q 161 20.07 -22.03 -13.56
C LEU Q 161 21.53 -21.80 -13.93
N ASN Q 162 22.04 -22.68 -14.79
CA ASN Q 162 23.39 -22.55 -15.33
C ASN Q 162 23.40 -22.97 -16.79
N MET R 4 16.22 -53.51 -16.56
CA MET R 4 15.83 -52.16 -16.16
C MET R 4 16.92 -51.50 -15.31
N GLY R 5 17.68 -52.31 -14.59
CA GLY R 5 18.87 -51.79 -13.92
C GLY R 5 19.93 -51.36 -14.92
N GLN R 6 20.17 -52.19 -15.93
CA GLN R 6 21.07 -51.83 -17.02
C GLN R 6 20.65 -50.51 -17.65
N VAL R 7 19.34 -50.30 -17.81
CA VAL R 7 18.84 -49.07 -18.39
C VAL R 7 19.15 -47.88 -17.50
N GLY R 8 18.98 -48.04 -16.19
CA GLY R 8 19.30 -46.97 -15.27
C GLY R 8 20.78 -46.61 -15.28
N ARG R 9 21.65 -47.61 -15.41
CA ARG R 9 23.08 -47.30 -15.45
C ARG R 9 23.47 -46.62 -16.76
N GLN R 10 22.83 -47.01 -17.88
CA GLN R 10 23.05 -46.29 -19.13
C GLN R 10 22.58 -44.84 -19.04
N LEU R 11 21.41 -44.62 -18.41
CA LEU R 11 20.96 -43.26 -18.14
C LEU R 11 21.93 -42.51 -17.25
N ALA R 12 22.59 -43.21 -16.31
CA ALA R 12 23.60 -42.57 -15.48
C ALA R 12 24.79 -42.11 -16.33
N ILE R 13 25.18 -42.93 -17.31
CA ILE R 13 26.24 -42.51 -18.24
C ILE R 13 25.83 -41.23 -18.97
N ILE R 14 24.62 -41.23 -19.53
CA ILE R 14 24.16 -40.03 -20.25
C ILE R 14 24.11 -38.82 -19.33
N GLY R 15 23.67 -39.04 -18.09
CA GLY R 15 23.57 -37.93 -17.14
C GLY R 15 24.92 -37.38 -16.74
N ASP R 16 25.92 -38.25 -16.63
CA ASP R 16 27.26 -37.75 -16.35
C ASP R 16 27.81 -36.94 -17.52
N ASP R 17 27.47 -37.35 -18.75
CA ASP R 17 27.84 -36.53 -19.90
C ASP R 17 27.21 -35.14 -19.81
N ILE R 18 25.91 -35.10 -19.52
CA ILE R 18 25.21 -33.83 -19.36
C ILE R 18 25.84 -33.00 -18.25
N ASN R 19 26.16 -33.63 -17.13
CA ASN R 19 26.78 -32.92 -16.01
C ASN R 19 28.14 -32.36 -16.39
N ARG R 20 28.87 -33.05 -17.28
CA ARG R 20 30.16 -32.50 -17.71
C ARG R 20 29.99 -31.37 -18.73
N ARG R 21 28.85 -31.31 -19.43
CA ARG R 21 28.74 -30.26 -20.46
C ARG R 21 27.95 -29.04 -20.02
N TYR R 22 27.33 -29.05 -18.84
CA TYR R 22 26.59 -27.86 -18.38
C TYR R 22 26.99 -27.50 -16.96
N GLU S 4 -23.88 -28.88 3.64
CA GLU S 4 -24.21 -29.74 4.77
C GLU S 4 -23.01 -30.56 5.22
N GLU S 5 -22.31 -31.15 4.24
CA GLU S 5 -21.13 -31.95 4.56
C GLU S 5 -20.02 -31.08 5.16
N GLN S 6 -19.94 -29.82 4.73
CA GLN S 6 -18.97 -28.89 5.30
C GLN S 6 -19.25 -28.65 6.78
N VAL S 7 -20.52 -28.40 7.12
CA VAL S 7 -20.91 -28.24 8.51
C VAL S 7 -20.60 -29.50 9.31
N ALA S 8 -20.84 -30.67 8.71
CA ALA S 8 -20.60 -31.93 9.40
C ALA S 8 -19.13 -32.10 9.74
N GLN S 9 -18.24 -31.74 8.81
CA GLN S 9 -16.82 -31.81 9.12
C GLN S 9 -16.40 -30.75 10.14
N ASP S 10 -16.95 -29.54 10.03
CA ASP S 10 -16.66 -28.49 11.02
C ASP S 10 -17.05 -28.90 12.43
N THR S 11 -18.10 -29.73 12.55
CA THR S 11 -18.62 -30.12 13.86
C THR S 11 -17.53 -30.76 14.74
N GLU S 12 -16.64 -31.56 14.15
CA GLU S 12 -15.58 -32.17 14.94
C GLU S 12 -14.76 -31.11 15.68
N GLU S 13 -14.26 -30.11 14.94
CA GLU S 13 -13.42 -29.09 15.55
C GLU S 13 -14.21 -28.26 16.55
N VAL S 14 -15.48 -27.98 16.22
CA VAL S 14 -16.33 -27.23 17.14
C VAL S 14 -16.44 -27.97 18.48
N PHE S 15 -16.77 -29.26 18.43
CA PHE S 15 -16.97 -30.02 19.65
C PHE S 15 -15.68 -30.20 20.43
N ARG S 16 -14.55 -30.41 19.74
CA ARG S 16 -13.29 -30.60 20.44
C ARG S 16 -12.88 -29.31 21.17
N SER S 17 -13.03 -28.16 20.50
CA SER S 17 -12.74 -26.89 21.16
C SER S 17 -13.69 -26.65 22.32
N TYR S 18 -14.97 -26.94 22.14
CA TYR S 18 -15.95 -26.83 23.23
C TYR S 18 -15.51 -27.63 24.45
N VAL S 19 -15.13 -28.90 24.23
CA VAL S 19 -14.71 -29.76 25.34
C VAL S 19 -13.50 -29.16 26.04
N PHE S 20 -12.51 -28.73 25.25
CA PHE S 20 -11.29 -28.17 25.83
C PHE S 20 -11.60 -26.98 26.73
N TYR S 21 -12.36 -26.02 26.20
CA TYR S 21 -12.56 -24.77 26.96
C TYR S 21 -13.49 -24.98 28.14
N ARG S 22 -14.52 -25.81 27.99
CA ARG S 22 -15.40 -26.11 29.11
C ARG S 22 -14.62 -26.77 30.25
N HIS S 23 -13.75 -27.72 29.92
CA HIS S 23 -12.95 -28.36 30.96
C HIS S 23 -11.99 -27.36 31.59
N GLN S 24 -11.38 -26.49 30.77
CA GLN S 24 -10.44 -25.51 31.30
C GLN S 24 -11.11 -24.60 32.31
N GLN S 25 -12.28 -24.07 31.98
CA GLN S 25 -12.93 -23.18 32.94
C GLN S 25 -13.55 -23.95 34.10
N GLU S 26 -13.85 -25.24 33.94
CA GLU S 26 -14.22 -26.02 35.10
C GLU S 26 -13.04 -26.32 36.02
N GLN S 27 -11.81 -26.14 35.53
CA GLN S 27 -10.64 -26.31 36.40
C GLN S 27 -10.36 -25.11 37.31
N GLU S 28 -11.31 -24.19 37.49
CA GLU S 28 -11.26 -23.20 38.56
C GLU S 28 -12.51 -23.35 39.40
N ALA S 29 -12.33 -23.69 40.67
CA ALA S 29 -13.45 -23.96 41.57
C ALA S 29 -14.27 -22.70 41.84
N ASP S 37 -9.69 -35.20 33.99
CA ASP S 37 -9.37 -35.82 32.71
C ASP S 37 -8.28 -35.04 31.98
N PRO S 38 -7.18 -35.73 31.64
CA PRO S 38 -6.11 -35.07 30.89
C PRO S 38 -6.36 -35.07 29.38
N GLU S 39 -7.13 -36.06 28.91
CA GLU S 39 -7.41 -36.16 27.48
C GLU S 39 -8.19 -34.96 26.94
N MET S 40 -8.78 -34.15 27.82
CA MET S 40 -9.54 -32.98 27.41
C MET S 40 -8.63 -31.77 27.24
N PRO S 47 -6.17 -22.41 18.21
CA PRO S 47 -7.31 -21.83 18.91
C PRO S 47 -7.87 -20.61 18.18
N SER S 48 -7.11 -20.09 17.21
CA SER S 48 -7.46 -18.86 16.53
C SER S 48 -8.40 -19.07 15.34
N SER S 49 -8.73 -20.32 15.00
CA SER S 49 -9.60 -20.58 13.87
C SER S 49 -11.03 -20.18 14.19
N THR S 50 -11.88 -20.16 13.15
CA THR S 50 -13.28 -19.78 13.32
C THR S 50 -14.03 -20.78 14.17
N MET S 51 -13.83 -22.08 13.91
CA MET S 51 -14.60 -23.10 14.60
C MET S 51 -14.13 -23.25 16.05
N GLY S 52 -12.82 -23.14 16.29
CA GLY S 52 -12.33 -23.10 17.66
C GLY S 52 -12.94 -21.98 18.48
N GLN S 53 -13.01 -20.78 17.89
CA GLN S 53 -13.60 -19.63 18.58
C GLN S 53 -15.08 -19.87 18.87
N VAL S 54 -15.80 -20.46 17.91
CA VAL S 54 -17.21 -20.77 18.11
C VAL S 54 -17.37 -21.75 19.28
N GLY S 55 -16.53 -22.79 19.29
CA GLY S 55 -16.54 -23.74 20.40
C GLY S 55 -16.27 -23.08 21.74
N ARG S 56 -15.33 -22.13 21.78
CA ARG S 56 -15.00 -21.45 23.03
C ARG S 56 -16.19 -20.67 23.57
N GLN S 57 -16.85 -19.89 22.69
CA GLN S 57 -18.04 -19.14 23.09
C GLN S 57 -19.12 -20.06 23.62
N LEU S 58 -19.41 -21.13 22.86
CA LEU S 58 -20.43 -22.09 23.28
C LEU S 58 -20.05 -22.75 24.60
N ALA S 59 -18.76 -22.97 24.84
CA ALA S 59 -18.33 -23.54 26.12
C ALA S 59 -18.60 -22.60 27.27
N ILE S 60 -18.46 -21.29 27.05
CA ILE S 60 -18.86 -20.33 28.09
C ILE S 60 -20.33 -20.53 28.44
N ILE S 61 -21.21 -20.51 27.43
CA ILE S 61 -22.63 -20.63 27.75
C ILE S 61 -22.96 -22.00 28.37
N GLY S 62 -22.24 -23.05 27.96
CA GLY S 62 -22.47 -24.36 28.52
C GLY S 62 -22.04 -24.47 29.97
N ASP S 63 -20.94 -23.79 30.33
CA ASP S 63 -20.56 -23.70 31.73
C ASP S 63 -21.68 -23.06 32.55
N ASP S 64 -22.25 -21.97 32.03
CA ASP S 64 -23.41 -21.36 32.70
C ASP S 64 -24.53 -22.39 32.89
N ILE S 65 -24.83 -23.14 31.84
CA ILE S 65 -25.96 -24.08 31.89
C ILE S 65 -25.73 -25.15 32.94
N ASN S 66 -24.58 -25.83 32.87
CA ASN S 66 -24.30 -26.87 33.87
C ASN S 66 -24.24 -26.30 35.28
N ARG S 67 -23.85 -25.03 35.42
CA ARG S 67 -23.93 -24.39 36.71
C ARG S 67 -25.38 -24.30 37.17
N ARG S 68 -26.31 -24.09 36.24
CA ARG S 68 -27.72 -23.96 36.63
C ARG S 68 -28.48 -25.28 36.66
N TYR S 69 -28.04 -26.31 35.93
CA TYR S 69 -28.75 -27.59 35.85
C TYR S 69 -27.86 -28.76 36.23
N ASP S 70 -27.10 -28.62 37.33
CA ASP S 70 -26.15 -29.66 37.71
C ASP S 70 -26.86 -30.98 38.04
N SER S 71 -27.97 -30.90 38.79
CA SER S 71 -28.64 -32.10 39.25
C SER S 71 -29.27 -32.87 38.10
N GLU S 72 -29.84 -32.17 37.12
CA GLU S 72 -30.41 -32.84 35.96
C GLU S 72 -29.33 -33.62 35.21
N PHE S 73 -28.19 -32.95 34.95
CA PHE S 73 -27.10 -33.57 34.21
C PHE S 73 -26.49 -34.73 34.98
N GLN S 74 -26.58 -34.69 36.31
CA GLN S 74 -26.11 -35.81 37.13
C GLN S 74 -27.09 -36.98 37.07
N THR S 75 -28.38 -36.69 37.22
CA THR S 75 -29.41 -37.72 37.11
C THR S 75 -29.32 -38.46 35.78
N MET S 76 -29.14 -37.72 34.68
CA MET S 76 -28.98 -38.30 33.34
C MET S 76 -28.13 -39.57 33.32
N LEU S 77 -26.96 -39.50 33.94
CA LEU S 77 -25.92 -40.53 33.83
C LEU S 77 -26.26 -41.85 34.50
N GLN S 78 -27.42 -41.97 35.17
CA GLN S 78 -27.79 -43.26 35.76
C GLN S 78 -27.96 -44.35 34.71
N HIS S 79 -28.27 -43.99 33.47
CA HIS S 79 -28.46 -44.97 32.40
C HIS S 79 -27.16 -45.32 31.69
N LEU S 80 -26.06 -44.62 31.97
CA LEU S 80 -24.75 -44.91 31.38
C LEU S 80 -24.05 -45.99 32.17
N GLN S 81 -23.86 -47.17 31.56
CA GLN S 81 -23.21 -48.26 32.25
C GLN S 81 -21.79 -47.85 32.67
N PRO S 82 -21.34 -48.31 33.80
CA PRO S 82 -20.06 -47.95 34.34
C PRO S 82 -18.97 -48.39 33.45
N THR S 83 -19.21 -49.55 32.87
CA THR S 83 -18.27 -50.13 31.92
C THR S 83 -18.49 -49.52 30.53
N ALA S 84 -19.51 -48.67 30.43
CA ALA S 84 -19.92 -47.98 29.23
C ALA S 84 -20.22 -48.99 28.14
N GLU S 85 -19.68 -48.73 26.96
CA GLU S 85 -19.85 -49.60 25.80
C GLU S 85 -21.33 -49.80 25.54
N ASN S 86 -22.12 -48.78 25.87
CA ASN S 86 -23.48 -48.85 25.61
C ASN S 86 -23.54 -47.36 25.32
N ALA S 87 -22.41 -46.68 25.34
CA ALA S 87 -22.40 -45.24 25.11
C ALA S 87 -23.19 -44.86 23.88
N TYR S 88 -23.09 -45.65 22.81
CA TYR S 88 -23.83 -45.34 21.60
C TYR S 88 -25.33 -45.38 21.84
N GLU S 89 -25.82 -46.43 22.51
CA GLU S 89 -27.26 -46.54 22.74
C GLU S 89 -27.77 -45.41 23.61
N TYR S 90 -27.07 -45.14 24.71
CA TYR S 90 -27.45 -44.08 25.64
C TYR S 90 -27.48 -42.73 24.92
N PHE S 91 -26.37 -42.37 24.29
CA PHE S 91 -26.29 -41.13 23.52
C PHE S 91 -27.39 -41.02 22.48
N THR S 92 -27.54 -42.05 21.64
CA THR S 92 -28.48 -42.01 20.54
C THR S 92 -29.90 -41.79 21.03
N LYS S 93 -30.33 -42.59 22.02
CA LYS S 93 -31.71 -42.47 22.51
C LYS S 93 -31.95 -41.10 23.11
N ILE S 94 -31.01 -40.60 23.92
CA ILE S 94 -31.22 -39.32 24.58
C ILE S 94 -31.25 -38.18 23.57
N ALA S 95 -30.30 -38.15 22.64
CA ALA S 95 -30.28 -37.10 21.62
C ALA S 95 -31.51 -37.16 20.72
N THR S 96 -31.97 -38.37 20.39
CA THR S 96 -33.17 -38.50 19.56
C THR S 96 -34.38 -37.93 20.27
N SER S 97 -34.50 -38.21 21.56
CA SER S 97 -35.58 -37.58 22.34
C SER S 97 -35.40 -36.07 22.38
N LEU S 98 -34.15 -35.61 22.53
CA LEU S 98 -33.86 -34.18 22.52
C LEU S 98 -34.40 -33.50 21.27
N PHE S 99 -34.23 -34.12 20.10
CA PHE S 99 -34.57 -33.47 18.85
C PHE S 99 -35.86 -34.00 18.23
N GLU S 100 -36.63 -34.82 18.94
CA GLU S 100 -37.91 -35.29 18.39
C GLU S 100 -38.86 -34.14 18.12
N SER S 101 -38.80 -33.06 18.90
CA SER S 101 -39.76 -31.96 18.79
C SER S 101 -39.20 -30.77 18.01
N GLY S 102 -38.05 -30.91 17.38
CA GLY S 102 -37.53 -29.90 16.48
C GLY S 102 -36.10 -29.50 16.84
N ILE S 103 -35.59 -28.54 16.09
CA ILE S 103 -34.20 -28.11 16.18
C ILE S 103 -34.16 -26.61 16.42
N ASN S 104 -33.33 -26.18 17.36
CA ASN S 104 -32.95 -24.78 17.49
C ASN S 104 -31.53 -24.71 18.04
N TRP S 105 -30.96 -23.50 18.04
CA TRP S 105 -29.58 -23.33 18.45
C TRP S 105 -29.36 -23.76 19.90
N GLY S 106 -30.31 -23.43 20.77
CA GLY S 106 -30.21 -23.85 22.16
C GLY S 106 -30.08 -25.36 22.30
N ARG S 107 -30.87 -26.11 21.52
CA ARG S 107 -30.82 -27.57 21.59
C ARG S 107 -29.50 -28.10 21.03
N VAL S 108 -28.94 -27.45 20.02
CA VAL S 108 -27.60 -27.80 19.53
C VAL S 108 -26.57 -27.65 20.64
N VAL S 109 -26.60 -26.51 21.33
CA VAL S 109 -25.65 -26.28 22.42
C VAL S 109 -25.87 -27.31 23.53
N ALA S 110 -27.13 -27.66 23.79
CA ALA S 110 -27.43 -28.69 24.78
C ALA S 110 -26.84 -30.03 24.39
N LEU S 111 -26.93 -30.37 23.10
CA LEU S 111 -26.31 -31.60 22.61
C LEU S 111 -24.80 -31.58 22.82
N LEU S 112 -24.17 -30.42 22.58
CA LEU S 112 -22.73 -30.30 22.82
C LEU S 112 -22.40 -30.55 24.29
N GLY S 113 -23.17 -29.94 25.19
CA GLY S 113 -22.92 -30.15 26.62
C GLY S 113 -23.18 -31.58 27.05
N PHE S 114 -24.18 -32.21 26.44
CA PHE S 114 -24.46 -33.62 26.71
C PHE S 114 -23.28 -34.49 26.32
N GLY S 115 -22.75 -34.28 25.11
CA GLY S 115 -21.55 -34.99 24.70
C GLY S 115 -20.37 -34.76 25.63
N TYR S 116 -20.18 -33.51 26.06
CA TYR S 116 -19.09 -33.22 26.98
C TYR S 116 -19.23 -34.00 28.27
N ARG S 117 -20.43 -34.00 28.87
CA ARG S 117 -20.62 -34.72 30.13
C ARG S 117 -20.47 -36.22 29.95
N LEU S 118 -20.93 -36.76 28.82
CA LEU S 118 -20.74 -38.19 28.56
C LEU S 118 -19.25 -38.54 28.49
N ALA S 119 -18.49 -37.78 27.69
CA ALA S 119 -17.06 -38.03 27.57
C ALA S 119 -16.35 -37.91 28.91
N LEU S 120 -16.72 -36.90 29.71
CA LEU S 120 -16.07 -36.72 31.00
C LEU S 120 -16.39 -37.87 31.95
N HIS S 121 -17.66 -38.28 32.01
CA HIS S 121 -18.05 -39.32 32.95
C HIS S 121 -17.44 -40.68 32.59
N VAL S 122 -17.38 -41.02 31.29
CA VAL S 122 -16.78 -42.31 30.94
C VAL S 122 -15.32 -42.36 31.38
N TYR S 123 -14.63 -41.22 31.34
CA TYR S 123 -13.27 -41.18 31.89
C TYR S 123 -13.29 -41.32 33.40
N GLN S 124 -14.21 -40.61 34.07
CA GLN S 124 -14.28 -40.69 35.54
C GLN S 124 -14.57 -42.12 35.99
N HIS S 125 -15.22 -42.92 35.15
CA HIS S 125 -15.41 -44.34 35.42
C HIS S 125 -14.23 -45.20 34.97
N GLY S 126 -13.10 -44.58 34.60
CA GLY S 126 -11.87 -45.31 34.31
C GLY S 126 -11.70 -45.79 32.88
N LEU S 127 -12.59 -45.42 31.96
CA LEU S 127 -12.43 -45.74 30.54
C LEU S 127 -11.68 -44.61 29.86
N THR S 128 -10.46 -44.88 29.41
CA THR S 128 -9.61 -43.87 28.79
C THR S 128 -9.70 -43.93 27.28
N GLY S 129 -9.28 -42.83 26.63
CA GLY S 129 -9.20 -42.78 25.19
C GLY S 129 -10.53 -42.87 24.47
N PHE S 130 -11.60 -42.39 25.08
CA PHE S 130 -12.93 -42.49 24.49
C PHE S 130 -13.46 -41.18 23.92
N LEU S 131 -12.73 -40.08 24.10
CA LEU S 131 -13.22 -38.77 23.64
C LEU S 131 -13.44 -38.74 22.13
N GLY S 132 -12.58 -39.44 21.37
CA GLY S 132 -12.76 -39.48 19.93
C GLY S 132 -14.06 -40.14 19.53
N GLN S 133 -14.44 -41.23 20.20
CA GLN S 133 -15.67 -41.93 19.86
C GLN S 133 -16.90 -41.08 20.19
N VAL S 134 -16.85 -40.30 21.28
CA VAL S 134 -17.95 -39.39 21.59
C VAL S 134 -18.01 -38.27 20.57
N THR S 135 -16.86 -37.76 20.13
CA THR S 135 -16.85 -36.78 19.05
C THR S 135 -17.50 -37.34 17.80
N ARG S 136 -17.17 -38.59 17.45
CA ARG S 136 -17.82 -39.23 16.31
C ARG S 136 -19.31 -39.37 16.53
N PHE S 137 -19.73 -39.74 17.74
CA PHE S 137 -21.14 -39.80 18.08
C PHE S 137 -21.83 -38.49 17.71
N VAL S 138 -21.26 -37.37 18.19
CA VAL S 138 -21.89 -36.07 18.00
C VAL S 138 -21.95 -35.72 16.52
N VAL S 139 -20.82 -35.86 15.82
CA VAL S 139 -20.77 -35.51 14.40
C VAL S 139 -21.79 -36.33 13.61
N ASP S 140 -21.78 -37.65 13.81
CA ASP S 140 -22.64 -38.53 13.01
C ASP S 140 -24.12 -38.30 13.33
N PHE S 141 -24.46 -38.09 14.61
CA PHE S 141 -25.85 -37.78 14.94
C PHE S 141 -26.30 -36.50 14.26
N MET S 142 -25.49 -35.44 14.38
CA MET S 142 -25.87 -34.18 13.75
C MET S 142 -25.99 -34.30 12.24
N LEU S 143 -25.17 -35.15 11.62
CA LEU S 143 -25.27 -35.35 10.17
C LEU S 143 -26.55 -36.08 9.80
N HIS S 144 -26.82 -37.21 10.45
CA HIS S 144 -27.92 -38.09 10.05
C HIS S 144 -29.28 -37.69 10.62
N HIS S 145 -29.33 -36.68 11.49
CA HIS S 145 -30.58 -36.20 12.06
C HIS S 145 -30.92 -34.79 11.59
N SER S 146 -30.33 -34.38 10.46
CA SER S 146 -30.63 -33.12 9.76
C SER S 146 -30.19 -31.90 10.54
N ILE S 147 -29.41 -32.07 11.61
CA ILE S 147 -28.92 -30.91 12.35
C ILE S 147 -27.89 -30.15 11.53
N ALA S 148 -27.03 -30.89 10.81
CA ALA S 148 -26.04 -30.25 9.96
C ALA S 148 -26.69 -29.47 8.83
N ARG S 149 -27.74 -30.02 8.22
CA ARG S 149 -28.45 -29.31 7.17
C ARG S 149 -29.10 -28.04 7.71
N TRP S 150 -29.68 -28.12 8.91
CA TRP S 150 -30.29 -26.96 9.55
C TRP S 150 -29.26 -25.87 9.79
N ILE S 151 -28.12 -26.23 10.38
CA ILE S 151 -27.07 -25.27 10.67
C ILE S 151 -26.52 -24.67 9.37
N ALA S 152 -26.35 -25.50 8.33
CA ALA S 152 -25.93 -24.98 7.04
C ALA S 152 -26.93 -23.99 6.48
N GLN S 153 -28.23 -24.28 6.60
CA GLN S 153 -29.25 -23.39 6.06
C GLN S 153 -29.36 -22.10 6.85
N ARG S 154 -28.83 -22.06 8.07
CA ARG S 154 -28.76 -20.80 8.82
C ARG S 154 -27.38 -20.17 8.81
N GLY S 155 -26.52 -20.59 7.88
CA GLY S 155 -25.26 -19.91 7.65
C GLY S 155 -24.03 -20.59 8.19
N GLY S 156 -24.13 -21.85 8.61
CA GLY S 156 -22.98 -22.57 9.12
C GLY S 156 -22.77 -22.40 10.60
N TRP S 157 -21.72 -23.06 11.08
CA TRP S 157 -21.35 -23.04 12.49
C TRP S 157 -20.97 -21.64 12.97
N VAL S 158 -20.64 -20.75 12.04
CA VAL S 158 -20.23 -19.39 12.40
C VAL S 158 -21.35 -18.57 13.05
N ALA S 159 -22.61 -18.87 12.77
CA ALA S 159 -23.71 -18.08 13.36
C ALA S 159 -23.89 -18.25 14.87
N SER T 2 -36.09 -42.38 35.95
CA SER T 2 -35.85 -41.81 34.63
C SER T 2 -35.66 -42.89 33.57
N THR T 3 -35.87 -42.52 32.31
CA THR T 3 -35.48 -43.33 31.17
C THR T 3 -34.78 -42.40 30.17
N MET T 4 -34.16 -43.00 29.16
CA MET T 4 -33.34 -42.21 28.23
C MET T 4 -34.19 -41.22 27.45
N GLY T 5 -35.40 -41.62 27.05
CA GLY T 5 -36.30 -40.68 26.39
C GLY T 5 -36.64 -39.50 27.28
N GLN T 6 -36.88 -39.75 28.56
CA GLN T 6 -37.18 -38.65 29.48
C GLN T 6 -35.96 -37.75 29.68
N VAL T 7 -34.76 -38.34 29.69
CA VAL T 7 -33.54 -37.55 29.76
C VAL T 7 -33.43 -36.64 28.55
N GLY T 8 -33.74 -37.17 27.36
CA GLY T 8 -33.72 -36.34 26.17
C GLY T 8 -34.74 -35.22 26.21
N ARG T 9 -35.93 -35.51 26.75
CA ARG T 9 -36.94 -34.46 26.86
C ARG T 9 -36.52 -33.37 27.86
N GLN T 10 -35.90 -33.76 28.97
CA GLN T 10 -35.37 -32.78 29.91
C GLN T 10 -34.29 -31.92 29.25
N LEU T 11 -33.40 -32.56 28.48
CA LEU T 11 -32.38 -31.80 27.75
C LEU T 11 -33.03 -30.85 26.76
N ALA T 12 -34.14 -31.25 26.15
CA ALA T 12 -34.87 -30.35 25.26
C ALA T 12 -35.40 -29.14 26.02
N ILE T 13 -35.88 -29.37 27.24
CA ILE T 13 -36.38 -28.25 28.05
C ILE T 13 -35.26 -27.24 28.30
N ILE T 14 -34.11 -27.72 28.79
CA ILE T 14 -33.04 -26.78 29.10
C ILE T 14 -32.49 -26.13 27.82
N GLY T 15 -32.51 -26.86 26.70
CA GLY T 15 -32.08 -26.26 25.45
C GLY T 15 -33.00 -25.16 24.98
N ASP T 16 -34.31 -25.33 25.16
CA ASP T 16 -35.23 -24.25 24.84
C ASP T 16 -35.01 -23.04 25.74
N ASP T 17 -34.65 -23.30 27.01
CA ASP T 17 -34.29 -22.19 27.89
C ASP T 17 -33.10 -21.42 27.32
N ILE T 18 -32.04 -22.14 26.96
CA ILE T 18 -30.87 -21.51 26.35
C ILE T 18 -31.28 -20.72 25.12
N ASN T 19 -32.09 -21.32 24.25
CA ASN T 19 -32.47 -20.68 23.00
C ASN T 19 -33.24 -19.39 23.25
N ARG T 20 -34.05 -19.35 24.31
CA ARG T 20 -34.73 -18.09 24.62
C ARG T 20 -33.82 -17.09 25.31
N ARG T 21 -32.69 -17.51 25.89
CA ARG T 21 -31.84 -16.53 26.56
C ARG T 21 -30.71 -16.02 25.67
N TYR T 22 -30.37 -16.74 24.61
CA TYR T 22 -29.41 -16.23 23.63
C TYR T 22 -29.93 -16.42 22.21
#